data_7PKN
#
_entry.id   7PKN
#
_cell.length_a   1.00
_cell.length_b   1.00
_cell.length_c   1.00
_cell.angle_alpha   90.00
_cell.angle_beta   90.00
_cell.angle_gamma   90.00
#
_symmetry.space_group_name_H-M   'P 1'
#
loop_
_entity.id
_entity.type
_entity.pdbx_description
1 polymer 'Centromere protein H'
2 polymer 'Centromere protein I'
3 polymer 'Centromere protein K'
4 polymer 'Centromere protein L'
5 polymer 'Centromere protein M'
6 polymer 'Centromere protein N'
7 polymer 'Centromere protein O'
8 polymer 'Centromere protein P'
9 polymer 'Centromere protein Q'
10 polymer 'Centromere protein U'
11 polymer 'Centromere protein R'
12 water water
#
loop_
_entity_poly.entity_id
_entity_poly.type
_entity_poly.pdbx_seq_one_letter_code
_entity_poly.pdbx_strand_id
1 'polypeptide(L)'
;MEEQPQMQDADEPADSGGEGRAGGPPQVAGAQAACSEDRMTLLLRLRAQTKQQLLEYKSMVDASEEKTPEQIMQEKQIEA
KIEDLENEIEEVKVAFEIKKLALDRMRLSTALKKNLEKISRQSSVLMDNMKHLLELNKLIMKSQQESWDLEEKLLDIRKK
RLQLKQASESKLLEIQTEKNKQKIDLDSMENSERIKIIRQNLQMEIKITTVIQHVFQNLILGSKVNWAEDPALKEIVLQL
EKNVDMM
;
H
2 'polypeptide(L)'
;MSPQKRVKNVQAQNRTSQGSSSFQTTLSAWKVKQDPSNSKNISKHGQNNPVGDYEHADDQAEEDALQMAVGYFEKGPIKA
SQNKDKTLEKHLKTVENVAWKNGLASEEIDILLNIALSGKFGNAVNTRILKCMIPATVISEDSVVKAVSWLCVGKCSGST
KVLFYRWLVAMFDFIDRKEQINLLYGFFFASLQDDALCPYVCHLLYLLTKKENVKPFRVRKLLDLQAKMGMQPHLQALLS
LYKFFAPALISVSLPVRKKIYFKNSENLWKTALLAVKQRNRGPSPEPLKLMLGPANVRPLKRKWNSLSVIPVLNSSSYTK
ECGKKEMSLSDCLNRSGSFPLEQLQSFPQLLQNIHCLELPSQMGSVLNNSLLLHYINCVRDEPVLLRFYYWLSQTLQEEC
IWYKVNNYEHGKEFTNFLDTIIRAECFLQEGFYSCEAFLYKSLPLWDGLCCRSQFLQLVSWIPFSSFSEVKPLLFDHLAQ
LFFTSTIYFKCSVLQSLKELLQNWLLWLSMDIHMKPVTNSPLETTLGGSMNSVSKLIHYVGWLSTTAMRLESNNTFLLHF
ILDFYEKVCDIYINYNLPLVVLFPPGIFYSALLSLDTSILNQLCFIMHRYRKNLTAAKKNELVQKTKSEFNFSSKTYQEF
NHYLTSMVGCLWTSKPFGKGIYIDPEILEKTGVAEYKNSLNVVHHPSFLSYAVSFLLQESPEERTVNVSSIRGKKWSWYL
DYLFSQGLQGLKLFIRSSVHHSSIPRAEGINCNNQY
;
I
3 'polypeptide(L)'
;MNQEDLDPDSTTDVGDVTNTEEELIRECEEMWKDMEECQNKLSLIGTETLTDSNAQLSLLIMQVKCLTAELSQWQKKTPE
TIPLTEDVLITLGKEEFQKLRQDLEMVLSTKESKNEKLKEDLEREQRWLDEQQQIMESLNVLHSELKNKVETFSESRIFN
ELKTKMLNIKEYKEKLLSTLGEFLEDHFPLPDRSVKKKKKNIQESSVNLITLHEMLEILINRLFDVPHDPYVKISDSFWP
PYVELLLRNGIALRHPEDPTRIRLEAFHQ
;
K
4 'polypeptide(L)'
;MDSYSAPESTPSASSRPEDYFIGATPLQKRLESVRKQSSFILTPPRRKIPQCSQLQEDVDPQKVAFLLHKQWTLYSLTPL
YKFSYSNLKEYSRLLNAFIVAEKQKGLAVEVGEDFNIKVIFSTLLGMKGTQRDPEAFLVQIVSKSQLPSENREGKVLWTG
WFCCVFGDSLLETVSEDFTCLPLFLANGAESNTAIIGTWFQKTFDCYFSPLAINAFNLSWMAAMWTACKMDHYVATTEFL
WSVPCSPQSLDISFAIHPEDAKALWDSVHKTPGEVTQEEVDLFMDCLYSHFHRHFKIHLSATRLVRVSTSVASAHTDGKI
KILCHKYLIGVLAYLTELAIFQIE
;
L
5 'polypeptide(L)'
;MSVLRPLDKLPGLNTATILLVGTEDALLQQLADSMLKEDCASELKVHLAKSLPLPSSVNRPRIDLIVFVVNLHSKYSLQN
TEESLRHVDASFFLGKVCFLATGAGRESHCSIHRHTVVKLAHTYQSPLLYCDLEVEGFRATMAQRLVRVLQICAGHVPGV
SALNLLSLLRSSEGPSLEDL
;
M
6 'polypeptide(L)'
;MDETVAEFIKRTILKIPMNELTTILKAWDFLSENQLQTVNFRQRKESVVQHLIHLCEEKRASISDAALLDIIYMQFHQHQ
KVWEVFQMSKGPGEDVDLFDMKQFKNSFKKILQRALKNVTVSFRETEENAVWIRIAWGTQYTKPNQYKPTYVVYYSQTPY
AFTSSSMLRRNTPLLGQALTIASKHHQIVKMDLRSRYLDSLKAIVFKQYNQTFETHNSTTPLQERSLGLDINMDSRIIHE
NIVEKERVQRITQETFGDYPQPQLEFAQYKLETKFKSGLNGSILAEREEPLRCLIKFSSPHLLEALKSLAPAGIADAPLS
PLLTCIPNKRMNYFKIRDK
;
N
7 'polypeptide(L)'
;MEQANPLRPDGESKGGVLAHLERLETQVSRSRKQSEELQSVQAQEGALGTKIHKLRRLRDELRAVVRHRRASVKACIANV
EPNQTVEINEQEALEEKLENVKAILQAYHFTGLSGKLTSRGVCVCISTAFEGNLLDSYFVDLVIQKPLRIHHHSVPVFIP
LEEIAAKYLQTNIQHFLFSLCEYLNAYSGRKYQADRLQSDFAALLTGPLQRNPLCNLLSFTYKLDPGGQSFPFCARLLYK
DLTATLPTDVTVTCQGVEVLSTSWEEQRASHETLFCTKPLHQVFASFTRKGEKLDMSLVS
;
O
8 'polypeptide(L)'
;MDAELAEVRALQAEIAALRRACEDPPAPWEEKSRVQKSFQAIHQFNLEGWKSSKDLKNQLGHLESELSFLSTLTGINIRN
HSKQTEDLTSTEMTEKSIRKVLQRHRLSGNCHMVTFQLEFQILEIQNKERLSSAVTDLNIIMEPTECSELSEFVSRAEER
KDLFMFFRSLHFFVEWFEYRKRTFKHLKEKYPDAVYLSEGPSSCSMGIRSASRPGFELVIVWRIQIDEDGKVFPKLDLLT
KVPQRALELDKNRAIETAPLSFRTLVGLLGIEAALESLIKSLCAEENN
;
P
9 'polypeptide(L)'
;MSGKANASKKNAQQLKRNPKRKKDNEEVVLSENKVRNTVKKNKNHLKDLSSEGQTKHTNLKHGKTAASKRKTWQPLSKST
RDHLQTMMESVIMTILSNSIKEKEEIQYHLNFLKKRLLQQCETLKVPPKKMEDLTNVSSLLNMERARDKANEEGLALLQE
EIDKMVETTELMTGNIQSLKNKIQILASEVEEEEERVKQMHQINSSGVLSLPELSQKTLKAPTLQKEILALIPNQNALLK
DLDILHNSSQMKSMSTFIEEAYKKLDAS
;
Q
10 'polypeptide(L)'
;MAPRGRRRPRPHRSEGARRSKNTLERTHSMKDKAGQKCKPIDVFDFPDNSDVSSIGRLGENEKDEETYETFDPPLHSTAI
YADEEEFSKHCGLSLSSTPPGKEAKRSSDTSGNEASEIESVKISAKKPGRKLRPISDDSESIEESDTRRKVKSAEKISTQ
RHEVIRTTASSELSEKPAESVTSKKTGPLSAQPSVEKENLAIESQSKTQKKGKISHDKRKKSRSKAIGSDTSDIVHIWCP
EGMKTSDIKELNIVLPEFEKTHLEHQQRIESKVCKAAIATFYVNVKEQFIKMLKESQMLTNLKRKNAKMISDIEKKRQRM
IEVQDELLRLEPQLKQLQTKYDELKERKSSLRNAAYFLSNLKQLYQDYSDVQAQEPNVKETYDSSSLPALLFKARTLLGA
ESHLRNINHQLEKLLDQG
;
U
11 'polypeptide(L)'
;MPVKRSLKLDGLLEENSFDPSKITRKKSVITYSPTTGTCQMSLFASPTSSEEQKHRNGLSNEKRKKLNHPSLTESKESTT
KDNDEFMMLLSKVEKLSEEIMEIMQNLSSIQALEGSRELENLIGISCASHFLKREMQKTKELMTKVNKQKLFEKSTGLPH
KASRHLDSYEFLKAILN
;
R
#
# COMPACT_ATOMS: atom_id res chain seq x y z
N CYS A 35 40.99 2.81 44.64
CA CYS A 35 40.06 3.94 44.68
C CYS A 35 40.62 5.15 43.95
N SER A 36 41.80 5.61 44.40
CA SER A 36 42.41 6.79 43.79
C SER A 36 42.93 6.51 42.39
N GLU A 37 43.18 5.24 42.05
CA GLU A 37 43.72 4.91 40.73
C GLU A 37 42.73 5.28 39.63
N ASP A 38 41.44 4.98 39.83
CA ASP A 38 40.44 5.31 38.83
C ASP A 38 40.34 6.81 38.61
N ARG A 39 40.33 7.58 39.70
CA ARG A 39 40.26 9.03 39.57
C ARG A 39 41.50 9.59 38.90
N MET A 40 42.67 9.03 39.23
CA MET A 40 43.91 9.48 38.60
C MET A 40 43.90 9.20 37.10
N THR A 41 43.44 8.01 36.71
CA THR A 41 43.34 7.69 35.29
C THR A 41 42.36 8.60 34.57
N LEU A 42 41.22 8.87 35.22
CA LEU A 42 40.24 9.79 34.61
C LEU A 42 40.83 11.18 34.46
N LEU A 43 41.56 11.65 35.47
CA LEU A 43 42.20 12.97 35.37
C LEU A 43 43.19 13.00 34.22
N LEU A 44 43.99 11.94 34.06
CA LEU A 44 44.94 11.90 32.95
C LEU A 44 44.23 11.93 31.61
N ARG A 45 43.15 11.15 31.48
CA ARG A 45 42.42 11.13 30.22
C ARG A 45 41.80 12.48 29.90
N LEU A 46 41.19 13.12 30.90
CA LEU A 46 40.59 14.44 30.69
C LEU A 46 41.65 15.47 30.32
N ARG A 47 42.81 15.43 30.98
CA ARG A 47 43.87 16.36 30.62
C ARG A 47 44.34 16.14 29.19
N ALA A 48 44.49 14.88 28.79
CA ALA A 48 44.94 14.58 27.43
C ALA A 48 43.93 15.07 26.40
N GLN A 49 42.64 14.86 26.65
CA GLN A 49 41.63 15.34 25.72
C GLN A 49 41.57 16.87 25.68
N THR A 50 41.68 17.51 26.85
CA THR A 50 41.56 18.96 26.92
C THR A 50 42.74 19.65 26.24
N LYS A 51 43.94 19.05 26.33
CA LYS A 51 45.08 19.62 25.61
C LYS A 51 44.82 19.66 24.12
N GLN A 52 44.33 18.55 23.56
CA GLN A 52 44.04 18.51 22.13
C GLN A 52 42.94 19.50 21.75
N GLN A 53 41.87 19.58 22.54
CA GLN A 53 40.79 20.51 22.22
C GLN A 53 41.25 21.96 22.29
N LEU A 54 42.04 22.31 23.31
CA LEU A 54 42.55 23.67 23.41
C LEU A 54 43.49 23.99 22.25
N LEU A 55 44.33 23.03 21.87
CA LEU A 55 45.21 23.25 20.72
C LEU A 55 44.39 23.49 19.45
N GLU A 56 43.32 22.73 19.26
CA GLU A 56 42.50 22.92 18.07
C GLU A 56 41.83 24.28 18.07
N TYR A 57 41.31 24.72 19.23
CA TYR A 57 40.73 26.07 19.32
C TYR A 57 41.77 27.14 19.02
N LYS A 58 42.98 27.00 19.56
CA LYS A 58 44.01 27.99 19.31
C LYS A 58 44.38 28.06 17.84
N SER A 59 44.49 26.89 17.19
CA SER A 59 44.80 26.86 15.77
C SER A 59 43.69 27.51 14.96
N MET A 60 42.43 27.24 15.32
CA MET A 60 41.31 27.84 14.59
C MET A 60 41.31 29.36 14.74
N VAL A 61 41.57 29.85 15.95
CA VAL A 61 41.61 31.31 16.16
C VAL A 61 42.75 31.93 15.38
N ASP A 62 43.93 31.29 15.39
CA ASP A 62 45.06 31.84 14.65
C ASP A 62 44.78 31.87 13.15
N ALA A 63 44.15 30.82 12.62
CA ALA A 63 43.81 30.79 11.21
C ALA A 63 42.68 31.75 10.85
N SER A 64 41.82 32.10 11.81
CA SER A 64 40.72 33.02 11.52
C SER A 64 41.24 34.40 11.11
N GLU A 65 42.26 34.88 11.79
CA GLU A 65 42.83 36.20 11.49
C GLU A 65 43.46 36.23 10.10
N GLU A 75 46.48 26.64 -10.21
CA GLU A 75 45.96 25.93 -9.05
C GLU A 75 46.91 24.81 -8.64
N LYS A 76 47.77 24.39 -9.56
CA LYS A 76 48.72 23.31 -9.29
C LYS A 76 49.86 23.74 -8.38
N GLN A 77 50.00 25.03 -8.10
CA GLN A 77 51.07 25.54 -7.27
C GLN A 77 50.71 25.58 -5.78
N ILE A 78 49.54 25.08 -5.42
CA ILE A 78 49.07 25.11 -4.04
C ILE A 78 49.37 23.78 -3.37
N GLU A 79 49.30 22.69 -4.14
CA GLU A 79 49.52 21.36 -3.59
C GLU A 79 50.95 21.18 -3.11
N ALA A 80 51.92 21.78 -3.80
CA ALA A 80 53.31 21.69 -3.35
C ALA A 80 53.48 22.34 -1.98
N LYS A 81 52.89 23.53 -1.80
CA LYS A 81 52.95 24.19 -0.50
C LYS A 81 52.24 23.37 0.56
N ILE A 82 51.10 22.78 0.20
CA ILE A 82 50.34 21.98 1.16
C ILE A 82 51.17 20.78 1.63
N GLU A 83 51.81 20.08 0.69
CA GLU A 83 52.57 18.89 1.08
C GLU A 83 53.84 19.27 1.82
N ASP A 84 54.46 20.40 1.48
CA ASP A 84 55.60 20.87 2.26
C ASP A 84 55.19 21.15 3.71
N LEU A 85 54.06 21.82 3.89
CA LEU A 85 53.58 22.10 5.24
C LEU A 85 53.28 20.81 5.99
N GLU A 86 52.63 19.85 5.32
CA GLU A 86 52.34 18.57 5.96
C GLU A 86 53.61 17.85 6.39
N ASN A 87 54.64 17.85 5.54
CA ASN A 87 55.90 17.23 5.92
C ASN A 87 56.52 17.92 7.11
N GLU A 88 56.45 19.26 7.16
CA GLU A 88 57.00 19.98 8.31
C GLU A 88 56.29 19.61 9.60
N ILE A 89 54.95 19.57 9.59
CA ILE A 89 54.21 19.19 10.79
C ILE A 89 54.54 17.76 11.18
N GLU A 90 54.64 16.86 10.20
CA GLU A 90 54.97 15.48 10.52
C GLU A 90 56.32 15.38 11.20
N GLU A 91 57.33 16.08 10.67
CA GLU A 91 58.66 16.03 11.25
C GLU A 91 58.68 16.57 12.67
N VAL A 92 58.06 17.73 12.90
CA VAL A 92 58.11 18.30 14.24
C VAL A 92 57.32 17.44 15.23
N LYS A 93 56.19 16.87 14.81
CA LYS A 93 55.43 16.00 15.68
C LYS A 93 56.23 14.76 16.04
N VAL A 94 56.93 14.16 15.07
CA VAL A 94 57.74 12.98 15.34
C VAL A 94 58.84 13.31 16.33
N ALA A 95 59.52 14.44 16.13
CA ALA A 95 60.59 14.82 17.06
C ALA A 95 60.05 15.02 18.48
N PHE A 96 58.92 15.71 18.61
CA PHE A 96 58.35 15.94 19.93
C PHE A 96 57.96 14.63 20.60
N GLU A 97 57.34 13.72 19.83
CA GLU A 97 56.93 12.45 20.40
C GLU A 97 58.13 11.63 20.86
N ILE A 98 59.21 11.62 20.07
CA ILE A 98 60.40 10.89 20.47
C ILE A 98 60.98 11.47 21.75
N LYS A 99 61.03 12.80 21.84
CA LYS A 99 61.57 13.42 23.05
C LYS A 99 60.74 13.05 24.28
N LYS A 100 59.41 13.14 24.14
CA LYS A 100 58.54 12.82 25.27
C LYS A 100 58.68 11.37 25.69
N LEU A 101 58.73 10.45 24.72
CA LEU A 101 58.86 9.03 25.03
C LEU A 101 60.19 8.74 25.71
N ALA A 102 61.27 9.37 25.24
CA ALA A 102 62.57 9.17 25.86
C ALA A 102 62.56 9.66 27.30
N LEU A 103 61.97 10.83 27.55
CA LEU A 103 61.91 11.34 28.92
C LEU A 103 61.09 10.41 29.81
N ASP A 104 59.95 9.92 29.30
CA ASP A 104 59.12 9.02 30.09
C ASP A 104 59.84 7.72 30.42
N ARG A 105 60.56 7.16 29.43
CA ARG A 105 61.32 5.95 29.68
C ARG A 105 62.44 6.18 30.69
N MET A 106 63.10 7.34 30.60
CA MET A 106 64.12 7.69 31.59
C MET A 106 63.52 7.72 32.99
N ARG A 107 62.38 8.38 33.15
CA ARG A 107 61.73 8.47 34.46
C ARG A 107 61.35 7.09 34.98
N LEU A 108 60.77 6.26 34.11
CA LEU A 108 60.35 4.93 34.55
C LEU A 108 61.55 4.08 34.97
N SER A 109 62.63 4.15 34.19
CA SER A 109 63.82 3.36 34.49
C SER A 109 64.45 3.80 35.81
N THR A 110 64.57 5.11 36.03
CA THR A 110 65.18 5.54 37.28
C THR A 110 64.27 5.24 38.47
N ALA A 111 62.95 5.32 38.27
CA ALA A 111 62.02 4.96 39.35
C ALA A 111 62.15 3.49 39.73
N LEU A 112 62.25 2.60 38.75
CA LEU A 112 62.44 1.18 39.08
C LEU A 112 63.82 0.90 39.67
N LYS A 113 64.85 1.61 39.22
CA LYS A 113 66.19 1.38 39.77
C LYS A 113 66.28 1.86 41.22
N LYS A 114 65.58 2.94 41.56
CA LYS A 114 65.67 3.51 42.90
C LYS A 114 65.14 2.55 43.97
N ASN A 115 64.24 1.64 43.62
CA ASN A 115 63.61 0.74 44.58
C ASN A 115 63.85 -0.71 44.18
N LEU A 116 65.10 -1.04 43.86
CA LEU A 116 65.44 -2.40 43.46
C LEU A 116 65.28 -3.37 44.62
N GLU A 117 65.58 -2.93 45.85
CA GLU A 117 65.48 -3.81 46.99
C GLU A 117 64.02 -4.15 47.31
N LYS A 118 63.14 -3.15 47.33
CA LYS A 118 61.75 -3.41 47.72
C LYS A 118 61.04 -4.32 46.73
N ILE A 119 61.56 -4.46 45.51
CA ILE A 119 60.90 -5.26 44.49
C ILE A 119 61.65 -6.60 44.44
N SER A 120 62.34 -6.95 45.52
CA SER A 120 63.08 -8.20 45.56
C SER A 120 62.52 -9.26 46.50
N ARG A 121 62.31 -8.94 47.78
CA ARG A 121 61.99 -9.97 48.77
C ARG A 121 60.51 -10.34 48.75
N GLN A 122 59.64 -9.38 49.03
CA GLN A 122 58.20 -9.59 49.07
C GLN A 122 57.52 -8.78 47.97
N SER A 123 58.12 -8.83 46.78
CA SER A 123 57.90 -7.86 45.71
C SER A 123 56.44 -7.59 45.39
N SER A 124 55.75 -8.60 44.85
CA SER A 124 54.39 -8.44 44.35
C SER A 124 53.88 -9.75 43.77
N VAL A 125 52.63 -9.75 43.31
CA VAL A 125 52.15 -10.79 42.40
C VAL A 125 52.81 -10.68 41.03
N LEU A 126 53.67 -9.68 40.83
CA LEU A 126 54.31 -9.48 39.54
C LEU A 126 55.25 -10.62 39.16
N MET A 127 55.70 -11.40 40.15
CA MET A 127 56.69 -12.43 39.89
C MET A 127 56.18 -13.45 38.89
N ASP A 128 54.90 -13.80 38.97
CA ASP A 128 54.31 -14.71 37.98
C ASP A 128 54.39 -14.12 36.59
N ASN A 129 54.08 -12.84 36.44
CA ASN A 129 54.14 -12.20 35.13
C ASN A 129 55.58 -12.19 34.60
N MET A 130 56.55 -11.88 35.46
CA MET A 130 57.94 -11.84 35.03
C MET A 130 58.43 -13.21 34.60
N LYS A 131 58.08 -14.26 35.37
CA LYS A 131 58.49 -15.61 34.98
C LYS A 131 57.79 -16.06 33.70
N HIS A 132 56.53 -15.66 33.50
CA HIS A 132 55.85 -15.97 32.24
C HIS A 132 56.53 -15.29 31.07
N LEU A 133 56.91 -14.03 31.23
CA LEU A 133 57.63 -13.32 30.17
C LEU A 133 58.96 -14.00 29.87
N LEU A 134 59.69 -14.39 30.91
CA LEU A 134 60.96 -15.07 30.72
C LEU A 134 60.77 -16.39 29.97
N GLU A 135 59.71 -17.14 30.31
CA GLU A 135 59.42 -18.38 29.60
C GLU A 135 59.07 -18.13 28.14
N LEU A 136 58.28 -17.08 27.86
CA LEU A 136 57.80 -16.85 26.50
C LEU A 136 58.92 -16.36 25.58
N ASN A 137 59.86 -15.57 26.12
CA ASN A 137 60.87 -14.95 25.26
C ASN A 137 61.73 -16.00 24.55
N LYS A 138 62.15 -17.04 25.27
CA LYS A 138 63.01 -18.05 24.67
C LYS A 138 62.30 -18.76 23.52
N LEU A 139 61.03 -19.12 23.72
CA LEU A 139 60.26 -19.75 22.67
C LEU A 139 60.13 -18.83 21.46
N ILE A 140 59.91 -17.53 21.71
CA ILE A 140 59.75 -16.59 20.61
C ILE A 140 61.02 -16.53 19.77
N MET A 141 62.18 -16.42 20.43
CA MET A 141 63.43 -16.34 19.68
C MET A 141 63.73 -17.65 18.94
N LYS A 142 63.42 -18.79 19.56
CA LYS A 142 63.62 -20.06 18.88
C LYS A 142 62.78 -20.15 17.61
N SER A 143 61.51 -19.74 17.70
CA SER A 143 60.65 -19.74 16.51
C SER A 143 61.18 -18.78 15.46
N GLN A 144 61.71 -17.63 15.89
CA GLN A 144 62.28 -16.68 14.93
C GLN A 144 63.45 -17.29 14.17
N GLN A 145 64.35 -17.99 14.87
CA GLN A 145 65.47 -18.63 14.20
C GLN A 145 65.00 -19.70 13.22
N GLU A 146 64.01 -20.49 13.62
CA GLU A 146 63.47 -21.52 12.73
C GLU A 146 62.90 -20.90 11.46
N SER A 147 62.14 -19.80 11.62
CA SER A 147 61.58 -19.12 10.46
C SER A 147 62.69 -18.58 9.55
N TRP A 148 63.75 -18.03 10.15
CA TRP A 148 64.87 -17.54 9.37
C TRP A 148 65.44 -18.65 8.48
N ASP A 149 65.70 -19.81 9.07
CA ASP A 149 66.28 -20.92 8.31
C ASP A 149 65.35 -21.38 7.20
N LEU A 150 64.05 -21.50 7.50
CA LEU A 150 63.10 -21.96 6.50
C LEU A 150 63.03 -21.00 5.32
N GLU A 151 62.97 -19.69 5.59
CA GLU A 151 62.93 -18.72 4.51
C GLU A 151 64.22 -18.76 3.70
N GLU A 152 65.36 -18.94 4.38
CA GLU A 152 66.63 -19.03 3.66
C GLU A 152 66.63 -20.17 2.65
N LYS A 153 66.12 -21.33 3.06
CA LYS A 153 66.03 -22.45 2.11
C LYS A 153 65.05 -22.16 0.98
N LEU A 154 63.88 -21.61 1.32
CA LEU A 154 62.84 -21.40 0.33
C LEU A 154 63.28 -20.43 -0.75
N LEU A 155 64.06 -19.40 -0.39
CA LEU A 155 64.52 -18.44 -1.40
C LEU A 155 65.31 -19.13 -2.51
N ASP A 156 66.29 -19.96 -2.12
CA ASP A 156 67.11 -20.64 -3.11
C ASP A 156 66.29 -21.61 -3.95
N ILE A 157 65.36 -22.34 -3.31
CA ILE A 157 64.55 -23.29 -4.06
C ILE A 157 63.72 -22.56 -5.11
N ARG A 158 63.11 -21.43 -4.73
CA ARG A 158 62.30 -20.66 -5.68
C ARG A 158 63.15 -20.11 -6.81
N LYS A 159 64.35 -19.63 -6.50
CA LYS A 159 65.24 -19.11 -7.54
C LYS A 159 65.58 -20.19 -8.56
N LYS A 160 65.92 -21.39 -8.08
CA LYS A 160 66.25 -22.48 -8.99
C LYS A 160 65.05 -22.84 -9.86
N ARG A 161 63.85 -22.89 -9.27
CA ARG A 161 62.66 -23.20 -10.05
C ARG A 161 62.45 -22.15 -11.13
N LEU A 162 62.63 -20.87 -10.80
CA LEU A 162 62.45 -19.82 -11.80
C LEU A 162 63.45 -19.96 -12.94
N GLN A 163 64.71 -20.25 -12.62
CA GLN A 163 65.71 -20.42 -13.67
C GLN A 163 65.35 -21.60 -14.59
N LEU A 164 64.91 -22.71 -14.00
CA LEU A 164 64.54 -23.86 -14.82
C LEU A 164 63.36 -23.53 -15.73
N LYS A 165 62.37 -22.83 -15.21
CA LYS A 165 61.23 -22.45 -16.03
C LYS A 165 61.66 -21.54 -17.17
N GLN A 166 62.54 -20.59 -16.89
CA GLN A 166 63.02 -19.68 -17.93
C GLN A 166 63.74 -20.44 -19.04
N ALA A 167 64.59 -21.40 -18.68
CA ALA A 167 65.29 -22.18 -19.70
C ALA A 167 64.31 -23.02 -20.52
N SER A 168 63.38 -23.70 -19.84
CA SER A 168 62.46 -24.59 -20.52
C SER A 168 61.55 -23.82 -21.49
N GLU A 169 61.17 -22.59 -21.13
CA GLU A 169 60.32 -21.80 -22.02
C GLU A 169 60.99 -21.61 -23.38
N SER A 170 62.24 -21.13 -23.38
CA SER A 170 62.94 -20.90 -24.64
C SER A 170 63.18 -22.19 -25.38
N LYS A 171 63.56 -23.25 -24.66
CA LYS A 171 63.82 -24.52 -25.34
C LYS A 171 62.57 -25.04 -26.06
N LEU A 172 61.44 -25.07 -25.36
CA LEU A 172 60.22 -25.56 -25.98
C LEU A 172 59.74 -24.63 -27.09
N LEU A 173 59.96 -23.32 -26.94
CA LEU A 173 59.58 -22.40 -28.00
C LEU A 173 60.36 -22.69 -29.28
N GLU A 174 61.67 -22.90 -29.16
CA GLU A 174 62.46 -23.19 -30.35
C GLU A 174 62.08 -24.54 -30.95
N ILE A 175 61.77 -25.53 -30.10
CA ILE A 175 61.33 -26.83 -30.62
C ILE A 175 60.03 -26.68 -31.38
N GLN A 176 59.08 -25.93 -30.82
CA GLN A 176 57.79 -25.76 -31.48
C GLN A 176 57.93 -25.01 -32.80
N THR A 177 58.76 -23.97 -32.83
CA THR A 177 58.92 -23.24 -34.09
C THR A 177 59.64 -24.07 -35.14
N GLU A 178 60.59 -24.92 -34.72
CA GLU A 178 61.24 -25.82 -35.66
C GLU A 178 60.27 -26.85 -36.21
N LYS A 179 59.42 -27.41 -35.34
CA LYS A 179 58.43 -28.38 -35.79
C LYS A 179 57.41 -27.74 -36.74
N ASN A 180 56.96 -26.52 -36.42
CA ASN A 180 56.02 -25.84 -37.29
C ASN A 180 56.65 -25.50 -38.64
N LYS A 181 57.91 -25.10 -38.63
CA LYS A 181 58.60 -24.84 -39.90
C LYS A 181 58.71 -26.10 -40.74
N GLN A 182 59.01 -27.22 -40.10
CA GLN A 182 59.13 -28.50 -40.81
C GLN A 182 57.77 -29.01 -41.25
N SER B 308 28.56 -27.52 -12.73
CA SER B 308 29.82 -27.24 -12.04
C SER B 308 30.43 -25.93 -12.52
N VAL B 309 31.10 -25.24 -11.60
CA VAL B 309 31.77 -23.99 -11.95
C VAL B 309 32.89 -24.24 -12.95
N ILE B 310 33.70 -25.26 -12.70
CA ILE B 310 34.80 -25.63 -13.60
C ILE B 310 34.27 -26.56 -14.68
N PRO B 311 34.46 -26.24 -15.96
CA PRO B 311 33.99 -27.13 -17.02
C PRO B 311 34.70 -28.47 -16.97
N VAL B 312 33.98 -29.50 -17.40
CA VAL B 312 34.51 -30.86 -17.37
C VAL B 312 35.58 -31.04 -18.44
N LEU B 313 36.42 -32.06 -18.25
CA LEU B 313 37.48 -32.36 -19.19
C LEU B 313 36.91 -33.10 -20.40
N ASN B 314 37.00 -32.46 -21.57
CA ASN B 314 36.51 -33.05 -22.81
C ASN B 314 37.53 -32.83 -23.91
N SER B 315 37.52 -33.71 -24.90
CA SER B 315 38.43 -33.64 -26.02
C SER B 315 38.09 -32.45 -26.93
N SER B 338 48.71 -35.84 -33.99
CA SER B 338 48.71 -35.32 -32.64
C SER B 338 48.56 -36.44 -31.62
N PHE B 339 48.46 -36.08 -30.35
CA PHE B 339 48.30 -37.04 -29.27
C PHE B 339 46.94 -36.85 -28.61
N PRO B 340 46.14 -37.92 -28.49
CA PRO B 340 44.82 -37.79 -27.86
C PRO B 340 44.94 -37.40 -26.40
N LEU B 341 43.95 -36.65 -25.93
CA LEU B 341 43.93 -36.17 -24.55
C LEU B 341 43.56 -37.25 -23.54
N GLU B 342 42.68 -38.18 -23.92
CA GLU B 342 42.26 -39.22 -22.99
C GLU B 342 43.39 -40.19 -22.64
N GLN B 343 44.38 -40.34 -23.53
CA GLN B 343 45.50 -41.22 -23.25
C GLN B 343 46.49 -40.61 -22.27
N LEU B 344 46.40 -39.31 -22.03
CA LEU B 344 47.30 -38.62 -21.10
C LEU B 344 46.79 -38.85 -19.68
N GLN B 345 47.41 -39.77 -18.96
CA GLN B 345 47.00 -40.11 -17.60
C GLN B 345 48.15 -40.21 -16.61
N SER B 346 49.40 -40.27 -17.07
CA SER B 346 50.54 -40.42 -16.17
C SER B 346 51.64 -39.47 -16.60
N PHE B 347 52.53 -39.17 -15.66
CA PHE B 347 53.66 -38.26 -15.88
C PHE B 347 54.56 -38.72 -17.02
N PRO B 348 54.96 -40.00 -17.10
CA PRO B 348 55.78 -40.42 -18.25
C PRO B 348 55.11 -40.20 -19.59
N GLN B 349 53.78 -40.35 -19.66
CA GLN B 349 53.08 -40.07 -20.91
C GLN B 349 53.23 -38.60 -21.32
N LEU B 350 53.13 -37.69 -20.35
CA LEU B 350 53.38 -36.28 -20.65
C LEU B 350 54.83 -36.06 -21.05
N LEU B 351 55.75 -36.78 -20.42
CA LEU B 351 57.17 -36.63 -20.76
C LEU B 351 57.44 -37.04 -22.19
N GLN B 352 56.82 -38.13 -22.64
CA GLN B 352 57.09 -38.64 -23.98
C GLN B 352 56.47 -37.76 -25.07
N ASN B 353 55.31 -37.17 -24.80
CA ASN B 353 54.56 -36.42 -25.80
C ASN B 353 54.36 -34.98 -25.36
N ILE B 354 55.41 -34.39 -24.76
CA ILE B 354 55.31 -33.00 -24.33
C ILE B 354 55.25 -32.05 -25.53
N HIS B 355 55.99 -32.35 -26.60
CA HIS B 355 56.05 -31.45 -27.75
C HIS B 355 54.73 -31.34 -28.49
N CYS B 356 53.99 -32.44 -28.67
CA CYS B 356 52.73 -32.42 -29.38
C CYS B 356 51.61 -32.82 -28.42
N LEU B 357 50.59 -31.97 -28.32
CA LEU B 357 49.47 -32.21 -27.43
C LEU B 357 48.20 -31.63 -28.04
N GLU B 358 47.06 -32.14 -27.58
CA GLU B 358 45.75 -31.69 -28.03
C GLU B 358 45.16 -30.77 -26.98
N LEU B 359 44.89 -29.52 -27.36
CA LEU B 359 44.35 -28.55 -26.44
C LEU B 359 42.86 -28.83 -26.17
N PRO B 360 42.40 -28.60 -24.95
CA PRO B 360 40.98 -28.83 -24.63
C PRO B 360 40.10 -27.82 -25.33
N SER B 361 38.83 -28.22 -25.51
CA SER B 361 37.85 -27.31 -26.09
C SER B 361 37.59 -26.12 -25.17
N GLN B 362 37.50 -26.35 -23.87
CA GLN B 362 37.32 -25.29 -22.88
C GLN B 362 38.50 -25.32 -21.92
N MET B 363 39.11 -24.17 -21.69
CA MET B 363 40.31 -24.11 -20.86
C MET B 363 40.00 -24.20 -19.37
N GLY B 364 38.74 -24.07 -18.97
CA GLY B 364 38.41 -24.15 -17.56
C GLY B 364 38.83 -25.46 -16.93
N SER B 365 38.65 -26.57 -17.66
CA SER B 365 39.05 -27.87 -17.14
C SER B 365 40.55 -27.95 -16.87
N VAL B 366 41.33 -27.05 -17.46
CA VAL B 366 42.77 -27.02 -17.20
C VAL B 366 43.07 -26.52 -15.79
N LEU B 367 42.16 -25.76 -15.19
CA LEU B 367 42.46 -25.12 -13.90
C LEU B 367 42.72 -26.13 -12.80
N ASN B 368 42.18 -27.35 -12.93
CA ASN B 368 42.38 -28.35 -11.89
C ASN B 368 43.06 -29.59 -12.44
N ASN B 369 44.11 -29.41 -13.23
CA ASN B 369 44.87 -30.52 -13.80
C ASN B 369 46.34 -30.15 -13.81
N SER B 370 47.15 -30.87 -13.02
CA SER B 370 48.56 -30.55 -12.92
C SER B 370 49.31 -30.85 -14.20
N LEU B 371 48.92 -31.93 -14.89
CA LEU B 371 49.64 -32.32 -16.11
C LEU B 371 49.50 -31.27 -17.21
N LEU B 372 48.31 -30.72 -17.39
CA LEU B 372 48.14 -29.63 -18.35
C LEU B 372 48.79 -28.34 -17.87
N LEU B 373 48.84 -28.12 -16.55
CA LEU B 373 49.52 -26.96 -16.02
C LEU B 373 51.01 -27.00 -16.35
N HIS B 374 51.62 -28.19 -16.29
CA HIS B 374 53.02 -28.32 -16.67
C HIS B 374 53.26 -27.90 -18.12
N TYR B 375 52.35 -28.29 -19.02
CA TYR B 375 52.50 -27.89 -20.41
C TYR B 375 52.30 -26.39 -20.60
N ILE B 376 51.27 -25.84 -19.96
CA ILE B 376 50.99 -24.41 -20.08
C ILE B 376 52.05 -23.54 -19.41
N ASN B 377 52.84 -24.13 -18.50
CA ASN B 377 53.89 -23.37 -17.82
C ASN B 377 54.81 -22.67 -18.81
N CYS B 378 55.07 -23.31 -19.96
CA CYS B 378 55.86 -22.71 -21.03
C CYS B 378 55.12 -22.89 -22.36
N VAL B 379 54.19 -21.97 -22.64
CA VAL B 379 53.52 -21.94 -23.94
C VAL B 379 53.56 -20.54 -24.52
N ARG B 380 53.10 -19.55 -23.75
CA ARG B 380 53.07 -18.14 -24.16
C ARG B 380 52.43 -17.98 -25.53
N ASP B 381 51.18 -18.44 -25.64
CA ASP B 381 50.43 -18.41 -26.88
C ASP B 381 49.25 -17.45 -26.70
N GLU B 382 49.02 -16.61 -27.71
CA GLU B 382 48.13 -15.46 -27.55
C GLU B 382 46.66 -15.86 -27.51
N PRO B 383 46.11 -16.60 -28.49
CA PRO B 383 44.71 -17.01 -28.37
C PRO B 383 44.42 -17.83 -27.13
N VAL B 384 45.39 -18.65 -26.70
CA VAL B 384 45.23 -19.41 -25.46
C VAL B 384 45.03 -18.47 -24.28
N LEU B 385 45.88 -17.46 -24.17
CA LEU B 385 45.77 -16.49 -23.08
C LEU B 385 44.44 -15.73 -23.16
N LEU B 386 44.04 -15.35 -24.37
CA LEU B 386 42.78 -14.62 -24.52
C LEU B 386 41.59 -15.46 -24.06
N ARG B 387 41.54 -16.72 -24.49
CA ARG B 387 40.44 -17.60 -24.10
C ARG B 387 40.41 -17.79 -22.59
N PHE B 388 41.57 -18.05 -21.99
CA PHE B 388 41.62 -18.24 -20.54
C PHE B 388 41.18 -16.98 -19.81
N TYR B 389 41.64 -15.81 -20.28
CA TYR B 389 41.26 -14.55 -19.65
C TYR B 389 39.76 -14.33 -19.72
N TYR B 390 39.17 -14.56 -20.89
CA TYR B 390 37.73 -14.35 -21.04
C TYR B 390 36.95 -15.27 -20.11
N TRP B 391 37.28 -16.56 -20.11
CA TRP B 391 36.55 -17.50 -19.29
C TRP B 391 36.67 -17.15 -17.81
N LEU B 392 37.90 -16.87 -17.35
CA LEU B 392 38.11 -16.59 -15.94
C LEU B 392 37.41 -15.30 -15.52
N SER B 393 37.49 -14.26 -16.35
CA SER B 393 36.84 -13.00 -16.01
C SER B 393 35.33 -13.17 -15.92
N GLN B 394 34.73 -13.88 -16.89
CA GLN B 394 33.30 -14.09 -16.86
C GLN B 394 32.89 -14.89 -15.62
N THR B 395 33.63 -15.94 -15.29
CA THR B 395 33.29 -16.76 -14.13
C THR B 395 33.39 -15.94 -12.85
N LEU B 396 34.47 -15.17 -12.70
CA LEU B 396 34.63 -14.35 -11.49
C LEU B 396 33.54 -13.29 -11.38
N GLN B 397 33.18 -12.65 -12.50
CA GLN B 397 32.13 -11.64 -12.45
C GLN B 397 30.78 -12.26 -12.09
N GLU B 398 30.49 -13.46 -12.61
CA GLU B 398 29.20 -14.08 -12.34
C GLU B 398 29.12 -14.65 -10.92
N GLU B 399 30.24 -15.08 -10.35
CA GLU B 399 30.23 -15.76 -9.06
C GLU B 399 30.43 -14.84 -7.87
N CYS B 400 30.50 -13.52 -8.07
CA CYS B 400 30.75 -12.62 -6.97
C CYS B 400 29.54 -12.54 -6.04
N ILE B 401 29.78 -12.11 -4.81
CA ILE B 401 28.75 -12.09 -3.77
C ILE B 401 28.16 -10.70 -3.61
N TRP B 402 29.01 -9.66 -3.69
CA TRP B 402 28.57 -8.30 -3.39
C TRP B 402 28.70 -7.36 -4.59
N TYR B 403 29.17 -7.84 -5.74
CA TYR B 403 29.31 -7.01 -6.93
C TYR B 403 28.34 -7.49 -8.00
N LYS B 404 27.53 -6.58 -8.52
CA LYS B 404 26.55 -6.79 -9.59
C LYS B 404 25.40 -7.68 -9.19
N VAL B 405 25.40 -8.24 -7.97
CA VAL B 405 24.33 -9.11 -7.52
C VAL B 405 24.44 -9.26 -6.01
N ASN B 406 23.29 -9.36 -5.35
CA ASN B 406 23.23 -9.62 -3.91
C ASN B 406 22.84 -11.09 -3.73
N ASN B 407 23.84 -11.97 -3.81
CA ASN B 407 23.64 -13.41 -3.76
C ASN B 407 24.63 -14.00 -2.76
N TYR B 408 24.19 -14.13 -1.51
CA TYR B 408 25.00 -14.75 -0.47
C TYR B 408 24.80 -16.26 -0.40
N GLU B 409 24.00 -16.84 -1.29
CA GLU B 409 23.75 -18.28 -1.27
C GLU B 409 25.00 -19.07 -1.64
N HIS B 410 25.96 -18.45 -2.32
CA HIS B 410 27.16 -19.16 -2.74
C HIS B 410 27.98 -19.64 -1.54
N GLY B 411 28.50 -18.70 -0.76
CA GLY B 411 29.23 -19.04 0.45
C GLY B 411 30.55 -19.72 0.20
N LYS B 412 30.63 -21.02 0.52
CA LYS B 412 31.90 -21.73 0.49
C LYS B 412 32.37 -22.05 -0.92
N GLU B 413 31.48 -22.06 -1.91
CA GLU B 413 31.88 -22.36 -3.28
C GLU B 413 32.85 -21.30 -3.80
N PHE B 414 32.56 -20.03 -3.53
CA PHE B 414 33.46 -18.96 -3.95
C PHE B 414 34.80 -19.08 -3.27
N THR B 415 34.81 -19.41 -1.97
CA THR B 415 36.06 -19.57 -1.25
C THR B 415 36.88 -20.71 -1.83
N ASN B 416 36.24 -21.84 -2.15
CA ASN B 416 36.96 -22.96 -2.73
C ASN B 416 37.52 -22.61 -4.10
N PHE B 417 36.74 -21.91 -4.92
CA PHE B 417 37.23 -21.50 -6.24
C PHE B 417 38.43 -20.56 -6.12
N LEU B 418 38.35 -19.59 -5.19
CA LEU B 418 39.46 -18.67 -5.00
C LEU B 418 40.69 -19.40 -4.48
N ASP B 419 40.50 -20.38 -3.59
CA ASP B 419 41.64 -21.16 -3.10
C ASP B 419 42.29 -21.95 -4.24
N THR B 420 41.47 -22.52 -5.12
CA THR B 420 42.01 -23.23 -6.27
C THR B 420 42.81 -22.29 -7.17
N ILE B 421 42.28 -21.10 -7.43
CA ILE B 421 42.99 -20.14 -8.27
C ILE B 421 44.31 -19.72 -7.63
N ILE B 422 44.30 -19.47 -6.32
CA ILE B 422 45.51 -19.07 -5.63
C ILE B 422 46.55 -20.18 -5.66
N ARG B 423 46.13 -21.42 -5.45
CA ARG B 423 47.06 -22.54 -5.54
C ARG B 423 47.62 -22.68 -6.94
N ALA B 424 46.79 -22.47 -7.97
CA ALA B 424 47.26 -22.54 -9.34
C ALA B 424 48.30 -21.46 -9.63
N GLU B 425 48.06 -20.23 -9.16
CA GLU B 425 49.00 -19.15 -9.46
C GLU B 425 50.21 -19.13 -8.53
N CYS B 426 50.18 -19.91 -7.45
CA CYS B 426 51.43 -20.18 -6.73
C CYS B 426 52.39 -20.93 -7.63
N PHE B 427 51.89 -21.91 -8.37
CA PHE B 427 52.59 -22.44 -9.52
C PHE B 427 52.62 -21.38 -10.62
N LEU B 428 53.47 -21.61 -11.62
CA LEU B 428 53.62 -20.72 -12.77
C LEU B 428 54.36 -19.44 -12.39
N GLN B 429 54.54 -19.23 -11.09
CA GLN B 429 55.27 -18.07 -10.54
C GLN B 429 54.83 -16.75 -11.18
N GLU B 430 53.55 -16.65 -11.50
CA GLU B 430 52.99 -15.42 -12.05
C GLU B 430 51.48 -15.46 -11.90
N GLY B 431 50.86 -14.30 -12.10
CA GLY B 431 49.41 -14.18 -11.96
C GLY B 431 48.71 -13.82 -13.25
N PHE B 432 47.40 -14.08 -13.31
CA PHE B 432 46.62 -13.79 -14.49
C PHE B 432 46.12 -12.35 -14.48
N TYR B 433 45.79 -11.86 -15.68
CA TYR B 433 45.24 -10.51 -15.80
C TYR B 433 43.78 -10.45 -15.34
N SER B 434 43.08 -11.57 -15.37
CA SER B 434 41.69 -11.59 -14.91
C SER B 434 41.59 -11.24 -13.44
N CYS B 435 42.50 -11.76 -12.62
CA CYS B 435 42.50 -11.43 -11.20
C CYS B 435 42.78 -9.96 -10.98
N GLU B 436 43.72 -9.40 -11.74
CA GLU B 436 44.01 -7.97 -11.62
C GLU B 436 42.80 -7.12 -12.01
N ALA B 437 42.12 -7.49 -13.09
CA ALA B 437 40.91 -6.76 -13.48
C ALA B 437 39.84 -6.86 -12.41
N PHE B 438 39.65 -8.06 -11.84
CA PHE B 438 38.64 -8.23 -10.80
C PHE B 438 38.97 -7.40 -9.58
N LEU B 439 40.26 -7.35 -9.20
CA LEU B 439 40.66 -6.52 -8.06
C LEU B 439 40.43 -5.04 -8.36
N TYR B 440 40.75 -4.59 -9.57
CA TYR B 440 40.47 -3.21 -9.94
C TYR B 440 38.99 -2.91 -9.88
N LYS B 441 38.16 -3.89 -10.21
CA LYS B 441 36.72 -3.65 -10.35
C LYS B 441 36.01 -3.67 -9.01
N SER B 442 36.36 -4.60 -8.14
CA SER B 442 35.57 -4.87 -6.93
C SER B 442 36.18 -4.30 -5.65
N LEU B 443 37.38 -3.73 -5.71
CA LEU B 443 38.00 -3.22 -4.49
C LEU B 443 37.23 -2.06 -3.86
N PRO B 444 36.79 -1.04 -4.61
CA PRO B 444 36.10 0.09 -3.95
C PRO B 444 34.85 -0.31 -3.19
N LEU B 445 34.12 -1.32 -3.63
CA LEU B 445 32.90 -1.77 -2.96
C LEU B 445 33.18 -2.78 -1.85
N TRP B 446 34.43 -3.19 -1.67
CA TRP B 446 34.74 -4.18 -0.65
C TRP B 446 34.61 -3.59 0.75
N ASP B 447 34.22 -4.45 1.70
CA ASP B 447 34.07 -4.05 3.08
C ASP B 447 35.24 -4.44 3.97
N GLY B 448 36.02 -5.44 3.57
CA GLY B 448 37.18 -5.87 4.33
C GLY B 448 36.97 -7.03 5.28
N LEU B 449 35.85 -7.75 5.17
CA LEU B 449 35.60 -8.87 6.07
C LEU B 449 35.07 -10.12 5.39
N CYS B 450 34.62 -10.05 4.14
CA CYS B 450 33.96 -11.21 3.53
C CYS B 450 34.98 -12.30 3.20
N CYS B 451 35.96 -11.99 2.35
CA CYS B 451 36.94 -12.95 1.86
C CYS B 451 38.34 -12.39 2.02
N ARG B 452 38.64 -11.91 3.22
CA ARG B 452 39.88 -11.17 3.47
C ARG B 452 41.11 -11.96 3.05
N SER B 453 41.19 -13.23 3.46
CA SER B 453 42.38 -14.02 3.21
C SER B 453 42.62 -14.20 1.71
N GLN B 454 41.58 -14.59 0.98
CA GLN B 454 41.73 -14.86 -0.44
C GLN B 454 42.08 -13.59 -1.21
N PHE B 455 41.42 -12.48 -0.91
CA PHE B 455 41.71 -11.22 -1.59
C PHE B 455 43.13 -10.75 -1.29
N LEU B 456 43.55 -10.85 -0.03
CA LEU B 456 44.87 -10.38 0.33
C LEU B 456 45.96 -11.28 -0.25
N GLN B 457 45.64 -12.56 -0.49
CA GLN B 457 46.59 -13.42 -1.20
C GLN B 457 46.61 -13.13 -2.69
N LEU B 458 45.46 -12.78 -3.26
CA LEU B 458 45.41 -12.41 -4.67
C LEU B 458 46.18 -11.12 -4.94
N VAL B 459 46.17 -10.20 -3.98
CA VAL B 459 46.86 -8.92 -4.16
C VAL B 459 48.36 -9.13 -4.38
N SER B 460 48.95 -10.11 -3.71
CA SER B 460 50.40 -10.32 -3.81
C SER B 460 50.83 -10.66 -5.22
N TRP B 461 49.96 -11.30 -6.01
CA TRP B 461 50.31 -11.71 -7.37
C TRP B 461 49.82 -10.67 -8.38
N ILE B 462 50.47 -9.51 -8.34
CA ILE B 462 50.19 -8.41 -9.25
C ILE B 462 51.39 -8.24 -10.17
N PRO B 463 51.21 -8.18 -11.49
CA PRO B 463 52.35 -7.99 -12.39
C PRO B 463 53.07 -6.68 -12.12
N PHE B 464 54.38 -6.70 -12.31
CA PHE B 464 55.20 -5.53 -12.04
C PHE B 464 54.85 -4.41 -13.00
N SER B 465 54.68 -3.20 -12.46
CA SER B 465 54.38 -2.02 -13.26
C SER B 465 54.80 -0.80 -12.46
N SER B 466 54.68 0.36 -13.09
CA SER B 466 55.05 1.61 -12.43
C SER B 466 54.14 1.87 -11.25
N PHE B 467 54.73 2.33 -10.15
CA PHE B 467 53.96 2.58 -8.93
C PHE B 467 52.96 3.72 -9.13
N SER B 468 53.32 4.74 -9.92
CA SER B 468 52.44 5.88 -10.11
C SER B 468 51.15 5.48 -10.82
N GLU B 469 51.23 4.58 -11.79
CA GLU B 469 50.03 4.17 -12.52
C GLU B 469 49.11 3.30 -11.65
N VAL B 470 49.69 2.42 -10.83
CA VAL B 470 48.89 1.49 -10.04
C VAL B 470 48.42 2.09 -8.73
N LYS B 471 49.02 3.20 -8.27
CA LYS B 471 48.63 3.75 -6.97
C LYS B 471 47.16 4.18 -6.94
N PRO B 472 46.65 4.99 -7.86
CA PRO B 472 45.26 5.44 -7.74
C PRO B 472 44.24 4.33 -7.87
N LEU B 473 44.60 3.20 -8.49
CA LEU B 473 43.64 2.12 -8.69
C LEU B 473 43.49 1.24 -7.46
N LEU B 474 44.58 0.96 -6.75
CA LEU B 474 44.55 0.06 -5.61
C LEU B 474 44.92 0.73 -4.30
N PHE B 475 46.05 1.44 -4.26
CA PHE B 475 46.63 1.85 -3.00
C PHE B 475 45.80 2.92 -2.31
N ASP B 476 45.11 3.78 -3.08
CA ASP B 476 44.26 4.78 -2.46
C ASP B 476 43.14 4.13 -1.66
N HIS B 477 42.41 3.20 -2.28
CA HIS B 477 41.34 2.50 -1.58
C HIS B 477 41.89 1.65 -0.44
N LEU B 478 43.04 1.02 -0.66
CA LEU B 478 43.62 0.18 0.40
C LEU B 478 43.99 1.01 1.62
N ALA B 479 44.56 2.20 1.40
CA ALA B 479 44.91 3.07 2.52
C ALA B 479 43.66 3.64 3.19
N GLN B 480 42.63 3.95 2.41
CA GLN B 480 41.39 4.43 2.99
C GLN B 480 40.75 3.37 3.88
N LEU B 481 40.77 2.11 3.44
CA LEU B 481 40.26 1.01 4.26
C LEU B 481 41.20 0.66 5.40
N PHE B 482 42.48 1.02 5.30
CA PHE B 482 43.48 0.62 6.28
C PHE B 482 43.39 1.44 7.56
N PHE B 483 43.06 2.72 7.44
CA PHE B 483 43.10 3.62 8.59
C PHE B 483 41.85 3.57 9.46
N THR B 484 40.80 2.87 9.02
CA THR B 484 39.54 2.85 9.76
C THR B 484 39.14 1.44 10.19
N SER B 485 40.08 0.49 10.22
CA SER B 485 39.78 -0.87 10.61
C SER B 485 40.57 -1.24 11.87
N THR B 486 40.45 -2.49 12.28
CA THR B 486 41.09 -2.97 13.49
C THR B 486 42.58 -3.25 13.24
N ILE B 487 43.28 -3.67 14.29
CA ILE B 487 44.72 -3.92 14.18
C ILE B 487 45.00 -5.17 13.34
N TYR B 488 44.12 -6.17 13.39
CA TYR B 488 44.35 -7.40 12.64
C TYR B 488 44.33 -7.14 11.14
N PHE B 489 43.46 -6.24 10.67
CA PHE B 489 43.47 -5.87 9.26
C PHE B 489 44.80 -5.22 8.88
N LYS B 490 45.34 -4.39 9.77
CA LYS B 490 46.63 -3.76 9.51
C LYS B 490 47.74 -4.80 9.40
N CYS B 491 47.75 -5.78 10.31
CA CYS B 491 48.75 -6.83 10.24
C CYS B 491 48.62 -7.64 8.96
N SER B 492 47.38 -7.96 8.56
CA SER B 492 47.16 -8.73 7.35
C SER B 492 47.65 -7.99 6.11
N VAL B 493 47.34 -6.69 6.00
CA VAL B 493 47.78 -5.95 4.83
C VAL B 493 49.29 -5.78 4.84
N LEU B 494 49.91 -5.64 6.01
CA LEU B 494 51.37 -5.59 6.07
C LEU B 494 51.99 -6.88 5.57
N GLN B 495 51.42 -8.02 5.97
CA GLN B 495 51.91 -9.30 5.47
C GLN B 495 51.76 -9.40 3.96
N SER B 496 50.62 -8.97 3.42
CA SER B 496 50.41 -9.01 1.98
C SER B 496 51.41 -8.13 1.25
N LEU B 497 51.67 -6.94 1.78
CA LEU B 497 52.65 -6.06 1.15
C LEU B 497 54.06 -6.67 1.19
N LYS B 498 54.40 -7.34 2.29
CA LYS B 498 55.68 -8.02 2.35
C LYS B 498 55.80 -9.10 1.26
N GLU B 499 54.74 -9.90 1.10
CA GLU B 499 54.76 -10.92 0.06
C GLU B 499 54.87 -10.32 -1.33
N LEU B 500 54.15 -9.22 -1.57
CA LEU B 500 54.22 -8.56 -2.88
C LEU B 500 55.63 -8.04 -3.15
N LEU B 501 56.25 -7.43 -2.14
CA LEU B 501 57.63 -6.95 -2.31
C LEU B 501 58.57 -8.10 -2.62
N GLN B 502 58.41 -9.23 -1.92
CA GLN B 502 59.27 -10.38 -2.19
C GLN B 502 59.11 -10.87 -3.63
N ASN B 503 57.87 -10.97 -4.09
CA ASN B 503 57.64 -11.43 -5.46
C ASN B 503 58.23 -10.46 -6.48
N TRP B 504 58.05 -9.15 -6.26
CA TRP B 504 58.59 -8.17 -7.19
C TRP B 504 60.12 -8.25 -7.23
N LEU B 505 60.75 -8.37 -6.07
CA LEU B 505 62.21 -8.47 -6.04
C LEU B 505 62.68 -9.75 -6.74
N LEU B 506 61.99 -10.86 -6.52
CA LEU B 506 62.37 -12.11 -7.17
C LEU B 506 62.29 -12.00 -8.68
N TRP B 507 61.21 -11.40 -9.20
CA TRP B 507 61.10 -11.24 -10.64
C TRP B 507 62.11 -10.25 -11.19
N LEU B 508 62.40 -9.17 -10.48
CA LEU B 508 63.38 -8.20 -10.97
C LEU B 508 64.79 -8.73 -10.92
N SER B 509 65.08 -9.69 -10.05
CA SER B 509 66.43 -10.24 -9.95
C SER B 509 66.86 -10.95 -11.22
N MET B 510 65.97 -11.70 -11.87
CA MET B 510 66.32 -12.46 -13.06
C MET B 510 66.43 -11.59 -14.30
N ASP B 511 65.92 -10.36 -14.27
CA ASP B 511 65.95 -9.50 -15.44
C ASP B 511 67.39 -9.11 -15.81
N ILE B 512 68.20 -8.76 -14.81
CA ILE B 512 69.56 -8.33 -15.08
C ILE B 512 70.41 -9.45 -15.67
N HIS B 513 70.05 -10.70 -15.42
CA HIS B 513 70.80 -11.83 -15.97
C HIS B 513 70.55 -12.02 -17.47
N MET B 514 69.53 -11.37 -18.03
CA MET B 514 69.24 -11.47 -19.44
C MET B 514 70.11 -10.51 -20.25
N THR B 524 62.40 0.54 -20.06
CA THR B 524 62.83 1.07 -18.77
C THR B 524 64.10 0.38 -18.29
N THR B 525 65.07 1.17 -17.83
CA THR B 525 66.35 0.65 -17.39
C THR B 525 66.29 0.29 -15.91
N LEU B 526 67.45 -0.02 -15.33
CA LEU B 526 67.52 -0.41 -13.93
C LEU B 526 67.13 0.74 -13.00
N GLY B 527 67.62 1.95 -13.27
CA GLY B 527 67.30 3.08 -12.43
C GLY B 527 65.84 3.45 -12.46
N GLY B 528 65.21 3.31 -13.62
CA GLY B 528 63.78 3.57 -13.72
C GLY B 528 62.90 2.55 -13.05
N SER B 529 63.44 1.38 -12.73
CA SER B 529 62.69 0.35 -12.03
C SER B 529 62.94 0.38 -10.52
N MET B 530 64.16 0.72 -10.09
CA MET B 530 64.40 0.91 -8.66
C MET B 530 63.57 2.06 -8.09
N ASN B 531 63.17 3.01 -8.93
CA ASN B 531 62.34 4.11 -8.46
C ASN B 531 61.02 3.59 -7.90
N SER B 532 60.40 2.62 -8.59
CA SER B 532 59.12 2.10 -8.15
C SER B 532 59.23 1.40 -6.79
N VAL B 533 60.26 0.57 -6.62
CA VAL B 533 60.40 -0.14 -5.35
C VAL B 533 60.76 0.84 -4.23
N SER B 534 61.55 1.88 -4.53
CA SER B 534 61.83 2.88 -3.51
C SER B 534 60.55 3.60 -3.08
N LYS B 535 59.70 3.95 -4.05
CA LYS B 535 58.44 4.60 -3.72
C LYS B 535 57.55 3.68 -2.90
N LEU B 536 57.52 2.39 -3.25
CA LEU B 536 56.72 1.44 -2.48
C LEU B 536 57.22 1.33 -1.04
N ILE B 537 58.54 1.26 -0.86
CA ILE B 537 59.09 1.17 0.49
C ILE B 537 58.76 2.42 1.30
N HIS B 538 58.88 3.60 0.68
CA HIS B 538 58.54 4.83 1.39
C HIS B 538 57.06 4.86 1.75
N TYR B 539 56.21 4.40 0.84
CA TYR B 539 54.77 4.38 1.08
C TYR B 539 54.43 3.47 2.26
N VAL B 540 55.00 2.26 2.29
CA VAL B 540 54.70 1.35 3.38
C VAL B 540 55.29 1.86 4.69
N GLY B 541 56.44 2.54 4.64
CA GLY B 541 56.98 3.14 5.85
C GLY B 541 56.08 4.23 6.41
N TRP B 542 55.54 5.08 5.52
CA TRP B 542 54.60 6.10 5.97
C TRP B 542 53.34 5.48 6.57
N LEU B 543 52.82 4.43 5.93
CA LEU B 543 51.66 3.73 6.48
C LEU B 543 51.97 3.17 7.86
N SER B 544 53.14 2.56 8.01
CA SER B 544 53.52 1.98 9.29
C SER B 544 53.64 3.06 10.37
N THR B 545 54.25 4.20 10.04
CA THR B 545 54.40 5.26 11.02
C THR B 545 53.04 5.79 11.47
N THR B 546 52.14 6.04 10.50
CA THR B 546 50.83 6.55 10.86
C THR B 546 50.04 5.55 11.70
N ALA B 547 50.08 4.27 11.33
CA ALA B 547 49.38 3.26 12.11
C ALA B 547 49.97 3.12 13.50
N MET B 548 51.29 3.23 13.62
CA MET B 548 51.94 3.17 14.92
C MET B 548 51.50 4.33 15.80
N ARG B 549 51.36 5.52 15.21
CA ARG B 549 50.82 6.65 15.97
C ARG B 549 49.37 6.42 16.39
N LEU B 550 48.55 5.87 15.49
CA LEU B 550 47.12 5.72 15.77
C LEU B 550 46.85 4.72 16.89
N GLU B 551 47.57 3.59 16.88
CA GLU B 551 47.25 2.48 17.76
C GLU B 551 47.89 2.58 19.15
N SER B 552 48.30 3.78 19.56
CA SER B 552 48.81 4.02 20.91
C SER B 552 49.99 3.12 21.25
N ASN B 553 50.92 2.97 20.31
CA ASN B 553 52.18 2.27 20.52
C ASN B 553 51.95 0.81 20.95
N ASN B 554 51.37 0.04 20.04
CA ASN B 554 51.11 -1.37 20.28
C ASN B 554 52.25 -2.22 19.71
N THR B 555 52.78 -3.12 20.54
CA THR B 555 53.91 -3.95 20.12
C THR B 555 53.50 -5.02 19.11
N PHE B 556 52.21 -5.40 19.09
CA PHE B 556 51.76 -6.43 18.16
C PHE B 556 51.97 -6.00 16.71
N LEU B 557 51.69 -4.74 16.39
CA LEU B 557 51.98 -4.20 15.07
C LEU B 557 53.47 -3.99 14.85
N LEU B 558 54.20 -3.70 15.92
CA LEU B 558 55.64 -3.49 15.82
C LEU B 558 56.34 -4.77 15.37
N HIS B 559 55.89 -5.93 15.86
CA HIS B 559 56.48 -7.18 15.38
C HIS B 559 56.32 -7.34 13.88
N PHE B 560 55.13 -7.05 13.35
CA PHE B 560 54.91 -7.18 11.92
C PHE B 560 55.77 -6.19 11.13
N ILE B 561 55.89 -4.95 11.62
CA ILE B 561 56.72 -3.97 10.94
C ILE B 561 58.18 -4.44 10.88
N LEU B 562 58.68 -4.95 12.01
CA LEU B 562 60.05 -5.41 12.04
C LEU B 562 60.26 -6.64 11.15
N ASP B 563 59.25 -7.53 11.09
CA ASP B 563 59.36 -8.67 10.18
C ASP B 563 59.42 -8.22 8.73
N PHE B 564 58.63 -7.21 8.37
CA PHE B 564 58.71 -6.66 7.02
C PHE B 564 60.10 -6.08 6.74
N TYR B 565 60.64 -5.34 7.70
CA TYR B 565 61.94 -4.73 7.44
C TYR B 565 63.07 -5.75 7.46
N GLU B 566 62.87 -6.91 8.10
CA GLU B 566 63.83 -8.00 7.96
C GLU B 566 63.96 -8.44 6.51
N LYS B 567 62.83 -8.58 5.81
CA LYS B 567 62.89 -8.89 4.39
C LYS B 567 63.46 -7.73 3.59
N VAL B 568 63.18 -6.50 4.00
CA VAL B 568 63.68 -5.34 3.27
C VAL B 568 65.20 -5.27 3.35
N CYS B 569 65.79 -5.67 4.48
CA CYS B 569 67.19 -5.37 4.78
C CYS B 569 68.19 -6.03 3.84
N ASP B 570 67.84 -7.13 3.18
CA ASP B 570 68.84 -7.95 2.47
C ASP B 570 68.64 -7.92 0.96
N ILE B 571 68.16 -6.81 0.41
CA ILE B 571 67.91 -6.73 -1.03
C ILE B 571 69.20 -6.87 -1.81
N TYR B 572 70.25 -6.17 -1.39
CA TYR B 572 71.49 -6.16 -2.17
C TYR B 572 72.20 -7.50 -2.12
N ILE B 573 72.08 -8.23 -1.02
CA ILE B 573 72.78 -9.51 -0.91
C ILE B 573 71.98 -10.63 -1.55
N ASN B 574 70.69 -10.72 -1.25
CA ASN B 574 69.90 -11.85 -1.73
C ASN B 574 69.65 -11.77 -3.24
N TYR B 575 69.38 -10.57 -3.75
CA TYR B 575 68.99 -10.40 -5.14
C TYR B 575 70.04 -9.68 -5.98
N ASN B 576 71.18 -9.29 -5.38
CA ASN B 576 72.26 -8.65 -6.11
C ASN B 576 71.79 -7.40 -6.85
N LEU B 577 70.93 -6.61 -6.20
CA LEU B 577 70.44 -5.38 -6.77
C LEU B 577 70.92 -4.21 -5.94
N PRO B 578 71.50 -3.18 -6.56
CA PRO B 578 72.01 -2.05 -5.78
C PRO B 578 70.90 -1.18 -5.22
N LEU B 579 70.62 -1.34 -3.91
CA LEU B 579 69.58 -0.55 -3.25
C LEU B 579 69.69 -0.69 -1.74
N VAL B 580 69.79 0.43 -1.03
CA VAL B 580 69.80 0.44 0.42
C VAL B 580 68.86 1.54 0.88
N VAL B 581 67.81 1.17 1.60
CA VAL B 581 66.80 2.11 2.08
C VAL B 581 66.65 1.93 3.59
N LEU B 582 66.68 3.02 4.32
CA LEU B 582 66.61 2.99 5.78
C LEU B 582 65.23 3.41 6.27
N PHE B 583 64.75 2.69 7.28
CA PHE B 583 63.44 2.95 7.82
C PHE B 583 63.45 4.17 8.75
N PRO B 584 62.34 4.90 8.84
CA PRO B 584 62.34 6.23 9.45
C PRO B 584 62.71 6.18 10.92
N PRO B 585 63.27 7.27 11.45
CA PRO B 585 63.69 7.28 12.87
C PRO B 585 62.56 7.05 13.86
N GLY B 586 61.31 7.30 13.47
CA GLY B 586 60.22 7.01 14.38
C GLY B 586 60.16 5.55 14.76
N ILE B 587 60.28 4.65 13.78
CA ILE B 587 60.22 3.23 14.07
C ILE B 587 61.41 2.81 14.92
N PHE B 588 62.60 3.34 14.60
CA PHE B 588 63.80 3.02 15.36
C PHE B 588 63.65 3.42 16.83
N TYR B 589 63.20 4.66 17.08
CA TYR B 589 63.09 5.12 18.46
C TYR B 589 61.89 4.56 19.19
N SER B 590 60.87 4.07 18.47
CA SER B 590 59.80 3.36 19.16
C SER B 590 60.25 1.95 19.54
N ALA B 591 61.03 1.29 18.68
CA ALA B 591 61.49 -0.06 18.99
C ALA B 591 62.59 -0.09 20.04
N LEU B 592 63.50 0.90 20.03
CA LEU B 592 64.61 0.88 20.97
C LEU B 592 64.13 1.09 22.40
N LEU B 593 63.14 1.95 22.61
CA LEU B 593 62.65 2.29 23.93
C LEU B 593 61.45 1.44 24.34
N SER B 594 61.37 0.21 23.84
CA SER B 594 60.27 -0.68 24.16
C SER B 594 60.66 -1.60 25.31
N LEU B 595 59.65 -2.16 25.97
CA LEU B 595 59.86 -3.07 27.09
C LEU B 595 60.09 -4.51 26.66
N ASP B 596 59.85 -4.83 25.39
CA ASP B 596 59.98 -6.20 24.90
C ASP B 596 61.45 -6.51 24.60
N THR B 597 61.86 -7.73 24.96
CA THR B 597 63.22 -8.18 24.67
C THR B 597 63.35 -8.71 23.25
N SER B 598 62.32 -9.39 22.74
CA SER B 598 62.36 -9.90 21.38
C SER B 598 62.46 -8.77 20.37
N ILE B 599 61.79 -7.64 20.64
CA ILE B 599 61.89 -6.48 19.76
C ILE B 599 63.33 -5.98 19.71
N LEU B 600 63.98 -5.91 20.87
CA LEU B 600 65.37 -5.48 20.91
C LEU B 600 66.27 -6.44 20.16
N ASN B 601 66.03 -7.75 20.31
CA ASN B 601 66.83 -8.74 19.59
C ASN B 601 66.67 -8.58 18.08
N GLN B 602 65.42 -8.41 17.63
CA GLN B 602 65.17 -8.24 16.20
C GLN B 602 65.80 -6.95 15.68
N LEU B 603 65.75 -5.88 16.46
CA LEU B 603 66.37 -4.62 16.05
C LEU B 603 67.89 -4.79 15.93
N CYS B 604 68.51 -5.49 16.87
CA CYS B 604 69.94 -5.73 16.78
C CYS B 604 70.29 -6.55 15.54
N PHE B 605 69.47 -7.57 15.25
CA PHE B 605 69.71 -8.37 14.05
C PHE B 605 69.60 -7.53 12.79
N ILE B 606 68.58 -6.66 12.72
CA ILE B 606 68.41 -5.83 11.53
C ILE B 606 69.57 -4.85 11.38
N MET B 607 70.04 -4.29 12.50
CA MET B 607 71.18 -3.39 12.43
C MET B 607 72.43 -4.12 11.95
N HIS B 608 72.64 -5.35 12.42
CA HIS B 608 73.77 -6.14 11.94
C HIS B 608 73.66 -6.42 10.44
N ARG B 609 72.45 -6.72 9.97
CA ARG B 609 72.25 -6.95 8.55
C ARG B 609 72.53 -5.71 7.72
N TYR B 610 72.08 -4.53 8.18
CA TYR B 610 72.43 -3.29 7.51
C TYR B 610 73.94 -3.08 7.47
N ARG B 611 74.63 -3.34 8.58
CA ARG B 611 76.08 -3.16 8.59
C ARG B 611 76.74 -4.08 7.57
N LYS B 612 76.32 -5.35 7.53
CA LYS B 612 76.90 -6.30 6.59
C LYS B 612 76.64 -5.89 5.15
N ASN B 613 75.40 -5.47 4.84
CA ASN B 613 75.08 -5.07 3.48
C ASN B 613 75.86 -3.83 3.08
N LEU B 614 75.99 -2.86 3.98
CA LEU B 614 76.72 -1.64 3.65
C LEU B 614 78.20 -1.93 3.42
N THR B 615 78.81 -2.76 4.27
CA THR B 615 80.22 -3.05 4.09
C THR B 615 80.47 -3.96 2.89
N ALA B 616 79.48 -4.73 2.46
CA ALA B 616 79.62 -5.50 1.23
C ALA B 616 79.45 -4.62 0.00
N ALA B 617 78.55 -3.63 0.06
CA ALA B 617 78.31 -2.76 -1.08
C ALA B 617 79.39 -1.71 -1.25
N LYS B 618 80.03 -1.28 -0.17
CA LYS B 618 81.03 -0.22 -0.28
C LYS B 618 82.24 -0.68 -1.10
N LYS B 619 82.70 -1.91 -0.88
CA LYS B 619 83.85 -2.41 -1.63
C LYS B 619 83.51 -2.62 -3.10
N ASN B 620 82.29 -3.06 -3.42
CA ASN B 620 81.89 -3.22 -4.81
C ASN B 620 81.58 -1.89 -5.50
N GLU B 621 81.31 -0.84 -4.71
CA GLU B 621 81.10 0.48 -5.30
C GLU B 621 82.34 0.98 -6.02
N LEU B 622 83.53 0.75 -5.45
CA LEU B 622 84.76 1.12 -6.12
C LEU B 622 84.95 0.34 -7.42
N VAL B 623 84.59 -0.94 -7.42
CA VAL B 623 84.71 -1.73 -8.63
C VAL B 623 83.74 -1.27 -9.72
N GLN B 624 82.49 -0.98 -9.36
CA GLN B 624 81.51 -0.60 -10.36
C GLN B 624 81.76 0.82 -10.88
N LYS B 625 82.45 1.64 -10.10
CA LYS B 625 82.81 2.98 -10.57
C LYS B 625 83.96 2.93 -11.56
N ASN B 631 75.32 5.43 -8.05
CA ASN B 631 76.10 5.94 -6.94
C ASN B 631 75.26 6.00 -5.67
N PHE B 632 75.83 5.51 -4.56
CA PHE B 632 75.12 5.49 -3.29
C PHE B 632 75.31 6.81 -2.56
N SER B 633 74.21 7.39 -2.09
CA SER B 633 74.27 8.65 -1.37
C SER B 633 74.94 8.45 -0.01
N SER B 634 75.81 9.39 0.36
CA SER B 634 76.49 9.31 1.65
C SER B 634 75.55 9.60 2.80
N LYS B 635 74.50 10.41 2.56
CA LYS B 635 73.56 10.78 3.60
C LYS B 635 73.01 9.56 4.31
N THR B 636 72.80 8.47 3.55
CA THR B 636 72.44 7.20 4.15
C THR B 636 73.52 6.72 5.12
N TYR B 637 74.79 6.89 4.73
CA TYR B 637 75.89 6.47 5.59
C TYR B 637 75.91 7.26 6.90
N GLN B 638 75.71 8.58 6.82
CA GLN B 638 75.68 9.36 8.06
C GLN B 638 74.47 9.00 8.92
N GLU B 639 73.32 8.76 8.30
CA GLU B 639 72.15 8.36 9.09
C GLU B 639 72.40 7.03 9.80
N PHE B 640 72.98 6.07 9.09
CA PHE B 640 73.29 4.78 9.72
C PHE B 640 74.32 4.95 10.83
N ASN B 641 75.30 5.82 10.61
CA ASN B 641 76.30 6.08 11.65
C ASN B 641 75.65 6.68 12.89
N HIS B 642 74.71 7.61 12.70
CA HIS B 642 74.01 8.20 13.83
C HIS B 642 73.19 7.16 14.57
N TYR B 643 72.51 6.28 13.84
CA TYR B 643 71.73 5.23 14.47
C TYR B 643 72.62 4.31 15.29
N LEU B 644 73.75 3.91 14.71
CA LEU B 644 74.67 3.02 15.41
C LEU B 644 75.26 3.69 16.64
N THR B 645 75.58 4.98 16.53
CA THR B 645 76.12 5.73 17.66
C THR B 645 75.11 5.78 18.80
N SER B 646 73.85 6.06 18.47
CA SER B 646 72.81 6.08 19.49
C SER B 646 72.65 4.71 20.14
N MET B 647 72.67 3.65 19.32
CA MET B 647 72.51 2.30 19.84
C MET B 647 73.64 1.94 20.80
N VAL B 648 74.88 2.19 20.40
CA VAL B 648 76.01 1.83 21.25
C VAL B 648 76.04 2.71 22.51
N GLY B 649 75.67 3.99 22.39
CA GLY B 649 75.60 4.84 23.55
C GLY B 649 74.55 4.41 24.55
N CYS B 650 73.40 3.93 24.07
CA CYS B 650 72.37 3.40 24.96
C CYS B 650 72.66 2.00 25.49
N LEU B 651 73.51 1.23 24.79
CA LEU B 651 73.74 -0.15 25.22
C LEU B 651 74.78 -0.23 26.34
N TRP B 652 76.03 0.15 26.04
CA TRP B 652 77.08 0.04 27.04
C TRP B 652 78.06 1.22 27.05
N THR B 653 77.91 2.19 26.15
CA THR B 653 78.83 3.33 26.12
C THR B 653 78.45 4.41 27.11
N SER B 654 77.26 4.31 27.70
CA SER B 654 76.78 5.29 28.69
C SER B 654 76.72 6.70 28.10
N LYS B 655 76.34 6.79 26.83
CA LYS B 655 76.15 8.08 26.15
C LYS B 655 74.81 8.05 25.42
N PRO B 656 73.70 8.09 26.16
CA PRO B 656 72.38 7.99 25.51
C PRO B 656 71.94 9.25 24.80
N PHE B 657 72.59 10.38 25.05
CA PHE B 657 72.18 11.66 24.46
C PHE B 657 72.86 11.84 23.12
N GLY B 658 72.26 11.24 22.10
CA GLY B 658 72.74 11.35 20.73
C GLY B 658 72.04 12.44 19.96
N LYS B 659 72.02 12.28 18.63
CA LYS B 659 71.36 13.27 17.78
C LYS B 659 69.84 13.22 17.92
N GLY B 660 69.27 12.04 18.16
CA GLY B 660 67.84 11.90 18.30
C GLY B 660 67.34 12.27 19.68
N ILE B 661 67.98 11.73 20.71
CA ILE B 661 67.61 12.06 22.10
C ILE B 661 68.41 13.30 22.46
N TYR B 662 67.90 14.45 22.05
CA TYR B 662 68.54 15.74 22.31
C TYR B 662 67.89 16.39 23.53
N ILE B 663 68.02 15.71 24.67
CA ILE B 663 67.43 16.15 25.92
C ILE B 663 68.52 16.77 26.78
N ASP B 664 68.37 18.05 27.08
CA ASP B 664 69.35 18.76 27.89
C ASP B 664 69.29 18.28 29.34
N PRO B 665 70.41 18.36 30.07
CA PRO B 665 70.45 17.79 31.43
C PRO B 665 69.68 18.57 32.48
N GLU B 666 69.25 19.80 32.19
CA GLU B 666 68.57 20.58 33.23
C GLU B 666 67.21 19.99 33.58
N ILE B 667 66.54 19.36 32.62
CA ILE B 667 65.26 18.72 32.91
C ILE B 667 65.44 17.58 33.90
N LEU B 668 66.47 16.74 33.68
CA LEU B 668 66.76 15.68 34.63
C LEU B 668 67.20 16.23 35.97
N GLU B 669 67.97 17.33 35.96
CA GLU B 669 68.45 17.92 37.20
C GLU B 669 67.30 18.45 38.05
N LYS B 670 66.33 19.14 37.43
CA LYS B 670 65.19 19.64 38.19
C LYS B 670 64.22 18.53 38.55
N THR B 671 64.12 17.49 37.72
CA THR B 671 63.24 16.38 38.04
C THR B 671 63.79 15.56 39.20
N GLY B 672 65.10 15.30 39.19
CA GLY B 672 65.72 14.53 40.25
C GLY B 672 66.43 13.29 39.77
N VAL B 673 66.85 13.28 38.51
CA VAL B 673 67.57 12.15 37.93
C VAL B 673 69.06 12.43 38.02
N ALA B 674 69.77 11.63 38.82
CA ALA B 674 71.20 11.81 39.01
C ALA B 674 72.03 10.86 38.14
N GLU B 675 71.65 9.59 38.06
CA GLU B 675 72.37 8.58 37.29
C GLU B 675 71.57 8.30 36.03
N TYR B 676 71.90 9.01 34.95
CA TYR B 676 71.24 8.83 33.67
C TYR B 676 72.16 8.26 32.60
N LYS B 677 73.48 8.28 32.82
CA LYS B 677 74.40 7.76 31.82
C LYS B 677 74.24 6.25 31.65
N ASN B 678 74.16 5.51 32.75
CA ASN B 678 74.07 4.06 32.73
C ASN B 678 72.70 3.59 33.23
N SER B 679 71.67 4.37 32.93
CA SER B 679 70.31 3.98 33.30
C SER B 679 69.64 3.15 32.22
N LEU B 680 70.02 3.35 30.95
CA LEU B 680 69.49 2.57 29.83
C LEU B 680 70.45 1.46 29.40
N ASN B 681 71.48 1.20 30.21
CA ASN B 681 72.50 0.23 29.86
C ASN B 681 71.92 -1.19 29.97
N VAL B 682 72.78 -2.19 29.76
CA VAL B 682 72.34 -3.58 29.80
C VAL B 682 71.77 -3.96 31.16
N VAL B 683 72.37 -3.46 32.24
CA VAL B 683 71.94 -3.83 33.59
C VAL B 683 70.62 -3.15 33.96
N HIS B 684 70.49 -1.86 33.65
CA HIS B 684 69.38 -1.07 34.14
C HIS B 684 68.30 -0.82 33.09
N HIS B 685 68.40 -1.46 31.93
CA HIS B 685 67.36 -1.30 30.93
C HIS B 685 66.05 -1.91 31.42
N PRO B 686 64.91 -1.24 31.22
CA PRO B 686 63.63 -1.79 31.68
C PRO B 686 63.28 -3.14 31.08
N SER B 687 63.71 -3.41 29.84
CA SER B 687 63.41 -4.70 29.23
C SER B 687 64.15 -5.84 29.93
N PHE B 688 65.38 -5.58 30.37
CA PHE B 688 66.17 -6.62 31.04
C PHE B 688 65.91 -6.71 32.53
N LEU B 689 64.82 -6.12 33.02
CA LEU B 689 64.52 -6.15 34.44
C LEU B 689 64.30 -7.57 34.93
N SER B 690 63.56 -8.37 34.15
CA SER B 690 63.28 -9.74 34.55
C SER B 690 64.57 -10.56 34.66
N TYR B 691 65.46 -10.39 33.69
CA TYR B 691 66.73 -11.11 33.72
C TYR B 691 67.58 -10.67 34.90
N ALA B 692 67.56 -9.37 35.21
CA ALA B 692 68.30 -8.87 36.37
C ALA B 692 67.75 -9.46 37.67
N VAL B 693 66.43 -9.53 37.79
CA VAL B 693 65.83 -10.13 38.99
C VAL B 693 66.19 -11.60 39.09
N SER B 694 66.12 -12.32 37.96
CA SER B 694 66.46 -13.74 37.97
C SER B 694 67.91 -13.98 38.35
N PHE B 695 68.85 -13.19 37.83
CA PHE B 695 70.25 -13.32 38.17
C PHE B 695 70.58 -12.84 39.57
N LEU B 696 69.77 -11.95 40.14
CA LEU B 696 70.01 -11.46 41.49
C LEU B 696 69.83 -12.56 42.53
N LEU B 697 68.87 -13.45 42.33
CA LEU B 697 68.65 -14.53 43.28
C LEU B 697 69.81 -15.52 43.33
N GLN B 698 70.51 -15.70 42.22
CA GLN B 698 71.64 -16.62 42.16
C GLN B 698 72.86 -16.03 42.85
N SER B 717 77.11 -9.65 37.69
CA SER B 717 78.55 -9.88 37.50
C SER B 717 78.80 -10.93 36.43
N TRP B 718 79.44 -10.51 35.35
CA TRP B 718 79.77 -11.34 34.19
C TRP B 718 78.62 -12.30 33.85
N TYR B 719 77.42 -11.71 33.75
CA TYR B 719 76.22 -12.47 33.44
C TYR B 719 75.82 -12.36 31.97
N LEU B 720 76.67 -11.78 31.13
CA LEU B 720 76.37 -11.72 29.70
C LEU B 720 76.26 -13.12 29.10
N ASP B 721 77.06 -14.07 29.59
CA ASP B 721 76.93 -15.45 29.14
C ASP B 721 75.56 -16.03 29.49
N TYR B 722 75.01 -15.66 30.66
CA TYR B 722 73.67 -16.10 31.01
C TYR B 722 72.64 -15.54 30.04
N LEU B 723 72.78 -14.26 29.67
CA LEU B 723 71.86 -13.67 28.70
C LEU B 723 71.97 -14.37 27.35
N PHE B 724 73.18 -14.68 26.92
CA PHE B 724 73.36 -15.38 25.65
C PHE B 724 72.75 -16.78 25.72
N SER B 725 72.91 -17.47 26.85
CA SER B 725 72.30 -18.77 27.02
C SER B 725 70.78 -18.69 27.04
N GLN B 726 70.23 -17.55 27.46
CA GLN B 726 68.79 -17.38 27.45
C GLN B 726 68.22 -17.33 26.03
N GLY B 727 69.06 -17.05 25.03
CA GLY B 727 68.60 -17.08 23.65
C GLY B 727 68.80 -15.78 22.90
N LEU B 728 69.57 -14.85 23.48
CA LEU B 728 69.78 -13.54 22.86
C LEU B 728 70.86 -13.67 21.79
N GLN B 729 70.48 -14.32 20.69
CA GLN B 729 71.42 -14.56 19.60
C GLN B 729 71.71 -13.30 18.81
N GLY B 730 70.69 -12.50 18.52
CA GLY B 730 70.90 -11.29 17.74
C GLY B 730 71.78 -10.29 18.46
N LEU B 731 71.58 -10.11 19.77
CA LEU B 731 72.43 -9.22 20.54
C LEU B 731 73.88 -9.72 20.54
N LYS B 732 74.07 -11.03 20.67
CA LYS B 732 75.42 -11.58 20.62
C LYS B 732 76.08 -11.33 19.27
N LEU B 733 75.33 -11.53 18.19
CA LEU B 733 75.89 -11.27 16.86
C LEU B 733 76.25 -9.80 16.69
N PHE B 734 75.37 -8.90 17.16
CA PHE B 734 75.66 -7.47 17.07
C PHE B 734 76.89 -7.10 17.88
N ILE B 735 77.03 -7.67 19.09
CA ILE B 735 78.19 -7.38 19.91
C ILE B 735 79.47 -7.88 19.23
N ARG B 736 79.44 -9.10 18.68
CA ARG B 736 80.62 -9.61 18.00
C ARG B 736 80.98 -8.79 16.77
N SER B 737 79.98 -8.32 16.02
CA SER B 737 80.26 -7.52 14.84
C SER B 737 80.72 -6.10 15.19
N SER B 738 80.31 -5.58 16.34
CA SER B 738 80.68 -4.22 16.72
C SER B 738 82.03 -4.14 17.42
N VAL B 739 82.28 -5.05 18.38
CA VAL B 739 83.56 -5.02 19.10
C VAL B 739 84.71 -5.32 18.15
N HIS B 740 84.55 -6.32 17.29
CA HIS B 740 85.59 -6.69 16.34
C HIS B 740 85.54 -5.81 15.10
N ASN C 19 49.67 16.94 47.00
CA ASN C 19 49.86 15.89 46.00
C ASN C 19 49.76 16.46 44.59
N THR C 20 50.01 15.61 43.60
CA THR C 20 49.93 16.04 42.20
C THR C 20 48.49 16.16 41.73
N GLU C 21 47.53 15.59 42.46
CA GLU C 21 46.13 15.68 42.05
C GLU C 21 45.66 17.13 42.05
N GLU C 22 46.04 17.90 43.06
CA GLU C 22 45.68 19.31 43.10
C GLU C 22 46.27 20.07 41.92
N GLU C 23 47.53 19.77 41.58
CA GLU C 23 48.16 20.41 40.42
C GLU C 23 47.43 20.06 39.13
N LEU C 24 47.04 18.79 38.97
CA LEU C 24 46.30 18.39 37.78
C LEU C 24 44.96 19.10 37.70
N ILE C 25 44.26 19.20 38.82
CA ILE C 25 42.97 19.87 38.85
C ILE C 25 43.12 21.35 38.49
N ARG C 26 44.15 22.00 39.05
CA ARG C 26 44.39 23.40 38.76
C ARG C 26 44.73 23.60 37.28
N GLU C 27 45.54 22.71 36.71
CA GLU C 27 45.88 22.82 35.30
C GLU C 27 44.65 22.64 34.42
N CYS C 28 43.79 21.68 34.78
CA CYS C 28 42.56 21.47 34.02
C CYS C 28 41.66 22.70 34.10
N GLU C 29 41.55 23.30 35.28
CA GLU C 29 40.72 24.49 35.43
C GLU C 29 41.26 25.66 34.62
N GLU C 30 42.59 25.86 34.65
CA GLU C 30 43.18 26.94 33.87
C GLU C 30 42.97 26.72 32.37
N MET C 31 43.12 25.47 31.92
CA MET C 31 42.92 25.17 30.51
C MET C 31 41.47 25.37 30.12
N TRP C 32 40.54 25.03 31.01
CA TRP C 32 39.12 25.27 30.73
C TRP C 32 38.82 26.75 30.62
N LYS C 33 39.41 27.55 31.51
CA LYS C 33 39.21 29.00 31.44
C LYS C 33 39.77 29.56 30.14
N ASP C 34 40.97 29.12 29.75
CA ASP C 34 41.54 29.57 28.49
C ASP C 34 40.67 29.15 27.31
N MET C 35 40.11 27.93 27.37
CA MET C 35 39.20 27.47 26.33
C MET C 35 37.95 28.35 26.25
N GLU C 36 37.40 28.72 27.40
CA GLU C 36 36.22 29.60 27.41
C GLU C 36 36.55 30.95 26.79
N GLU C 37 37.69 31.53 27.15
CA GLU C 37 38.08 32.82 26.58
C GLU C 37 38.29 32.70 25.08
N CYS C 38 38.92 31.61 24.63
CA CYS C 38 39.14 31.40 23.20
C CYS C 38 37.83 31.28 22.45
N GLN C 39 36.87 30.54 23.01
CA GLN C 39 35.57 30.39 22.36
C GLN C 39 34.84 31.73 22.29
N ASN C 40 34.91 32.51 23.37
CA ASN C 40 34.27 33.82 23.36
C ASN C 40 34.90 34.73 22.31
N LYS C 41 36.22 34.69 22.17
CA LYS C 41 36.88 35.49 21.14
C LYS C 41 36.50 35.02 19.74
N LEU C 42 36.41 33.71 19.53
CA LEU C 42 36.08 33.18 18.21
C LEU C 42 34.63 33.40 17.82
N SER C 43 33.74 33.55 18.80
CA SER C 43 32.31 33.66 18.47
C SER C 43 31.92 34.98 17.80
N LEU C 44 32.86 35.85 17.39
CA LEU C 44 32.53 37.12 16.77
C LEU C 44 32.77 37.13 15.26
N ILE C 45 32.90 35.96 14.64
CA ILE C 45 33.17 35.85 13.20
C ILE C 45 31.91 35.36 12.50
N GLY C 46 31.57 36.01 11.39
CA GLY C 46 30.38 35.63 10.65
C GLY C 46 30.55 34.34 9.86
N THR C 47 29.42 33.75 9.50
CA THR C 47 29.42 32.50 8.77
C THR C 47 29.64 32.74 7.28
N GLU C 48 30.20 31.72 6.60
CA GLU C 48 30.47 31.77 5.17
C GLU C 48 30.02 30.47 4.54
N THR C 49 29.01 30.53 3.69
CA THR C 49 28.49 29.37 2.99
C THR C 49 29.06 29.30 1.58
N LEU C 50 29.14 28.10 1.04
CA LEU C 50 29.71 27.85 -0.27
C LEU C 50 28.63 27.45 -1.28
N THR C 51 29.00 27.52 -2.55
CA THR C 51 28.15 27.09 -3.66
C THR C 51 28.89 26.04 -4.46
N ASP C 52 28.23 25.51 -5.49
CA ASP C 52 28.83 24.48 -6.31
C ASP C 52 29.88 25.02 -7.28
N SER C 53 30.00 26.33 -7.41
CA SER C 53 30.94 26.93 -8.35
C SER C 53 32.23 27.41 -7.71
N ASN C 54 32.18 27.88 -6.45
CA ASN C 54 33.37 28.41 -5.79
C ASN C 54 33.68 27.66 -4.52
N ALA C 55 33.58 26.32 -4.56
CA ALA C 55 33.80 25.50 -3.39
C ALA C 55 35.23 24.99 -3.27
N GLN C 56 35.82 24.51 -4.37
CA GLN C 56 37.13 23.88 -4.31
C GLN C 56 38.21 24.89 -3.95
N LEU C 57 38.23 26.03 -4.62
CA LEU C 57 39.29 27.02 -4.39
C LEU C 57 39.23 27.57 -2.97
N SER C 58 38.03 27.90 -2.49
CA SER C 58 37.89 28.43 -1.14
C SER C 58 38.34 27.41 -0.10
N LEU C 59 37.97 26.14 -0.29
CA LEU C 59 38.39 25.09 0.63
C LEU C 59 39.90 24.92 0.61
N LEU C 60 40.52 24.99 -0.57
CA LEU C 60 41.98 24.89 -0.64
C LEU C 60 42.65 26.03 0.10
N ILE C 61 42.14 27.26 -0.08
CA ILE C 61 42.72 28.40 0.61
C ILE C 61 42.58 28.26 2.12
N MET C 62 41.41 27.82 2.57
CA MET C 62 41.21 27.62 4.01
C MET C 62 42.12 26.53 4.55
N GLN C 63 42.31 25.46 3.78
CA GLN C 63 43.23 24.41 4.21
C GLN C 63 44.65 24.94 4.34
N VAL C 64 45.08 25.77 3.39
CA VAL C 64 46.42 26.35 3.45
C VAL C 64 46.56 27.20 4.71
N LYS C 65 45.56 28.06 4.98
CA LYS C 65 45.63 28.91 6.16
C LYS C 65 45.66 28.10 7.44
N CYS C 66 44.82 27.06 7.53
CA CYS C 66 44.77 26.24 8.73
C CYS C 66 46.09 25.49 8.95
N LEU C 67 46.67 24.97 7.87
CA LEU C 67 47.96 24.29 8.00
C LEU C 67 49.05 25.25 8.44
N THR C 68 49.05 26.47 7.89
CA THR C 68 50.04 27.46 8.30
C THR C 68 49.90 27.80 9.77
N ALA C 69 48.66 27.95 10.24
CA ALA C 69 48.45 28.23 11.67
C ALA C 69 48.89 27.05 12.53
N GLU C 70 48.56 25.83 12.11
CA GLU C 70 48.89 24.65 12.92
C GLU C 70 50.38 24.41 13.01
N LEU C 71 51.12 24.70 11.94
CA LEU C 71 52.58 24.54 11.99
C LEU C 71 53.18 25.46 13.04
N SER C 72 52.76 26.72 13.05
CA SER C 72 53.25 27.66 14.06
C SER C 72 52.83 27.24 15.46
N GLN C 73 51.60 26.73 15.61
CA GLN C 73 51.15 26.26 16.92
C GLN C 73 52.01 25.11 17.40
N TRP C 74 52.34 24.15 16.52
CA TRP C 74 53.15 23.01 16.91
C TRP C 74 54.59 23.39 17.19
N GLN C 75 55.13 24.38 16.48
CA GLN C 75 56.51 24.78 16.73
C GLN C 75 56.71 25.35 18.12
N LYS C 76 55.69 26.02 18.66
CA LYS C 76 55.80 26.64 19.97
C LYS C 76 55.72 25.64 21.12
N LYS C 77 55.16 24.45 20.89
CA LYS C 77 54.94 23.50 21.97
C LYS C 77 56.26 22.95 22.49
N THR C 78 56.31 22.73 23.80
CA THR C 78 57.49 22.20 24.48
C THR C 78 57.09 21.04 25.36
N PRO C 79 57.98 20.06 25.55
CA PRO C 79 57.66 18.93 26.43
C PRO C 79 57.56 19.37 27.88
N GLU C 80 56.38 19.16 28.47
CA GLU C 80 56.13 19.54 29.85
C GLU C 80 56.70 18.50 30.80
N THR C 81 57.34 18.98 31.87
CA THR C 81 57.92 18.08 32.86
C THR C 81 56.86 17.51 33.80
N ILE C 82 56.22 18.39 34.57
CA ILE C 82 55.20 18.07 35.58
C ILE C 82 55.55 16.77 36.29
N PRO C 83 56.61 16.74 37.08
CA PRO C 83 57.03 15.48 37.74
C PRO C 83 55.94 14.94 38.65
N LEU C 84 55.77 13.62 38.61
CA LEU C 84 54.79 12.93 39.44
C LEU C 84 55.50 12.21 40.57
N THR C 85 54.75 11.41 41.32
CA THR C 85 55.31 10.60 42.39
C THR C 85 55.88 9.32 41.79
N GLU C 86 56.28 8.38 42.65
CA GLU C 86 56.86 7.12 42.20
C GLU C 86 55.86 5.98 42.15
N ASP C 87 54.83 6.00 43.01
CA ASP C 87 53.86 4.91 43.04
C ASP C 87 53.06 4.83 41.74
N VAL C 88 52.69 5.98 41.18
CA VAL C 88 51.92 5.98 39.93
C VAL C 88 52.73 5.36 38.81
N LEU C 89 54.03 5.64 38.76
CA LEU C 89 54.88 5.01 37.76
C LEU C 89 54.93 3.50 37.95
N ILE C 90 54.99 3.05 39.20
CA ILE C 90 55.01 1.61 39.47
C ILE C 90 53.72 0.96 38.97
N THR C 91 52.57 1.59 39.25
CA THR C 91 51.30 1.04 38.80
C THR C 91 51.22 1.02 37.28
N LEU C 92 51.68 2.09 36.63
CA LEU C 92 51.68 2.12 35.17
C LEU C 92 52.54 1.01 34.59
N GLY C 93 53.73 0.80 35.18
CA GLY C 93 54.57 -0.29 34.74
C GLY C 93 53.93 -1.65 34.93
N LYS C 94 53.22 -1.83 36.06
CA LYS C 94 52.54 -3.09 36.30
C LYS C 94 51.48 -3.36 35.24
N GLU C 95 50.68 -2.33 34.92
CA GLU C 95 49.67 -2.50 33.87
C GLU C 95 50.31 -2.78 32.52
N GLU C 96 51.42 -2.09 32.21
CA GLU C 96 52.10 -2.33 30.95
C GLU C 96 52.61 -3.77 30.85
N PHE C 97 53.20 -4.29 31.93
CA PHE C 97 53.65 -5.68 31.93
C PHE C 97 52.47 -6.64 31.79
N GLN C 98 51.36 -6.34 32.47
CA GLN C 98 50.20 -7.21 32.38
C GLN C 98 49.69 -7.31 30.95
N LYS C 99 49.58 -6.18 30.25
CA LYS C 99 49.14 -6.23 28.85
C LYS C 99 50.19 -6.90 27.97
N LEU C 100 51.46 -6.62 28.22
CA LEU C 100 52.54 -7.21 27.43
C LEU C 100 52.53 -8.73 27.53
N ARG C 101 52.03 -9.28 28.64
CA ARG C 101 51.91 -10.73 28.75
C ARG C 101 51.02 -11.31 27.65
N GLN C 102 49.81 -10.77 27.50
CA GLN C 102 48.91 -11.27 26.46
C GLN C 102 49.45 -10.96 25.08
N ASP C 103 50.08 -9.80 24.91
CA ASP C 103 50.69 -9.51 23.60
C ASP C 103 51.73 -10.57 23.24
N LEU C 104 52.58 -10.95 24.20
CA LEU C 104 53.59 -11.95 23.94
C LEU C 104 52.96 -13.30 23.61
N GLU C 105 51.90 -13.69 24.33
CA GLU C 105 51.30 -14.99 24.04
C GLU C 105 50.69 -15.02 22.64
N MET C 106 50.03 -13.92 22.22
CA MET C 106 49.49 -13.86 20.87
C MET C 106 50.62 -13.92 19.82
N VAL C 107 51.71 -13.20 20.08
CA VAL C 107 52.84 -13.23 19.16
C VAL C 107 53.39 -14.65 19.02
N LEU C 108 53.51 -15.37 20.14
CA LEU C 108 54.02 -16.73 20.11
C LEU C 108 53.12 -17.63 19.27
N SER C 109 51.81 -17.53 19.47
CA SER C 109 50.90 -18.38 18.70
C SER C 109 51.00 -18.09 17.21
N THR C 110 51.06 -16.80 16.85
CA THR C 110 51.20 -16.45 15.43
C THR C 110 52.50 -16.99 14.85
N LYS C 111 53.60 -16.91 15.61
CA LYS C 111 54.86 -17.43 15.13
C LYS C 111 54.80 -18.92 14.89
N GLU C 112 54.15 -19.67 15.79
CA GLU C 112 54.01 -21.10 15.60
C GLU C 112 53.25 -21.42 14.32
N SER C 113 52.14 -20.71 14.09
CA SER C 113 51.38 -20.93 12.87
C SER C 113 52.22 -20.62 11.63
N LYS C 114 52.99 -19.54 11.68
CA LYS C 114 53.85 -19.17 10.56
C LYS C 114 54.87 -20.27 10.28
N ASN C 115 55.47 -20.84 11.32
CA ASN C 115 56.45 -21.90 11.13
C ASN C 115 55.82 -23.12 10.47
N GLU C 116 54.63 -23.51 10.92
CA GLU C 116 53.96 -24.67 10.32
C GLU C 116 53.69 -24.44 8.84
N LYS C 117 53.15 -23.27 8.50
CA LYS C 117 52.87 -22.99 7.09
C LYS C 117 54.15 -22.96 6.27
N LEU C 118 55.23 -22.41 6.83
CA LEU C 118 56.50 -22.37 6.10
C LEU C 118 57.00 -23.78 5.81
N LYS C 119 56.91 -24.69 6.78
CA LYS C 119 57.36 -26.06 6.54
C LYS C 119 56.54 -26.73 5.44
N GLU C 120 55.21 -26.56 5.49
CA GLU C 120 54.37 -27.17 4.45
C GLU C 120 54.72 -26.63 3.07
N ASP C 121 54.89 -25.31 2.96
CA ASP C 121 55.23 -24.72 1.68
C ASP C 121 56.59 -25.18 1.20
N LEU C 122 57.54 -25.37 2.12
CA LEU C 122 58.85 -25.87 1.75
C LEU C 122 58.75 -27.25 1.12
N GLU C 123 57.97 -28.14 1.74
CA GLU C 123 57.80 -29.48 1.18
C GLU C 123 57.17 -29.42 -0.20
N ARG C 124 56.12 -28.61 -0.36
CA ARG C 124 55.45 -28.52 -1.66
C ARG C 124 56.39 -27.99 -2.73
N GLU C 125 57.17 -26.95 -2.40
CA GLU C 125 58.11 -26.38 -3.36
C GLU C 125 59.18 -27.39 -3.74
N GLN C 126 59.64 -28.19 -2.78
CA GLN C 126 60.64 -29.22 -3.10
C GLN C 126 60.08 -30.23 -4.11
N ARG C 127 58.85 -30.68 -3.88
CA ARG C 127 58.25 -31.63 -4.82
C ARG C 127 58.09 -31.01 -6.21
N TRP C 128 57.63 -29.75 -6.26
CA TRP C 128 57.47 -29.09 -7.55
C TRP C 128 58.80 -28.94 -8.27
N LEU C 129 59.86 -28.61 -7.53
CA LEU C 129 61.18 -28.47 -8.13
C LEU C 129 61.66 -29.80 -8.71
N ASP C 130 61.42 -30.90 -7.99
CA ASP C 130 61.81 -32.20 -8.50
C ASP C 130 61.09 -32.51 -9.81
N GLU C 131 59.77 -32.29 -9.83
CA GLU C 131 59.02 -32.57 -11.05
C GLU C 131 59.49 -31.70 -12.21
N GLN C 132 59.77 -30.41 -11.94
CA GLN C 132 60.24 -29.52 -13.00
C GLN C 132 61.60 -29.95 -13.53
N GLN C 133 62.49 -30.39 -12.65
CA GLN C 133 63.78 -30.89 -13.11
C GLN C 133 63.60 -32.09 -14.02
N GLN C 134 62.72 -33.03 -13.63
CA GLN C 134 62.49 -34.21 -14.44
C GLN C 134 61.96 -33.84 -15.82
N ILE C 135 60.96 -32.96 -15.87
CA ILE C 135 60.35 -32.62 -17.16
C ILE C 135 61.33 -31.84 -18.03
N MET C 136 62.13 -30.95 -17.42
CA MET C 136 63.12 -30.22 -18.19
C MET C 136 64.16 -31.17 -18.79
N GLU C 137 64.62 -32.14 -18.00
CA GLU C 137 65.59 -33.09 -18.52
C GLU C 137 65.00 -33.90 -19.68
N SER C 138 63.76 -34.36 -19.53
CA SER C 138 63.13 -35.12 -20.61
C SER C 138 62.99 -34.28 -21.87
N LEU C 139 62.57 -33.03 -21.74
CA LEU C 139 62.41 -32.17 -22.90
C LEU C 139 63.75 -31.88 -23.56
N ASN C 140 64.81 -31.69 -22.77
CA ASN C 140 66.13 -31.46 -23.33
C ASN C 140 66.63 -32.69 -24.09
N VAL C 141 66.39 -33.89 -23.55
CA VAL C 141 66.77 -35.11 -24.25
C VAL C 141 66.02 -35.22 -25.57
N LEU C 142 64.72 -34.92 -25.55
CA LEU C 142 63.93 -34.98 -26.79
C LEU C 142 64.43 -33.96 -27.80
N HIS C 143 64.81 -32.76 -27.34
CA HIS C 143 65.39 -31.76 -28.23
C HIS C 143 66.68 -32.25 -28.85
N SER C 144 67.56 -32.85 -28.05
CA SER C 144 68.81 -33.37 -28.60
C SER C 144 68.54 -34.47 -29.62
N GLU C 145 67.58 -35.35 -29.33
CA GLU C 145 67.25 -36.43 -30.25
C GLU C 145 66.72 -35.89 -31.57
N LEU C 146 65.83 -34.89 -31.52
CA LEU C 146 65.28 -34.36 -32.77
C LEU C 146 66.33 -33.58 -33.55
N LYS C 147 67.20 -32.84 -32.84
CA LYS C 147 68.23 -32.07 -33.53
C LYS C 147 69.27 -32.98 -34.16
N ASN C 148 69.53 -34.14 -33.55
CA ASN C 148 70.47 -35.09 -34.14
C ASN C 148 69.98 -35.60 -35.49
N LYS C 149 68.68 -35.89 -35.60
CA LYS C 149 68.11 -36.37 -36.86
C LYS C 149 67.69 -35.20 -37.75
N PRO D 26 51.48 -5.21 -27.98
CA PRO D 26 50.69 -6.45 -27.96
C PRO D 26 49.20 -6.20 -27.76
N LEU D 27 48.36 -7.12 -28.24
CA LEU D 27 46.93 -6.96 -28.08
C LEU D 27 46.50 -7.10 -26.63
N GLN D 28 47.15 -7.98 -25.87
CA GLN D 28 46.82 -8.13 -24.46
C GLN D 28 47.09 -6.85 -23.68
N LYS D 29 48.22 -6.19 -23.97
CA LYS D 29 48.53 -4.93 -23.31
C LYS D 29 47.51 -3.85 -23.66
N ARG D 30 47.09 -3.81 -24.93
CA ARG D 30 46.08 -2.84 -25.34
C ARG D 30 44.75 -3.11 -24.63
N LEU D 31 44.37 -4.38 -24.52
CA LEU D 31 43.12 -4.72 -23.83
C LEU D 31 43.20 -4.33 -22.35
N GLU D 32 44.33 -4.60 -21.71
CA GLU D 32 44.49 -4.21 -20.31
C GLU D 32 44.44 -2.71 -20.14
N SER D 33 45.08 -1.97 -21.05
CA SER D 33 45.09 -0.51 -20.96
C SER D 33 43.69 0.07 -21.15
N VAL D 34 42.94 -0.45 -22.12
CA VAL D 34 41.59 0.06 -22.36
C VAL D 34 40.65 -0.35 -21.24
N ARG D 35 40.88 -1.50 -20.59
CA ARG D 35 40.04 -1.88 -19.46
C ARG D 35 40.33 -0.99 -18.25
N LYS D 36 41.60 -0.76 -17.94
CA LYS D 36 41.94 0.04 -16.77
C LYS D 36 41.65 1.52 -16.98
N GLN D 37 41.44 1.96 -18.22
CA GLN D 37 41.12 3.36 -18.48
C GLN D 37 39.68 3.70 -18.14
N SER D 38 38.82 2.69 -17.98
CA SER D 38 37.40 2.92 -17.69
C SER D 38 37.26 3.32 -16.22
N SER D 39 37.47 4.60 -15.97
CA SER D 39 37.33 5.19 -14.64
C SER D 39 36.13 6.12 -14.60
N PHE D 40 35.78 6.56 -13.40
CA PHE D 40 34.65 7.45 -13.17
C PHE D 40 35.08 8.90 -12.93
N ILE D 41 36.16 9.33 -13.57
CA ILE D 41 36.64 10.70 -13.45
C ILE D 41 36.24 11.53 -14.66
N LEU D 42 36.45 11.01 -15.86
CA LEU D 42 36.10 11.74 -17.07
C LEU D 42 34.59 11.83 -17.23
N THR D 43 34.12 13.02 -17.60
CA THR D 43 32.70 13.24 -17.79
C THR D 43 32.21 12.50 -19.04
N PRO D 44 31.14 11.73 -18.94
CA PRO D 44 30.61 11.04 -20.13
C PRO D 44 30.19 12.04 -21.19
N PRO D 45 30.37 11.70 -22.46
CA PRO D 45 30.05 12.64 -23.55
C PRO D 45 28.55 12.64 -23.83
N ARG D 46 28.14 13.59 -24.66
CA ARG D 46 26.77 13.69 -25.10
C ARG D 46 26.53 12.78 -26.30
N ARG D 47 25.27 12.63 -26.70
CA ARG D 47 24.91 11.73 -27.77
C ARG D 47 24.21 12.49 -28.89
N LYS D 48 24.47 12.05 -30.12
CA LYS D 48 23.87 12.67 -31.29
C LYS D 48 22.44 12.19 -31.47
N ILE D 49 21.58 13.09 -31.93
CA ILE D 49 20.18 12.74 -32.19
C ILE D 49 20.12 11.73 -33.33
N PRO D 50 19.42 10.61 -33.17
CA PRO D 50 19.34 9.64 -34.27
C PRO D 50 18.68 10.24 -35.50
N GLN D 51 19.29 10.02 -36.65
CA GLN D 51 18.80 10.53 -37.91
C GLN D 51 18.25 9.40 -38.76
N CYS D 52 17.04 9.57 -39.28
CA CYS D 52 16.47 8.56 -40.15
C CYS D 52 17.31 8.40 -41.41
N SER D 53 17.60 7.15 -41.77
CA SER D 53 18.43 6.84 -42.92
C SER D 53 17.83 5.69 -43.69
N GLN D 54 17.88 5.79 -45.03
CA GLN D 54 17.38 4.73 -45.88
C GLN D 54 18.32 3.53 -45.81
N LEU D 55 17.76 2.35 -45.58
CA LEU D 55 18.58 1.15 -45.49
C LEU D 55 19.14 0.78 -46.86
N GLN D 56 20.22 0.01 -46.84
CA GLN D 56 20.83 -0.45 -48.08
C GLN D 56 19.88 -1.36 -48.84
N GLU D 57 19.98 -1.32 -50.16
CA GLU D 57 19.05 -2.05 -51.02
C GLU D 57 19.37 -3.53 -51.15
N ASP D 58 20.47 -3.99 -50.55
CA ASP D 58 20.84 -5.39 -50.63
C ASP D 58 20.14 -6.25 -49.58
N VAL D 59 19.38 -5.65 -48.68
CA VAL D 59 18.71 -6.41 -47.62
C VAL D 59 17.35 -6.89 -48.13
N ASP D 60 16.94 -8.06 -47.67
CA ASP D 60 15.65 -8.62 -48.05
C ASP D 60 14.54 -7.91 -47.28
N PRO D 61 13.60 -7.25 -47.94
CA PRO D 61 12.49 -6.62 -47.20
C PRO D 61 11.65 -7.61 -46.41
N GLN D 62 11.49 -8.84 -46.91
CA GLN D 62 10.70 -9.83 -46.20
C GLN D 62 11.33 -10.17 -44.85
N LYS D 63 12.66 -10.33 -44.81
CA LYS D 63 13.33 -10.62 -43.55
C LYS D 63 13.21 -9.45 -42.58
N VAL D 64 13.32 -8.22 -43.08
CA VAL D 64 13.18 -7.05 -42.21
C VAL D 64 11.76 -6.99 -41.63
N ALA D 65 10.75 -7.25 -42.46
CA ALA D 65 9.38 -7.29 -41.97
C ALA D 65 9.19 -8.40 -40.96
N PHE D 66 9.85 -9.54 -41.14
CA PHE D 66 9.75 -10.63 -40.18
C PHE D 66 10.40 -10.28 -38.85
N LEU D 67 11.49 -9.51 -38.88
CA LEU D 67 12.21 -9.18 -37.67
C LEU D 67 11.47 -8.17 -36.78
N LEU D 68 10.47 -7.48 -37.32
CA LEU D 68 9.76 -6.46 -36.56
C LEU D 68 8.54 -7.05 -35.87
N HIS D 69 8.00 -6.28 -34.92
CA HIS D 69 6.81 -6.66 -34.17
C HIS D 69 7.00 -7.99 -33.46
N LYS D 70 8.18 -8.20 -32.89
CA LYS D 70 8.47 -9.40 -32.12
C LYS D 70 9.19 -9.01 -30.85
N GLN D 71 9.05 -9.85 -29.83
CA GLN D 71 9.68 -9.62 -28.53
C GLN D 71 10.99 -10.40 -28.46
N TRP D 72 12.10 -9.69 -28.25
CA TRP D 72 13.42 -10.29 -28.20
C TRP D 72 13.98 -10.23 -26.79
N THR D 73 14.77 -11.24 -26.44
CA THR D 73 15.51 -11.27 -25.19
C THR D 73 16.99 -11.08 -25.49
N LEU D 74 17.64 -10.22 -24.70
CA LEU D 74 19.00 -9.77 -24.99
C LEU D 74 20.03 -10.58 -24.22
N TYR D 75 21.20 -10.77 -24.85
CA TYR D 75 22.31 -11.48 -24.24
C TYR D 75 23.62 -10.91 -24.77
N SER D 76 24.62 -10.92 -23.90
CA SER D 76 25.98 -10.53 -24.27
C SER D 76 26.81 -11.78 -24.50
N LEU D 77 27.63 -11.76 -25.55
CA LEU D 77 28.36 -12.92 -26.01
C LEU D 77 29.84 -12.58 -26.17
N THR D 78 30.70 -13.43 -25.63
CA THR D 78 32.13 -13.29 -25.82
C THR D 78 32.52 -13.66 -27.24
N PRO D 79 33.68 -13.20 -27.72
CA PRO D 79 34.07 -13.50 -29.10
C PRO D 79 34.19 -15.00 -29.36
N LEU D 80 33.76 -15.40 -30.55
CA LEU D 80 33.83 -16.80 -30.97
C LEU D 80 35.23 -17.11 -31.49
N TYR D 81 35.70 -18.33 -31.23
CA TYR D 81 37.03 -18.75 -31.63
C TYR D 81 36.94 -19.67 -32.83
N LYS D 82 37.66 -19.33 -33.90
CA LYS D 82 37.75 -20.14 -35.11
C LYS D 82 36.36 -20.39 -35.71
N PHE D 83 35.70 -19.31 -36.11
CA PHE D 83 34.41 -19.36 -36.77
C PHE D 83 34.60 -19.01 -38.23
N SER D 84 34.06 -19.85 -39.11
CA SER D 84 34.18 -19.67 -40.56
C SER D 84 32.80 -19.55 -41.18
N TYR D 85 32.64 -18.57 -42.06
CA TYR D 85 31.38 -18.36 -42.76
C TYR D 85 31.20 -19.28 -43.95
N SER D 86 32.25 -19.99 -44.37
CA SER D 86 32.16 -20.82 -45.56
C SER D 86 31.40 -22.11 -45.30
N ASN D 87 31.58 -22.73 -44.14
CA ASN D 87 30.99 -24.03 -43.83
C ASN D 87 29.83 -23.82 -42.85
N LEU D 88 28.65 -23.60 -43.40
CA LEU D 88 27.44 -23.45 -42.59
C LEU D 88 26.57 -24.70 -42.58
N LYS D 89 26.61 -25.52 -43.64
CA LYS D 89 25.83 -26.75 -43.66
C LYS D 89 26.29 -27.72 -42.59
N GLU D 90 27.61 -27.84 -42.41
CA GLU D 90 28.14 -28.75 -41.39
C GLU D 90 27.71 -28.33 -40.00
N TYR D 91 27.74 -27.03 -39.71
CA TYR D 91 27.29 -26.54 -38.42
C TYR D 91 25.81 -26.88 -38.20
N SER D 92 25.00 -26.68 -39.24
CA SER D 92 23.57 -26.97 -39.11
C SER D 92 23.32 -28.45 -38.86
N ARG D 93 24.02 -29.32 -39.58
CA ARG D 93 23.79 -30.75 -39.40
C ARG D 93 24.28 -31.23 -38.04
N LEU D 94 25.41 -30.67 -37.56
CA LEU D 94 25.89 -31.01 -36.24
C LEU D 94 24.91 -30.56 -35.17
N LEU D 95 24.37 -29.34 -35.30
CA LEU D 95 23.39 -28.87 -34.34
C LEU D 95 22.13 -29.71 -34.37
N ASN D 96 21.70 -30.12 -35.57
CA ASN D 96 20.52 -30.98 -35.69
C ASN D 96 20.76 -32.31 -34.99
N ALA D 97 21.93 -32.91 -35.19
CA ALA D 97 22.25 -34.17 -34.52
C ALA D 97 22.27 -33.99 -33.01
N PHE D 98 22.85 -32.90 -32.53
CA PHE D 98 22.92 -32.66 -31.09
C PHE D 98 21.53 -32.49 -30.50
N ILE D 99 20.67 -31.71 -31.16
CA ILE D 99 19.33 -31.47 -30.61
C ILE D 99 18.48 -32.74 -30.67
N VAL D 100 18.68 -33.55 -31.72
CA VAL D 100 17.97 -34.83 -31.78
C VAL D 100 18.42 -35.75 -30.65
N ALA D 101 19.73 -35.81 -30.41
CA ALA D 101 20.23 -36.65 -29.32
C ALA D 101 19.74 -36.18 -27.96
N GLU D 102 19.70 -34.87 -27.73
CA GLU D 102 19.25 -34.35 -26.45
C GLU D 102 17.77 -34.61 -26.21
N LYS D 103 16.94 -34.50 -27.24
CA LYS D 103 15.50 -34.73 -27.10
C LYS D 103 15.20 -36.19 -26.81
N ASN D 116 11.67 -34.68 -37.26
CA ASN D 116 10.46 -33.90 -37.52
C ASN D 116 10.75 -32.40 -37.46
N ILE D 117 11.99 -32.06 -37.11
CA ILE D 117 12.42 -30.67 -37.03
C ILE D 117 13.68 -30.50 -37.88
N LYS D 118 13.95 -29.25 -38.24
CA LYS D 118 15.12 -28.93 -39.05
C LYS D 118 15.75 -27.65 -38.52
N VAL D 119 17.07 -27.55 -38.67
CA VAL D 119 17.83 -26.39 -38.23
C VAL D 119 18.50 -25.76 -39.46
N ILE D 120 18.31 -24.46 -39.63
CA ILE D 120 18.80 -23.75 -40.81
C ILE D 120 19.62 -22.55 -40.37
N PHE D 121 20.75 -22.34 -41.05
CA PHE D 121 21.62 -21.18 -40.83
C PHE D 121 21.49 -20.28 -42.03
N SER D 122 21.18 -19.00 -41.79
CA SER D 122 21.04 -18.02 -42.86
C SER D 122 21.94 -16.83 -42.57
N THR D 123 22.29 -16.09 -43.63
CA THR D 123 23.15 -14.92 -43.53
C THR D 123 22.36 -13.67 -43.84
N LEU D 124 22.40 -12.69 -42.95
CA LEU D 124 21.74 -11.42 -43.16
C LEU D 124 22.71 -10.44 -43.84
N LEU D 125 22.14 -9.44 -44.51
CA LEU D 125 22.93 -8.45 -45.23
C LEU D 125 22.45 -7.05 -44.87
N GLY D 126 23.38 -6.11 -44.89
CA GLY D 126 23.05 -4.72 -44.62
C GLY D 126 22.78 -4.40 -43.17
N MET D 127 23.10 -5.31 -42.25
CA MET D 127 22.89 -5.09 -40.82
C MET D 127 24.13 -4.57 -40.12
N LYS D 128 25.22 -4.32 -40.85
CA LYS D 128 26.45 -3.82 -40.25
C LYS D 128 26.44 -2.30 -40.24
N GLY D 129 27.16 -1.73 -39.27
CA GLY D 129 27.27 -0.29 -39.17
C GLY D 129 28.34 0.27 -40.07
N THR D 130 29.52 -0.32 -40.03
CA THR D 130 30.64 0.07 -40.89
C THR D 130 31.11 -1.14 -41.68
N GLN D 131 32.08 -0.92 -42.56
CA GLN D 131 32.60 -2.00 -43.38
C GLN D 131 33.47 -2.97 -42.58
N ARG D 132 33.98 -2.55 -41.41
CA ARG D 132 34.83 -3.41 -40.60
C ARG D 132 34.04 -4.35 -39.71
N ASP D 133 32.74 -4.13 -39.55
CA ASP D 133 31.93 -4.99 -38.69
C ASP D 133 31.64 -6.33 -39.37
N PRO D 134 31.65 -7.41 -38.60
CA PRO D 134 31.34 -8.73 -39.18
C PRO D 134 29.87 -8.83 -39.56
N GLU D 135 29.60 -9.71 -40.53
CA GLU D 135 28.25 -9.94 -41.01
C GLU D 135 27.41 -10.66 -39.96
N ALA D 136 26.14 -10.30 -39.91
CA ALA D 136 25.18 -10.95 -39.01
C ALA D 136 24.61 -12.20 -39.65
N PHE D 137 24.07 -13.08 -38.81
CA PHE D 137 23.48 -14.32 -39.29
C PHE D 137 22.39 -14.77 -38.33
N LEU D 138 21.53 -15.66 -38.82
CA LEU D 138 20.38 -16.16 -38.08
C LEU D 138 20.40 -17.68 -38.02
N VAL D 139 19.95 -18.21 -36.89
CA VAL D 139 19.79 -19.65 -36.68
C VAL D 139 18.31 -19.90 -36.40
N GLN D 140 17.67 -20.73 -37.22
CA GLN D 140 16.24 -20.95 -37.13
C GLN D 140 15.93 -22.42 -36.99
N ILE D 141 14.91 -22.73 -36.19
CA ILE D 141 14.37 -24.08 -36.03
C ILE D 141 13.00 -24.09 -36.69
N VAL D 142 12.81 -25.01 -37.64
CA VAL D 142 11.60 -25.10 -38.43
C VAL D 142 10.99 -26.48 -38.25
N SER D 143 9.70 -26.51 -37.90
CA SER D 143 8.96 -27.75 -37.82
C SER D 143 8.31 -28.02 -39.17
N LYS D 144 8.67 -29.14 -39.79
CA LYS D 144 8.12 -29.50 -41.09
C LYS D 144 6.73 -30.10 -40.94
N SER D 145 5.90 -29.88 -41.94
CA SER D 145 4.54 -30.41 -41.94
C SER D 145 3.97 -30.46 -43.35
N GLU D 153 6.22 -24.80 -46.64
CA GLU D 153 7.25 -24.70 -45.62
C GLU D 153 6.67 -24.98 -44.22
N GLY D 154 7.55 -25.18 -43.25
CA GLY D 154 7.15 -25.45 -41.89
C GLY D 154 6.91 -24.19 -41.09
N LYS D 155 6.81 -24.37 -39.78
CA LYS D 155 6.55 -23.28 -38.85
C LYS D 155 7.80 -23.01 -38.02
N VAL D 156 8.15 -21.75 -37.86
CA VAL D 156 9.32 -21.37 -37.09
C VAL D 156 9.01 -21.48 -35.61
N LEU D 157 9.89 -22.15 -34.86
CA LEU D 157 9.69 -22.35 -33.43
C LEU D 157 10.66 -21.60 -32.55
N TRP D 158 11.81 -21.17 -33.08
CA TRP D 158 12.82 -20.50 -32.29
C TRP D 158 13.72 -19.72 -33.23
N THR D 159 14.15 -18.53 -32.80
CA THR D 159 15.00 -17.69 -33.64
C THR D 159 16.11 -17.07 -32.82
N GLY D 160 17.32 -17.15 -33.34
CA GLY D 160 18.48 -16.50 -32.74
C GLY D 160 19.10 -15.52 -33.71
N TRP D 161 19.62 -14.43 -33.17
CA TRP D 161 20.15 -13.34 -33.98
C TRP D 161 21.47 -12.86 -33.37
N PHE D 162 22.56 -13.02 -34.11
CA PHE D 162 23.87 -12.56 -33.70
C PHE D 162 24.23 -11.31 -34.48
N CYS D 163 24.61 -10.24 -33.78
CA CYS D 163 24.89 -9.00 -34.47
C CYS D 163 25.91 -8.16 -33.69
N CYS D 164 26.53 -7.25 -34.44
CA CYS D 164 27.52 -6.30 -33.91
C CYS D 164 27.45 -5.05 -34.78
N VAL D 165 27.01 -3.94 -34.20
CA VAL D 165 26.86 -2.68 -34.91
C VAL D 165 27.73 -1.64 -34.22
N PHE D 166 28.63 -1.01 -34.99
CA PHE D 166 29.53 0.03 -34.49
C PHE D 166 30.34 -0.48 -33.30
N GLY D 167 30.96 -1.63 -33.48
CA GLY D 167 31.76 -2.23 -32.43
C GLY D 167 33.24 -2.06 -32.64
N ASP D 168 33.66 -0.87 -33.08
CA ASP D 168 35.08 -0.62 -33.33
C ASP D 168 35.91 -0.64 -32.06
N SER D 169 35.30 -0.39 -30.90
CA SER D 169 36.05 -0.42 -29.66
C SER D 169 36.46 -1.84 -29.27
N LEU D 170 35.87 -2.86 -29.89
CA LEU D 170 36.19 -4.25 -29.59
C LEU D 170 37.08 -4.91 -30.62
N LEU D 171 36.98 -4.52 -31.89
CA LEU D 171 37.80 -5.18 -32.91
C LEU D 171 39.28 -4.87 -32.78
N GLU D 172 39.65 -3.79 -32.08
CA GLU D 172 41.05 -3.41 -32.00
C GLU D 172 41.86 -4.31 -31.08
N THR D 173 41.24 -4.86 -30.05
CA THR D 173 41.96 -5.64 -29.03
C THR D 173 41.81 -7.14 -29.23
N VAL D 174 41.43 -7.59 -30.42
CA VAL D 174 41.19 -9.00 -30.70
C VAL D 174 42.04 -9.42 -31.89
N SER D 175 42.60 -10.62 -31.80
CA SER D 175 43.41 -11.18 -32.88
C SER D 175 42.51 -11.56 -34.06
N GLU D 176 43.13 -12.11 -35.10
CA GLU D 176 42.41 -12.47 -36.32
C GLU D 176 41.77 -13.85 -36.25
N ASP D 177 42.04 -14.62 -35.21
CA ASP D 177 41.44 -15.95 -35.07
C ASP D 177 40.04 -15.92 -34.47
N PHE D 178 39.58 -14.77 -34.01
CA PHE D 178 38.28 -14.65 -33.36
C PHE D 178 37.32 -13.85 -34.23
N THR D 179 36.04 -13.97 -33.92
CA THR D 179 34.99 -13.18 -34.55
C THR D 179 34.17 -12.53 -33.44
N CYS D 180 33.99 -11.22 -33.52
CA CYS D 180 33.34 -10.45 -32.47
C CYS D 180 31.88 -10.21 -32.84
N LEU D 181 30.97 -10.88 -32.12
CA LEU D 181 29.53 -10.68 -32.26
C LEU D 181 28.93 -10.52 -30.88
N PRO D 182 29.12 -9.36 -30.26
CA PRO D 182 28.73 -9.21 -28.84
C PRO D 182 27.23 -9.23 -28.59
N LEU D 183 26.38 -9.00 -29.58
CA LEU D 183 24.95 -8.89 -29.31
C LEU D 183 24.22 -10.15 -29.75
N PHE D 184 23.42 -10.73 -28.86
CA PHE D 184 22.63 -11.91 -29.17
C PHE D 184 21.19 -11.66 -28.77
N LEU D 185 20.26 -11.98 -29.67
CA LEU D 185 18.83 -11.79 -29.44
C LEU D 185 18.12 -13.11 -29.65
N ALA D 186 17.28 -13.48 -28.70
CA ALA D 186 16.57 -14.76 -28.74
C ALA D 186 15.08 -14.55 -28.71
N ASN D 187 14.36 -15.30 -29.56
CA ASN D 187 12.90 -15.26 -29.59
C ASN D 187 12.38 -16.68 -29.61
N GLY D 188 11.68 -17.08 -28.56
CA GLY D 188 11.13 -18.41 -28.46
C GLY D 188 11.18 -18.90 -27.03
N ALA D 189 11.07 -20.22 -26.88
CA ALA D 189 11.11 -20.83 -25.57
C ALA D 189 12.52 -20.79 -25.00
N GLU D 190 12.61 -20.70 -23.67
CA GLU D 190 13.90 -20.62 -23.00
C GLU D 190 14.65 -21.94 -23.02
N SER D 191 13.91 -23.07 -23.03
CA SER D 191 14.57 -24.37 -23.01
C SER D 191 15.43 -24.59 -24.25
N ASN D 192 14.93 -24.23 -25.42
CA ASN D 192 15.73 -24.33 -26.64
C ASN D 192 16.92 -23.40 -26.62
N THR D 193 16.74 -22.19 -26.07
CA THR D 193 17.85 -21.25 -25.97
C THR D 193 18.96 -21.81 -25.09
N ALA D 194 18.60 -22.46 -23.98
CA ALA D 194 19.62 -23.05 -23.12
C ALA D 194 20.43 -24.11 -23.86
N ILE D 195 19.75 -24.96 -24.62
CA ILE D 195 20.45 -26.01 -25.36
C ILE D 195 21.36 -25.41 -26.42
N ILE D 196 20.88 -24.41 -27.15
CA ILE D 196 21.71 -23.79 -28.18
C ILE D 196 22.92 -23.13 -27.55
N GLY D 197 22.73 -22.43 -26.43
CA GLY D 197 23.86 -21.83 -25.75
C GLY D 197 24.87 -22.85 -25.27
N THR D 198 24.39 -23.97 -24.73
CA THR D 198 25.30 -25.03 -24.30
C THR D 198 26.11 -25.56 -25.46
N TRP D 199 25.46 -25.80 -26.60
CA TRP D 199 26.17 -26.30 -27.77
C TRP D 199 27.21 -25.29 -28.26
N PHE D 200 26.85 -24.00 -28.28
CA PHE D 200 27.79 -22.98 -28.72
C PHE D 200 28.98 -22.89 -27.78
N GLN D 201 28.73 -22.96 -26.46
CA GLN D 201 29.82 -22.92 -25.50
C GLN D 201 30.75 -24.12 -25.66
N LYS D 202 30.17 -25.30 -25.89
CA LYS D 202 31.00 -26.49 -26.05
C LYS D 202 31.78 -26.47 -27.36
N THR D 203 31.25 -25.82 -28.40
CA THR D 203 31.90 -25.87 -29.70
C THR D 203 32.90 -24.73 -29.90
N PHE D 204 32.43 -23.48 -29.84
CA PHE D 204 33.27 -22.34 -30.19
C PHE D 204 33.91 -21.67 -28.99
N ASP D 205 33.71 -22.19 -27.78
CA ASP D 205 34.32 -21.64 -26.56
C ASP D 205 33.93 -20.17 -26.36
N CYS D 206 32.63 -19.96 -26.19
CA CYS D 206 32.07 -18.64 -25.96
C CYS D 206 31.39 -18.60 -24.60
N TYR D 207 30.71 -17.50 -24.32
CA TYR D 207 30.03 -17.32 -23.03
C TYR D 207 28.82 -16.42 -23.22
N PHE D 208 27.67 -16.87 -22.73
CA PHE D 208 26.43 -16.11 -22.79
C PHE D 208 26.11 -15.53 -21.43
N SER D 209 25.73 -14.25 -21.40
CA SER D 209 25.32 -13.62 -20.16
C SER D 209 24.05 -12.81 -20.37
N PRO D 210 23.14 -12.82 -19.40
CA PRO D 210 21.95 -11.98 -19.51
C PRO D 210 22.31 -10.51 -19.48
N LEU D 211 21.54 -9.70 -20.20
CA LEU D 211 21.76 -8.26 -20.29
C LEU D 211 20.58 -7.54 -19.66
N ALA D 212 20.87 -6.60 -18.76
CA ALA D 212 19.85 -5.85 -18.05
C ALA D 212 20.02 -4.36 -18.34
N ILE D 213 18.88 -3.66 -18.33
CA ILE D 213 18.84 -2.22 -18.57
C ILE D 213 18.32 -1.55 -17.31
N ASN D 214 19.08 -0.61 -16.77
CA ASN D 214 18.71 0.07 -15.54
C ASN D 214 17.91 1.34 -15.85
N ALA D 215 17.53 2.06 -14.80
CA ALA D 215 16.66 3.24 -14.97
C ALA D 215 17.36 4.36 -15.73
N PHE D 216 18.66 4.54 -15.50
CA PHE D 216 19.39 5.61 -16.18
C PHE D 216 19.35 5.43 -17.69
N ASN D 217 19.66 4.23 -18.16
CA ASN D 217 19.63 3.96 -19.59
C ASN D 217 18.22 4.06 -20.15
N LEU D 218 17.21 3.61 -19.40
CA LEU D 218 15.84 3.73 -19.86
C LEU D 218 15.44 5.20 -20.04
N SER D 219 15.82 6.05 -19.08
CA SER D 219 15.51 7.47 -19.20
C SER D 219 16.21 8.09 -20.41
N TRP D 220 17.50 7.75 -20.61
CA TRP D 220 18.21 8.28 -21.77
C TRP D 220 17.56 7.82 -23.07
N MET D 221 17.16 6.55 -23.12
CA MET D 221 16.55 6.00 -24.33
C MET D 221 15.22 6.68 -24.62
N ALA D 222 14.39 6.89 -23.59
CA ALA D 222 13.11 7.57 -23.79
C ALA D 222 13.33 9.00 -24.27
N ALA D 223 14.28 9.71 -23.65
CA ALA D 223 14.55 11.09 -24.05
C ALA D 223 15.01 11.15 -25.50
N MET D 224 15.90 10.24 -25.91
CA MET D 224 16.35 10.25 -27.30
C MET D 224 15.24 9.89 -28.27
N TRP D 225 14.43 8.89 -27.94
CA TRP D 225 13.40 8.45 -28.87
C TRP D 225 12.27 9.48 -29.01
N THR D 226 11.98 10.24 -27.96
CA THR D 226 11.02 11.32 -28.09
C THR D 226 11.52 12.39 -29.06
N ALA D 227 12.82 12.68 -29.04
CA ALA D 227 13.37 13.72 -29.90
C ALA D 227 13.35 13.34 -31.38
N CYS D 228 13.23 12.06 -31.70
CA CYS D 228 13.19 11.65 -33.09
C CYS D 228 11.93 12.16 -33.78
N LYS D 229 12.10 12.57 -35.03
CA LYS D 229 11.01 13.14 -35.82
C LYS D 229 10.21 12.02 -36.47
N MET D 230 8.88 12.09 -36.32
CA MET D 230 7.98 11.10 -36.88
C MET D 230 6.91 11.79 -37.71
N ASP D 231 6.56 11.17 -38.83
CA ASP D 231 5.52 11.72 -39.70
C ASP D 231 4.13 11.36 -39.20
N HIS D 232 3.94 10.13 -38.71
CA HIS D 232 2.66 9.71 -38.15
C HIS D 232 2.91 8.95 -36.86
N TYR D 233 2.05 9.17 -35.87
CA TYR D 233 2.17 8.55 -34.57
C TYR D 233 1.22 7.36 -34.50
N VAL D 234 1.73 6.20 -34.08
CA VAL D 234 0.95 4.98 -34.07
C VAL D 234 0.63 4.55 -32.65
N ALA D 235 1.46 4.95 -31.69
CA ALA D 235 1.28 4.54 -30.30
C ALA D 235 1.53 5.72 -29.37
N THR D 236 0.83 5.72 -28.24
CA THR D 236 1.02 6.73 -27.22
C THR D 236 2.30 6.47 -26.43
N THR D 237 2.75 7.48 -25.69
CA THR D 237 3.97 7.37 -24.92
C THR D 237 3.62 6.92 -23.50
N GLU D 238 4.22 5.81 -23.06
CA GLU D 238 3.85 5.21 -21.79
C GLU D 238 5.08 4.91 -20.95
N PHE D 239 4.97 5.20 -19.65
CA PHE D 239 5.99 4.90 -18.67
C PHE D 239 5.39 4.07 -17.54
N LEU D 240 6.19 3.18 -16.97
CA LEU D 240 5.76 2.35 -15.85
C LEU D 240 6.70 2.58 -14.67
N TRP D 241 6.12 2.81 -13.49
CA TRP D 241 6.87 3.07 -12.28
C TRP D 241 6.48 2.07 -11.20
N SER D 242 7.47 1.62 -10.43
CA SER D 242 7.27 0.68 -9.34
C SER D 242 7.61 1.40 -8.03
N VAL D 243 6.59 1.62 -7.20
CA VAL D 243 6.76 2.32 -5.93
C VAL D 243 7.30 1.35 -4.89
N PRO D 244 8.42 1.67 -4.23
CA PRO D 244 8.93 0.77 -3.18
C PRO D 244 8.12 0.86 -1.90
N CYS D 245 7.27 -0.14 -1.66
CA CYS D 245 6.44 -0.22 -0.47
C CYS D 245 6.48 -1.65 0.08
N SER D 246 7.69 -2.19 0.22
CA SER D 246 7.98 -3.62 0.32
C SER D 246 6.99 -4.46 1.13
N PRO D 247 6.44 -3.97 2.27
CA PRO D 247 5.31 -4.73 2.85
C PRO D 247 4.13 -4.87 1.90
N GLN D 248 3.87 -3.86 1.08
CA GLN D 248 2.79 -3.86 0.11
C GLN D 248 3.36 -3.83 -1.31
N SER D 249 2.49 -3.71 -2.31
CA SER D 249 2.91 -3.58 -3.69
C SER D 249 2.07 -2.52 -4.37
N LEU D 250 2.68 -1.84 -5.35
CA LEU D 250 2.00 -0.76 -6.05
C LEU D 250 2.74 -0.45 -7.35
N ASP D 251 1.97 -0.25 -8.42
CA ASP D 251 2.51 0.10 -9.72
C ASP D 251 1.72 1.28 -10.28
N ILE D 252 2.41 2.13 -11.04
CA ILE D 252 1.82 3.33 -11.62
C ILE D 252 2.11 3.35 -13.11
N SER D 253 1.09 3.62 -13.91
CA SER D 253 1.24 3.76 -15.36
C SER D 253 0.91 5.18 -15.78
N PHE D 254 1.79 5.75 -16.61
CA PHE D 254 1.63 7.12 -17.07
C PHE D 254 1.59 7.11 -18.59
N ALA D 255 0.44 7.46 -19.16
CA ALA D 255 0.26 7.50 -20.61
C ALA D 255 0.03 8.94 -21.05
N ILE D 256 0.58 9.30 -22.21
CA ILE D 256 0.50 10.66 -22.70
C ILE D 256 0.46 10.64 -24.22
N HIS D 257 -0.31 11.57 -24.80
CA HIS D 257 -0.43 11.67 -26.24
C HIS D 257 0.92 12.04 -26.85
N PRO D 258 1.27 11.45 -28.00
CA PRO D 258 2.60 11.74 -28.59
C PRO D 258 2.82 13.20 -28.94
N GLU D 259 1.79 13.91 -29.42
CA GLU D 259 1.98 15.29 -29.84
C GLU D 259 2.29 16.19 -28.64
N ASP D 260 1.61 15.97 -27.52
CA ASP D 260 1.89 16.75 -26.32
C ASP D 260 3.30 16.48 -25.81
N ALA D 261 3.75 15.22 -25.85
CA ALA D 261 5.11 14.90 -25.46
C ALA D 261 6.12 15.58 -26.37
N LYS D 262 5.85 15.59 -27.68
CA LYS D 262 6.75 16.26 -28.61
C LYS D 262 6.83 17.76 -28.33
N ALA D 263 5.68 18.38 -28.07
CA ALA D 263 5.69 19.81 -27.75
C ALA D 263 6.46 20.08 -26.45
N LEU D 264 6.24 19.24 -25.44
CA LEU D 264 6.96 19.41 -24.17
C LEU D 264 8.46 19.27 -24.36
N TRP D 265 8.89 18.29 -25.16
CA TRP D 265 10.31 18.13 -25.42
C TRP D 265 10.87 19.33 -26.18
N ASP D 266 10.15 19.82 -27.19
CA ASP D 266 10.62 20.98 -27.94
C ASP D 266 10.69 22.22 -27.08
N SER D 267 9.85 22.30 -26.04
CA SER D 267 9.90 23.44 -25.15
C SER D 267 11.21 23.52 -24.39
N VAL D 268 11.83 22.38 -24.08
CA VAL D 268 13.06 22.35 -23.30
C VAL D 268 14.29 22.07 -24.13
N HIS D 269 14.16 21.81 -25.42
CA HIS D 269 15.31 21.52 -26.26
C HIS D 269 15.88 22.81 -26.83
N LYS D 270 17.17 23.03 -26.60
CA LYS D 270 17.85 24.24 -27.08
C LYS D 270 19.12 23.96 -27.86
N THR D 271 19.83 22.88 -27.59
CA THR D 271 21.04 22.55 -28.34
C THR D 271 20.66 21.88 -29.64
N PRO D 272 21.05 22.42 -30.80
CA PRO D 272 20.63 21.84 -32.08
C PRO D 272 21.36 20.54 -32.38
N GLY D 273 20.60 19.48 -32.59
CA GLY D 273 21.15 18.21 -33.06
C GLY D 273 21.89 17.39 -32.03
N GLU D 274 21.79 17.74 -30.75
CA GLU D 274 22.50 17.01 -29.71
C GLU D 274 21.62 16.88 -28.48
N VAL D 275 21.89 15.86 -27.67
CA VAL D 275 21.15 15.58 -26.45
C VAL D 275 22.11 15.70 -25.27
N THR D 276 21.72 16.46 -24.26
CA THR D 276 22.56 16.73 -23.11
C THR D 276 21.85 16.26 -21.85
N GLN D 277 22.64 15.90 -20.83
CA GLN D 277 22.08 15.37 -19.60
C GLN D 277 21.11 16.35 -18.95
N GLU D 278 21.41 17.65 -19.01
CA GLU D 278 20.53 18.64 -18.42
C GLU D 278 19.16 18.64 -19.11
N GLU D 279 19.14 18.47 -20.43
CA GLU D 279 17.87 18.42 -21.14
C GLU D 279 17.03 17.22 -20.68
N VAL D 280 17.66 16.06 -20.51
CA VAL D 280 16.95 14.88 -20.03
C VAL D 280 16.41 15.13 -18.63
N ASP D 281 17.23 15.73 -17.76
CA ASP D 281 16.78 16.01 -16.40
C ASP D 281 15.58 16.95 -16.39
N LEU D 282 15.62 17.99 -17.22
CA LEU D 282 14.49 18.92 -17.30
C LEU D 282 13.25 18.21 -17.84
N PHE D 283 13.42 17.36 -18.85
CA PHE D 283 12.29 16.63 -19.42
C PHE D 283 11.64 15.74 -18.38
N MET D 284 12.43 15.07 -17.56
CA MET D 284 11.85 14.23 -16.52
C MET D 284 11.24 15.06 -15.38
N ASP D 285 11.86 16.20 -15.06
CA ASP D 285 11.35 17.04 -13.99
C ASP D 285 10.01 17.65 -14.35
N CYS D 286 9.78 17.93 -15.64
CA CYS D 286 8.47 18.43 -16.05
C CYS D 286 7.37 17.44 -15.69
N LEU D 287 7.55 16.18 -16.04
CA LEU D 287 6.56 15.15 -15.71
C LEU D 287 6.44 14.97 -14.21
N TYR D 288 7.58 15.00 -13.49
CA TYR D 288 7.53 14.85 -12.04
C TYR D 288 6.68 15.96 -11.40
N SER D 289 6.91 17.20 -11.81
CA SER D 289 6.15 18.32 -11.26
C SER D 289 4.68 18.22 -11.64
N HIS D 290 4.39 17.83 -12.88
CA HIS D 290 2.99 17.71 -13.29
C HIS D 290 2.26 16.64 -12.48
N PHE D 291 2.91 15.51 -12.23
CA PHE D 291 2.28 14.46 -11.41
C PHE D 291 2.11 14.91 -9.97
N HIS D 292 3.13 15.57 -9.40
CA HIS D 292 3.05 15.99 -8.01
C HIS D 292 1.99 17.07 -7.80
N ARG D 293 1.80 17.95 -8.77
CA ARG D 293 0.80 19.01 -8.63
C ARG D 293 -0.61 18.46 -8.51
N HIS D 294 -0.86 17.25 -9.01
CA HIS D 294 -2.19 16.65 -8.96
C HIS D 294 -2.34 15.63 -7.84
N PHE D 295 -1.34 14.77 -7.62
CA PHE D 295 -1.50 13.67 -6.69
C PHE D 295 -0.69 13.80 -5.42
N LYS D 296 0.13 14.84 -5.28
CA LYS D 296 0.95 15.07 -4.09
C LYS D 296 1.86 13.87 -3.79
N ILE D 297 2.35 13.20 -4.83
CA ILE D 297 3.23 12.06 -4.70
C ILE D 297 4.55 12.39 -5.37
N HIS D 298 5.66 12.22 -4.63
CA HIS D 298 6.99 12.48 -5.17
C HIS D 298 7.35 11.31 -6.07
N LEU D 299 7.08 11.45 -7.36
CA LEU D 299 7.34 10.38 -8.32
C LEU D 299 8.82 10.11 -8.53
N SER D 300 9.69 11.06 -8.18
CA SER D 300 11.12 10.86 -8.36
C SER D 300 11.73 9.89 -7.35
N ALA D 301 10.96 9.48 -6.34
CA ALA D 301 11.43 8.53 -5.35
C ALA D 301 11.13 7.08 -5.73
N THR D 302 10.57 6.85 -6.91
CA THR D 302 10.23 5.53 -7.37
C THR D 302 11.28 5.05 -8.39
N ARG D 303 11.02 3.90 -9.00
CA ARG D 303 11.94 3.29 -9.94
C ARG D 303 11.25 3.06 -11.28
N LEU D 304 11.85 3.59 -12.35
CA LEU D 304 11.31 3.37 -13.69
C LEU D 304 11.57 1.93 -14.12
N VAL D 305 10.60 1.34 -14.81
CA VAL D 305 10.64 -0.08 -15.18
C VAL D 305 10.53 -0.27 -16.68
N ARG D 306 9.44 0.20 -17.29
CA ARG D 306 9.19 -0.04 -18.70
C ARG D 306 8.88 1.27 -19.40
N VAL D 307 9.39 1.42 -20.62
CA VAL D 307 9.20 2.64 -21.41
C VAL D 307 8.79 2.23 -22.82
N SER D 308 7.65 2.73 -23.27
CA SER D 308 7.17 2.45 -24.63
C SER D 308 6.87 3.76 -25.34
N THR D 309 7.29 3.83 -26.60
CA THR D 309 7.09 5.02 -27.42
C THR D 309 6.73 4.57 -28.83
N SER D 310 6.78 5.52 -29.77
CA SER D 310 6.32 5.25 -31.13
C SER D 310 7.35 4.54 -31.99
N VAL D 311 8.59 4.39 -31.52
CA VAL D 311 9.65 3.76 -32.30
C VAL D 311 10.03 2.40 -31.74
N ALA D 312 9.99 2.24 -30.42
CA ALA D 312 10.36 0.97 -29.79
C ALA D 312 9.82 0.94 -28.37
N SER D 313 9.86 -0.26 -27.78
CA SER D 313 9.42 -0.48 -26.41
C SER D 313 10.47 -1.30 -25.69
N ALA D 314 10.80 -0.90 -24.46
CA ALA D 314 11.88 -1.52 -23.71
C ALA D 314 11.43 -1.81 -22.28
N HIS D 315 11.90 -2.94 -21.75
CA HIS D 315 11.66 -3.34 -20.39
C HIS D 315 12.99 -3.48 -19.65
N THR D 316 12.96 -3.30 -18.33
CA THR D 316 14.18 -3.30 -17.55
C THR D 316 14.80 -4.70 -17.42
N ASP D 317 14.06 -5.75 -17.74
CA ASP D 317 14.59 -7.10 -17.65
C ASP D 317 15.40 -7.50 -18.88
N GLY D 318 15.45 -6.66 -19.91
CA GLY D 318 16.19 -6.99 -21.10
C GLY D 318 15.31 -7.47 -22.23
N LYS D 319 14.15 -6.84 -22.40
CA LYS D 319 13.22 -7.16 -23.48
C LYS D 319 13.01 -5.92 -24.34
N ILE D 320 13.13 -6.09 -25.65
CA ILE D 320 13.03 -5.00 -26.60
C ILE D 320 12.08 -5.39 -27.71
N LYS D 321 11.28 -4.43 -28.18
CA LYS D 321 10.41 -4.62 -29.32
C LYS D 321 10.56 -3.40 -30.23
N ILE D 322 10.71 -3.65 -31.53
CA ILE D 322 10.98 -2.60 -32.51
C ILE D 322 9.80 -2.48 -33.45
N LEU D 323 9.34 -1.25 -33.69
CA LEU D 323 8.17 -0.98 -34.52
C LEU D 323 8.48 -0.32 -35.85
N CYS D 324 9.40 0.63 -35.87
CA CYS D 324 9.75 1.35 -37.10
C CYS D 324 11.06 0.84 -37.65
N HIS D 325 11.11 0.61 -38.95
CA HIS D 325 12.29 0.06 -39.60
C HIS D 325 13.32 1.11 -39.97
N LYS D 326 13.03 2.40 -39.76
CA LYS D 326 13.97 3.45 -40.11
C LYS D 326 15.02 3.70 -39.04
N TYR D 327 14.67 3.49 -37.77
CA TYR D 327 15.56 3.76 -36.65
C TYR D 327 16.09 2.47 -36.03
N LEU D 328 16.16 1.41 -36.84
CA LEU D 328 16.70 0.14 -36.36
C LEU D 328 18.16 0.25 -35.99
N ILE D 329 18.94 0.97 -36.81
CA ILE D 329 20.39 1.00 -36.64
C ILE D 329 20.76 1.70 -35.34
N GLY D 330 20.06 2.77 -34.98
CA GLY D 330 20.37 3.46 -33.74
C GLY D 330 20.15 2.59 -32.51
N VAL D 331 19.02 1.89 -32.47
CA VAL D 331 18.72 1.00 -31.35
C VAL D 331 19.76 -0.12 -31.28
N LEU D 332 20.09 -0.70 -32.44
CA LEU D 332 21.09 -1.76 -32.46
C LEU D 332 22.44 -1.26 -31.98
N ALA D 333 22.80 -0.03 -32.37
CA ALA D 333 24.08 0.54 -31.94
C ALA D 333 24.11 0.75 -30.44
N TYR D 334 23.02 1.27 -29.87
CA TYR D 334 22.99 1.46 -28.42
C TYR D 334 23.10 0.14 -27.69
N LEU D 335 22.36 -0.88 -28.14
CA LEU D 335 22.42 -2.18 -27.48
C LEU D 335 23.81 -2.80 -27.61
N THR D 336 24.44 -2.66 -28.79
CA THR D 336 25.78 -3.18 -28.97
C THR D 336 26.78 -2.48 -28.05
N GLU D 337 26.65 -1.16 -27.89
CA GLU D 337 27.52 -0.45 -26.97
C GLU D 337 27.32 -0.92 -25.54
N LEU D 338 26.07 -1.15 -25.13
CA LEU D 338 25.82 -1.65 -23.79
C LEU D 338 26.46 -3.03 -23.58
N ALA D 339 26.31 -3.92 -24.56
CA ALA D 339 26.90 -5.25 -24.44
C ALA D 339 28.42 -5.18 -24.38
N ILE D 340 29.02 -4.34 -25.22
CA ILE D 340 30.47 -4.20 -25.23
C ILE D 340 30.96 -3.67 -23.89
N PHE D 341 30.25 -2.70 -23.31
CA PHE D 341 30.61 -2.22 -21.99
C PHE D 341 30.49 -3.33 -20.95
N GLN D 342 29.45 -4.16 -21.04
CA GLN D 342 29.28 -5.22 -20.04
C GLN D 342 30.40 -6.24 -20.12
N ILE D 343 30.80 -6.65 -21.34
CA ILE D 343 31.82 -7.69 -21.46
C ILE D 343 33.23 -7.16 -21.24
N GLU D 344 33.39 -5.85 -21.05
CA GLU D 344 34.68 -5.29 -20.67
C GLU D 344 34.58 -4.58 -19.34
N SER E 2 18.99 29.20 9.60
CA SER E 2 20.15 29.13 10.48
C SER E 2 21.29 28.36 9.82
N VAL E 3 22.51 28.66 10.23
CA VAL E 3 23.72 28.02 9.69
C VAL E 3 24.40 27.28 10.83
N LEU E 4 24.72 26.02 10.60
CA LEU E 4 25.37 25.19 11.62
C LEU E 4 26.86 25.48 11.64
N ARG E 5 27.42 25.66 12.84
CA ARG E 5 28.82 25.98 13.00
C ARG E 5 29.53 24.94 13.85
N PRO E 6 30.83 24.72 13.62
CA PRO E 6 31.50 23.61 14.31
C PRO E 6 31.76 23.85 15.78
N LEU E 7 32.15 25.06 16.16
CA LEU E 7 32.71 25.33 17.48
C LEU E 7 31.86 26.31 18.28
N ASP E 8 30.54 26.14 18.26
CA ASP E 8 29.66 27.04 19.01
C ASP E 8 29.68 26.76 20.51
N LYS E 9 29.65 25.49 20.92
CA LYS E 9 29.51 25.13 22.31
C LYS E 9 30.74 24.37 22.78
N LEU E 10 31.01 24.49 24.08
CA LEU E 10 32.14 23.80 24.69
C LEU E 10 31.91 22.30 24.70
N PRO E 11 32.98 21.50 24.51
CA PRO E 11 32.82 20.05 24.51
C PRO E 11 32.47 19.51 25.90
N GLY E 12 31.77 18.38 25.90
CA GLY E 12 31.40 17.72 27.13
C GLY E 12 32.52 16.86 27.70
N LEU E 13 32.19 16.16 28.78
CA LEU E 13 33.15 15.30 29.47
C LEU E 13 33.07 13.90 28.88
N ASN E 14 34.06 13.53 28.06
CA ASN E 14 34.16 12.19 27.49
C ASN E 14 32.90 11.82 26.71
N THR E 15 32.42 12.75 25.90
CA THR E 15 31.18 12.57 25.15
C THR E 15 31.42 12.93 23.70
N ALA E 16 30.96 12.06 22.80
CA ALA E 16 31.02 12.30 21.36
C ALA E 16 29.63 12.26 20.77
N THR E 17 29.36 13.16 19.83
CA THR E 17 28.05 13.31 19.22
C THR E 17 28.17 13.19 17.71
N ILE E 18 27.24 12.46 17.10
CA ILE E 18 27.21 12.28 15.66
C ILE E 18 25.82 12.63 15.15
N LEU E 19 25.77 13.13 13.92
CA LEU E 19 24.52 13.52 13.28
C LEU E 19 24.39 12.82 11.94
N LEU E 20 23.22 12.24 11.68
CA LEU E 20 22.96 11.53 10.44
C LEU E 20 21.80 12.20 9.71
N VAL E 21 22.04 12.57 8.45
CA VAL E 21 21.06 13.27 7.63
C VAL E 21 20.71 12.37 6.46
N GLY E 22 19.41 12.09 6.30
CA GLY E 22 18.96 11.24 5.21
C GLY E 22 17.46 11.28 5.11
N THR E 23 16.95 10.66 4.05
CA THR E 23 15.51 10.65 3.79
C THR E 23 14.82 9.39 4.30
N GLU E 24 15.50 8.25 4.26
CA GLU E 24 14.91 6.98 4.70
C GLU E 24 15.19 6.82 6.19
N ASP E 25 14.14 6.82 7.01
CA ASP E 25 14.31 6.78 8.46
C ASP E 25 14.67 5.39 8.95
N ALA E 26 14.15 4.33 8.32
CA ALA E 26 14.42 2.98 8.79
C ALA E 26 15.90 2.64 8.69
N LEU E 27 16.53 2.99 7.58
CA LEU E 27 17.96 2.72 7.42
C LEU E 27 18.78 3.49 8.44
N LEU E 28 18.41 4.75 8.68
CA LEU E 28 19.14 5.54 9.68
C LEU E 28 18.98 4.95 11.07
N GLN E 29 17.78 4.48 11.41
CA GLN E 29 17.56 3.85 12.71
C GLN E 29 18.38 2.58 12.85
N GLN E 30 18.42 1.75 11.80
CA GLN E 30 19.21 0.53 11.84
C GLN E 30 20.70 0.83 11.98
N LEU E 31 21.19 1.83 11.26
CA LEU E 31 22.59 2.21 11.39
C LEU E 31 22.88 2.72 12.80
N ALA E 32 21.94 3.48 13.38
CA ALA E 32 22.16 4.04 14.71
C ALA E 32 22.24 2.94 15.77
N ASP E 33 21.27 2.02 15.79
CA ASP E 33 21.30 1.01 16.84
C ASP E 33 22.34 -0.06 16.54
N SER E 34 22.85 -0.11 15.30
CA SER E 34 24.04 -0.91 15.05
C SER E 34 25.28 -0.25 15.62
N MET E 35 25.40 1.08 15.49
CA MET E 35 26.52 1.78 16.10
C MET E 35 26.51 1.63 17.62
N LEU E 36 25.33 1.78 18.22
CA LEU E 36 25.22 1.74 19.68
C LEU E 36 25.22 0.33 20.23
N LYS E 37 25.14 -0.70 19.38
CA LYS E 37 25.15 -2.07 19.86
C LYS E 37 26.45 -2.43 20.56
N GLU E 38 27.59 -2.03 20.00
CA GLU E 38 28.89 -2.31 20.60
C GLU E 38 29.26 -1.17 21.57
N ASP E 39 30.08 -1.50 22.56
CA ASP E 39 30.50 -0.55 23.58
C ASP E 39 31.89 -0.03 23.27
N CYS E 40 32.24 1.10 23.89
CA CYS E 40 33.53 1.74 23.70
C CYS E 40 33.91 2.49 24.97
N ALA E 41 35.06 3.17 24.93
CA ALA E 41 35.53 3.92 26.08
C ALA E 41 34.86 5.28 26.22
N SER E 42 34.18 5.75 25.19
CA SER E 42 33.51 7.05 25.21
C SER E 42 32.01 6.89 25.34
N GLU E 43 31.33 8.01 25.48
CA GLU E 43 29.87 8.06 25.56
C GLU E 43 29.34 8.63 24.25
N LEU E 44 28.65 7.79 23.48
CA LEU E 44 28.20 8.16 22.15
C LEU E 44 26.76 8.65 22.18
N LYS E 45 26.48 9.69 21.39
CA LYS E 45 25.14 10.20 21.20
C LYS E 45 24.89 10.33 19.70
N VAL E 46 23.68 9.94 19.27
CA VAL E 46 23.32 9.92 17.86
C VAL E 46 22.09 10.79 17.65
N HIS E 47 22.16 11.68 16.67
CA HIS E 47 21.04 12.51 16.27
C HIS E 47 20.65 12.18 14.84
N LEU E 48 19.34 12.17 14.57
CA LEU E 48 18.82 11.87 13.25
C LEU E 48 18.05 13.07 12.72
N ALA E 49 18.21 13.35 11.44
CA ALA E 49 17.51 14.48 10.82
C ALA E 49 17.19 14.12 9.37
N LYS E 50 16.21 14.83 8.82
CA LYS E 50 15.82 14.63 7.43
C LYS E 50 16.55 15.58 6.49
N SER E 51 16.70 16.85 6.88
CA SER E 51 17.38 17.84 6.07
C SER E 51 17.83 18.98 6.97
N LEU E 52 18.51 19.95 6.38
CA LEU E 52 19.01 21.12 7.07
C LEU E 52 18.29 22.37 6.57
N PRO E 53 18.16 23.41 7.40
CA PRO E 53 18.63 23.52 8.80
C PRO E 53 17.72 22.81 9.79
N LEU E 54 18.25 22.50 10.96
CA LEU E 54 17.49 21.85 12.02
C LEU E 54 16.52 22.83 12.66
N PRO E 55 15.47 22.33 13.31
CA PRO E 55 14.60 23.22 14.09
C PRO E 55 15.37 23.88 15.22
N SER E 56 15.01 25.13 15.51
CA SER E 56 15.73 25.92 16.49
C SER E 56 15.62 25.30 17.88
N SER E 57 16.75 25.24 18.58
CA SER E 57 16.79 24.73 19.94
C SER E 57 18.06 25.23 20.61
N VAL E 58 18.03 25.26 21.94
CA VAL E 58 19.17 25.72 22.72
C VAL E 58 19.90 24.58 23.43
N ASN E 59 19.19 23.53 23.85
CA ASN E 59 19.82 22.47 24.61
C ASN E 59 20.70 21.56 23.75
N ARG E 60 20.67 21.73 22.43
CA ARG E 60 21.42 20.85 21.54
C ARG E 60 22.92 21.03 21.76
N PRO E 61 23.67 19.96 22.01
CA PRO E 61 25.12 20.10 22.16
C PRO E 61 25.82 20.28 20.83
N ARG E 62 27.15 20.40 20.86
CA ARG E 62 27.90 20.58 19.62
C ARG E 62 27.95 19.29 18.82
N ILE E 63 28.05 19.43 17.51
CA ILE E 63 28.11 18.30 16.59
C ILE E 63 29.55 18.13 16.11
N ASP E 64 30.05 16.89 16.19
CA ASP E 64 31.44 16.61 15.86
C ASP E 64 31.62 15.99 14.47
N LEU E 65 30.59 15.36 13.94
CA LEU E 65 30.69 14.72 12.62
C LEU E 65 29.32 14.73 11.97
N ILE E 66 29.29 14.97 10.66
CA ILE E 66 28.06 14.92 9.87
C ILE E 66 28.25 13.94 8.74
N VAL E 67 27.31 13.00 8.61
CA VAL E 67 27.32 11.98 7.57
C VAL E 67 26.09 12.18 6.70
N PHE E 68 26.29 12.36 5.41
CA PHE E 68 25.20 12.49 4.46
C PHE E 68 24.98 11.16 3.77
N VAL E 69 23.78 10.60 3.91
CA VAL E 69 23.44 9.32 3.30
C VAL E 69 22.74 9.58 1.98
N VAL E 70 23.29 9.01 0.91
CA VAL E 70 22.74 9.18 -0.43
C VAL E 70 22.32 7.80 -0.94
N ASN E 71 21.04 7.67 -1.27
CA ASN E 71 20.50 6.43 -1.82
C ASN E 71 20.52 6.51 -3.34
N LEU E 72 21.26 5.60 -3.97
CA LEU E 72 21.43 5.63 -5.42
C LEU E 72 20.18 5.21 -6.18
N HIS E 73 19.16 4.68 -5.51
CA HIS E 73 17.95 4.21 -6.16
C HIS E 73 16.89 5.29 -6.31
N SER E 74 17.16 6.52 -5.86
CA SER E 74 16.18 7.58 -5.92
C SER E 74 16.87 8.93 -6.08
N LYS E 75 16.39 9.75 -7.01
CA LYS E 75 16.93 11.08 -7.20
C LYS E 75 16.46 12.05 -6.13
N TYR E 76 15.39 11.71 -5.41
CA TYR E 76 14.88 12.60 -4.36
C TYR E 76 15.91 12.80 -3.26
N SER E 77 16.59 11.72 -2.85
CA SER E 77 17.62 11.84 -1.83
C SER E 77 18.79 12.69 -2.32
N LEU E 78 19.18 12.53 -3.58
CA LEU E 78 20.26 13.35 -4.12
C LEU E 78 19.88 14.82 -4.13
N GLN E 79 18.66 15.15 -4.55
CA GLN E 79 18.21 16.54 -4.53
C GLN E 79 18.18 17.08 -3.11
N ASN E 80 17.70 16.28 -2.16
CA ASN E 80 17.63 16.71 -0.77
C ASN E 80 19.02 16.99 -0.22
N THR E 81 19.99 16.11 -0.50
CA THR E 81 21.35 16.34 -0.02
C THR E 81 21.97 17.58 -0.67
N GLU E 82 21.73 17.77 -1.97
CA GLU E 82 22.26 18.95 -2.65
C GLU E 82 21.68 20.23 -2.04
N GLU E 83 20.39 20.21 -1.73
CA GLU E 83 19.79 21.37 -1.07
C GLU E 83 20.34 21.59 0.33
N SER E 84 20.54 20.51 1.09
CA SER E 84 21.00 20.64 2.47
C SER E 84 22.46 21.05 2.55
N LEU E 85 23.24 20.80 1.49
CA LEU E 85 24.65 21.14 1.52
C LEU E 85 24.92 22.63 1.56
N ARG E 86 23.92 23.47 1.34
CA ARG E 86 24.12 24.92 1.28
C ARG E 86 23.79 25.62 2.59
N HIS E 87 23.61 24.87 3.68
CA HIS E 87 23.26 25.44 4.97
C HIS E 87 24.32 25.17 6.03
N VAL E 88 25.54 24.84 5.64
CA VAL E 88 26.64 24.64 6.55
C VAL E 88 27.83 25.49 6.10
N ASP E 89 28.54 26.06 7.05
CA ASP E 89 29.65 26.94 6.70
C ASP E 89 30.84 26.14 6.19
N ALA E 90 31.74 26.84 5.49
CA ALA E 90 32.90 26.19 4.89
C ALA E 90 33.83 25.61 5.95
N SER E 91 33.96 26.28 7.10
CA SER E 91 34.87 25.81 8.13
C SER E 91 34.48 24.44 8.67
N PHE E 92 33.25 24.00 8.41
CA PHE E 92 32.82 22.69 8.89
C PHE E 92 33.25 21.58 7.95
N PHE E 93 33.69 21.91 6.74
CA PHE E 93 34.07 20.92 5.74
C PHE E 93 35.51 20.43 5.90
N LEU E 94 36.26 20.96 6.85
CA LEU E 94 37.67 20.60 7.00
C LEU E 94 37.82 19.29 7.80
N GLY E 95 37.40 18.20 7.16
CA GLY E 95 37.55 16.89 7.74
C GLY E 95 36.47 16.47 8.69
N LYS E 96 35.30 17.12 8.67
CA LYS E 96 34.20 16.78 9.56
C LYS E 96 32.93 16.40 8.82
N VAL E 97 33.02 16.08 7.52
CA VAL E 97 31.87 15.72 6.71
C VAL E 97 32.20 14.45 5.94
N CYS E 98 31.26 13.49 5.95
CA CYS E 98 31.44 12.25 5.23
C CYS E 98 30.21 11.95 4.37
N PHE E 99 30.42 11.21 3.30
CA PHE E 99 29.36 10.80 2.39
C PHE E 99 29.25 9.29 2.39
N LEU E 100 28.02 8.78 2.47
CA LEU E 100 27.77 7.35 2.51
C LEU E 100 26.76 7.00 1.43
N ALA E 101 27.21 6.27 0.42
CA ALA E 101 26.35 5.89 -0.71
C ALA E 101 25.81 4.49 -0.48
N THR E 102 24.50 4.33 -0.68
CA THR E 102 23.81 3.07 -0.45
C THR E 102 23.14 2.60 -1.73
N GLY E 103 23.21 1.29 -1.99
CA GLY E 103 22.55 0.68 -3.12
C GLY E 103 23.44 0.39 -4.31
N ALA E 104 24.75 0.53 -4.19
CA ALA E 104 25.64 0.27 -5.32
C ALA E 104 25.74 -1.21 -5.66
N GLY E 105 25.34 -2.10 -4.76
CA GLY E 105 25.44 -3.53 -5.04
C GLY E 105 24.51 -3.97 -6.16
N ARG E 106 23.27 -3.48 -6.13
CA ARG E 106 22.27 -3.84 -7.14
C ARG E 106 22.35 -2.82 -8.26
N GLU E 107 23.09 -3.16 -9.32
CA GLU E 107 23.30 -2.23 -10.42
C GLU E 107 22.02 -1.96 -11.20
N SER E 108 21.16 -2.97 -11.34
CA SER E 108 19.94 -2.81 -12.14
C SER E 108 18.97 -1.82 -11.52
N HIS E 109 18.98 -1.66 -10.20
CA HIS E 109 18.07 -0.74 -9.54
C HIS E 109 18.60 0.69 -9.49
N CYS E 110 19.88 0.91 -9.79
CA CYS E 110 20.46 2.24 -9.64
C CYS E 110 19.89 3.19 -10.68
N SER E 111 19.47 4.37 -10.21
CA SER E 111 18.99 5.43 -11.09
C SER E 111 19.93 6.62 -11.16
N ILE E 112 21.01 6.62 -10.38
CA ILE E 112 22.01 7.68 -10.38
C ILE E 112 23.37 7.06 -10.70
N HIS E 113 24.07 7.64 -11.68
CA HIS E 113 25.39 7.15 -12.02
C HIS E 113 26.38 7.43 -10.90
N ARG E 114 27.30 6.49 -10.70
CA ARG E 114 28.28 6.63 -9.63
C ARG E 114 29.22 7.80 -9.89
N HIS E 115 29.40 8.19 -11.15
CA HIS E 115 30.32 9.25 -11.47
C HIS E 115 29.79 10.61 -11.02
N THR E 116 28.47 10.76 -11.00
CA THR E 116 27.85 11.98 -10.47
C THR E 116 28.18 12.18 -8.99
N VAL E 117 28.00 11.13 -8.18
CA VAL E 117 28.37 11.27 -6.77
C VAL E 117 29.89 11.32 -6.63
N VAL E 118 30.63 10.83 -7.62
CA VAL E 118 32.09 11.00 -7.61
C VAL E 118 32.45 12.48 -7.67
N LYS E 119 31.89 13.21 -8.65
CA LYS E 119 32.08 14.66 -8.61
C LYS E 119 31.55 15.27 -7.31
N LEU E 120 30.39 14.82 -6.84
CA LEU E 120 29.79 15.44 -5.67
C LEU E 120 30.72 15.36 -4.47
N ALA E 121 31.32 14.19 -4.26
CA ALA E 121 32.26 14.02 -3.17
C ALA E 121 33.56 14.78 -3.42
N HIS E 122 34.04 14.78 -4.67
CA HIS E 122 35.33 15.40 -4.97
C HIS E 122 35.28 16.91 -4.87
N THR E 123 34.15 17.53 -5.22
CA THR E 123 34.06 18.98 -5.22
C THR E 123 34.24 19.56 -3.82
N TYR E 124 33.62 18.94 -2.82
CA TYR E 124 33.64 19.45 -1.46
C TYR E 124 34.81 18.91 -0.65
N GLN E 125 35.68 18.10 -1.26
CA GLN E 125 36.89 17.58 -0.61
C GLN E 125 36.53 16.81 0.66
N SER E 126 35.78 15.73 0.47
CA SER E 126 35.34 14.90 1.58
C SER E 126 35.46 13.43 1.20
N PRO E 127 35.67 12.55 2.17
CA PRO E 127 35.75 11.12 1.86
C PRO E 127 34.41 10.56 1.41
N LEU E 128 34.49 9.48 0.64
CA LEU E 128 33.31 8.79 0.13
C LEU E 128 33.38 7.33 0.53
N LEU E 129 32.28 6.80 1.07
CA LEU E 129 32.21 5.42 1.53
C LEU E 129 31.05 4.71 0.84
N TYR E 130 31.21 3.40 0.66
CA TYR E 130 30.21 2.56 0.02
C TYR E 130 29.74 1.50 1.02
N CYS E 131 28.43 1.29 1.09
CA CYS E 131 27.87 0.29 1.98
C CYS E 131 26.44 -0.01 1.56
N ASP E 132 26.01 -1.24 1.81
CA ASP E 132 24.62 -1.65 1.61
C ASP E 132 24.00 -1.85 2.99
N LEU E 133 23.12 -0.92 3.38
CA LEU E 133 22.56 -0.94 4.73
C LEU E 133 21.54 -2.04 4.93
N GLU E 134 21.11 -2.72 3.87
CA GLU E 134 20.12 -3.79 4.01
C GLU E 134 20.71 -5.04 4.63
N VAL E 135 22.01 -5.27 4.50
CA VAL E 135 22.67 -6.47 5.01
C VAL E 135 23.31 -6.14 6.35
N GLU E 136 23.02 -6.97 7.36
CA GLU E 136 23.54 -6.73 8.70
C GLU E 136 25.05 -6.88 8.78
N GLY E 137 25.61 -7.85 8.05
CA GLY E 137 27.04 -8.10 8.13
C GLY E 137 27.86 -6.90 7.70
N PHE E 138 27.48 -6.26 6.60
CA PHE E 138 28.17 -5.05 6.16
C PHE E 138 27.83 -3.85 7.02
N ARG E 139 26.60 -3.79 7.53
CA ARG E 139 26.20 -2.65 8.35
C ARG E 139 26.98 -2.59 9.65
N ALA E 140 27.25 -3.74 10.26
CA ALA E 140 28.03 -3.76 11.49
C ALA E 140 29.44 -3.21 11.26
N THR E 141 30.08 -3.66 10.18
CA THR E 141 31.42 -3.17 9.87
C THR E 141 31.42 -1.67 9.58
N MET E 142 30.42 -1.20 8.82
CA MET E 142 30.33 0.22 8.54
C MET E 142 30.12 1.03 9.82
N ALA E 143 29.30 0.51 10.73
CA ALA E 143 29.09 1.18 12.01
C ALA E 143 30.37 1.26 12.81
N GLN E 144 31.15 0.17 12.83
CA GLN E 144 32.42 0.20 13.56
C GLN E 144 33.37 1.22 12.95
N ARG E 145 33.45 1.27 11.62
CA ARG E 145 34.33 2.24 10.97
C ARG E 145 33.89 3.67 11.27
N LEU E 146 32.59 3.92 11.24
CA LEU E 146 32.08 5.26 11.54
C LEU E 146 32.37 5.64 12.99
N VAL E 147 32.25 4.68 13.91
CA VAL E 147 32.56 4.96 15.30
C VAL E 147 34.03 5.32 15.47
N ARG E 148 34.92 4.59 14.80
CA ARG E 148 36.34 4.92 14.87
C ARG E 148 36.63 6.30 14.32
N VAL E 149 36.01 6.64 13.17
CA VAL E 149 36.21 7.96 12.59
C VAL E 149 35.71 9.05 13.53
N LEU E 150 34.55 8.83 14.14
CA LEU E 150 34.01 9.81 15.08
C LEU E 150 34.93 9.98 16.29
N GLN E 151 35.47 8.88 16.80
CA GLN E 151 36.41 8.98 17.92
C GLN E 151 37.64 9.79 17.54
N ILE E 152 38.14 9.60 16.31
CA ILE E 152 39.26 10.40 15.85
C ILE E 152 38.89 11.88 15.75
N CYS E 153 37.69 12.17 15.23
CA CYS E 153 37.30 13.55 15.00
C CYS E 153 37.08 14.31 16.31
N ALA E 154 36.53 13.64 17.32
CA ALA E 154 36.20 14.32 18.58
C ALA E 154 37.45 14.73 19.37
N GLY E 155 38.63 14.26 19.00
CA GLY E 155 39.83 14.61 19.70
C GLY E 155 40.23 13.66 20.82
N HIS E 156 39.67 12.46 20.86
CA HIS E 156 39.99 11.48 21.89
C HIS E 156 41.26 10.71 21.58
N VAL E 157 41.84 10.91 20.39
CA VAL E 157 43.09 10.25 20.02
C VAL E 157 44.21 11.28 20.03
N PRO E 158 45.12 11.24 21.00
CA PRO E 158 46.19 12.24 21.07
C PRO E 158 47.09 12.18 19.83
N GLY E 159 47.51 13.34 19.36
CA GLY E 159 48.42 13.46 18.23
C GLY E 159 47.74 13.50 16.88
N VAL E 160 46.46 13.14 16.79
CA VAL E 160 45.74 13.11 15.53
C VAL E 160 44.51 14.00 15.65
N SER E 161 44.33 14.88 14.68
CA SER E 161 43.19 15.79 14.63
C SER E 161 42.43 15.59 13.32
N ALA E 162 41.34 16.33 13.16
CA ALA E 162 40.53 16.21 11.95
C ALA E 162 41.30 16.67 10.72
N LEU E 163 42.11 17.73 10.86
CA LEU E 163 42.86 18.23 9.72
C LEU E 163 43.84 17.20 9.19
N ASN E 164 44.53 16.47 10.09
CA ASN E 164 45.41 15.39 9.66
C ASN E 164 44.62 14.28 9.00
N LEU E 165 43.45 13.95 9.54
CA LEU E 165 42.60 12.92 8.95
C LEU E 165 42.17 13.32 7.54
N LEU E 166 42.01 14.62 7.28
CA LEU E 166 41.69 15.08 5.94
C LEU E 166 42.81 14.72 4.96
N SER E 167 44.06 14.87 5.38
CA SER E 167 45.19 14.51 4.53
C SER E 167 45.36 13.00 4.41
N LEU E 168 45.01 12.24 5.46
CA LEU E 168 45.19 10.81 5.42
C LEU E 168 44.32 10.15 4.36
N LEU E 169 43.07 10.59 4.23
CA LEU E 169 42.12 9.99 3.31
C LEU E 169 42.04 10.74 1.98
N ARG E 170 42.99 11.64 1.72
CA ARG E 170 42.99 12.40 0.48
C ARG E 170 43.25 11.47 -0.70
N SER E 171 42.48 11.67 -1.77
CA SER E 171 42.61 10.88 -2.98
C SER E 171 43.65 11.52 -3.90
N SER E 172 44.41 10.66 -4.58
CA SER E 172 45.45 11.15 -5.49
C SER E 172 44.85 11.94 -6.63
N GLU E 173 43.76 11.45 -7.21
CA GLU E 173 43.06 12.18 -8.26
C GLU E 173 41.55 12.07 -8.08
N ASP F 2 -29.61 -35.93 -23.53
CA ASP F 2 -28.75 -35.95 -24.71
C ASP F 2 -27.28 -35.94 -24.32
N GLU F 3 -26.41 -35.80 -25.33
CA GLU F 3 -24.97 -35.79 -25.11
C GLU F 3 -24.43 -34.43 -24.73
N THR F 4 -25.06 -33.34 -25.19
CA THR F 4 -24.60 -32.00 -24.82
C THR F 4 -24.73 -31.77 -23.32
N VAL F 5 -25.84 -32.23 -22.72
CA VAL F 5 -26.02 -32.09 -21.27
C VAL F 5 -24.94 -32.85 -20.52
N ALA F 6 -24.66 -34.08 -20.96
CA ALA F 6 -23.63 -34.88 -20.29
C ALA F 6 -22.26 -34.23 -20.42
N GLU F 7 -21.95 -33.68 -21.61
CA GLU F 7 -20.67 -33.01 -21.80
C GLU F 7 -20.55 -31.78 -20.92
N PHE F 8 -21.63 -31.00 -20.82
CA PHE F 8 -21.63 -29.81 -19.97
C PHE F 8 -21.43 -30.20 -18.51
N ILE F 9 -22.11 -31.27 -18.07
CA ILE F 9 -21.95 -31.73 -16.69
C ILE F 9 -20.52 -32.19 -16.44
N LYS F 10 -19.94 -32.92 -17.40
CA LYS F 10 -18.57 -33.39 -17.25
C LYS F 10 -17.60 -32.22 -17.16
N ARG F 11 -17.78 -31.20 -18.01
CA ARG F 11 -16.91 -30.02 -17.95
C ARG F 11 -17.05 -29.30 -16.62
N THR F 12 -18.29 -29.15 -16.13
CA THR F 12 -18.51 -28.51 -14.84
C THR F 12 -17.84 -29.28 -13.71
N ILE F 13 -17.96 -30.60 -13.72
CA ILE F 13 -17.35 -31.42 -12.68
C ILE F 13 -15.83 -31.32 -12.75
N LEU F 14 -15.27 -31.36 -13.97
CA LEU F 14 -13.83 -31.21 -14.12
C LEU F 14 -13.35 -29.87 -13.61
N LYS F 15 -14.14 -28.81 -13.80
CA LYS F 15 -13.77 -27.50 -13.25
C LYS F 15 -13.74 -27.52 -11.74
N ILE F 16 -14.65 -28.27 -11.10
CA ILE F 16 -14.75 -28.32 -9.65
C ILE F 16 -13.50 -28.97 -9.06
N PRO F 17 -12.89 -28.40 -8.03
CA PRO F 17 -11.75 -29.05 -7.37
C PRO F 17 -12.17 -30.33 -6.67
N MET F 18 -11.21 -31.23 -6.47
CA MET F 18 -11.51 -32.54 -5.89
C MET F 18 -11.75 -32.48 -4.39
N ASN F 19 -11.02 -31.62 -3.68
CA ASN F 19 -11.14 -31.57 -2.22
C ASN F 19 -12.52 -31.11 -1.78
N GLU F 20 -13.11 -30.14 -2.46
CA GLU F 20 -14.41 -29.59 -2.09
C GLU F 20 -15.55 -30.17 -2.94
N LEU F 21 -15.27 -31.23 -3.70
CA LEU F 21 -16.28 -31.82 -4.57
C LEU F 21 -17.45 -32.40 -3.77
N THR F 22 -17.16 -33.01 -2.62
CA THR F 22 -18.23 -33.59 -1.82
C THR F 22 -19.21 -32.53 -1.35
N THR F 23 -18.69 -31.36 -0.94
CA THR F 23 -19.57 -30.28 -0.50
C THR F 23 -20.45 -29.79 -1.64
N ILE F 24 -19.89 -29.67 -2.84
CA ILE F 24 -20.68 -29.20 -3.99
C ILE F 24 -21.78 -30.20 -4.32
N LEU F 25 -21.46 -31.50 -4.35
CA LEU F 25 -22.49 -32.49 -4.64
C LEU F 25 -23.53 -32.57 -3.55
N LYS F 26 -23.14 -32.39 -2.29
CA LYS F 26 -24.11 -32.35 -1.20
C LYS F 26 -25.05 -31.16 -1.34
N ALA F 27 -24.51 -30.00 -1.70
CA ALA F 27 -25.35 -28.81 -1.87
C ALA F 27 -26.26 -28.93 -3.08
N TRP F 28 -25.81 -29.63 -4.13
CA TRP F 28 -26.63 -29.78 -5.33
C TRP F 28 -27.92 -30.51 -5.04
N ASP F 29 -27.84 -31.59 -4.25
CA ASP F 29 -29.00 -32.37 -3.82
C ASP F 29 -29.83 -32.87 -5.00
N PHE F 30 -29.16 -33.31 -6.06
CA PHE F 30 -29.86 -33.92 -7.19
C PHE F 30 -29.82 -35.44 -7.11
N LEU F 31 -28.63 -36.02 -7.06
CA LEU F 31 -28.49 -37.46 -6.89
C LEU F 31 -28.85 -37.86 -5.46
N SER F 32 -29.38 -39.07 -5.33
CA SER F 32 -29.76 -39.58 -4.02
C SER F 32 -28.53 -39.79 -3.15
N GLU F 33 -28.72 -39.69 -1.83
CA GLU F 33 -27.60 -39.82 -0.90
C GLU F 33 -26.97 -41.19 -0.96
N ASN F 34 -27.77 -42.24 -1.13
CA ASN F 34 -27.23 -43.61 -1.18
C ASN F 34 -26.36 -43.85 -2.40
N GLN F 35 -26.40 -42.98 -3.40
CA GLN F 35 -25.57 -43.12 -4.59
C GLN F 35 -24.23 -42.42 -4.46
N LEU F 36 -23.98 -41.74 -3.34
CA LEU F 36 -22.75 -41.00 -3.16
C LEU F 36 -21.63 -41.84 -2.55
N GLN F 37 -21.95 -42.66 -1.54
CA GLN F 37 -20.92 -43.49 -0.91
C GLN F 37 -20.45 -44.62 -1.82
N THR F 38 -21.21 -44.94 -2.86
CA THR F 38 -20.80 -46.00 -3.78
C THR F 38 -19.53 -45.62 -4.53
N VAL F 39 -19.37 -44.35 -4.88
CA VAL F 39 -18.21 -43.86 -5.59
C VAL F 39 -17.08 -43.62 -4.60
N ASN F 40 -15.90 -44.18 -4.89
CA ASN F 40 -14.72 -44.02 -4.05
C ASN F 40 -13.96 -42.78 -4.50
N PHE F 41 -13.72 -41.86 -3.58
CA PHE F 41 -13.01 -40.62 -3.88
C PHE F 41 -11.50 -40.75 -3.66
N ARG F 42 -11.02 -41.92 -3.24
CA ARG F 42 -9.60 -42.12 -3.05
C ARG F 42 -8.86 -42.40 -4.35
N GLN F 43 -9.57 -42.78 -5.41
CA GLN F 43 -8.94 -43.10 -6.68
C GLN F 43 -8.63 -41.80 -7.43
N ARG F 44 -8.26 -41.92 -8.70
CA ARG F 44 -7.90 -40.76 -9.49
C ARG F 44 -9.13 -39.91 -9.80
N LYS F 45 -8.87 -38.64 -10.12
CA LYS F 45 -9.95 -37.70 -10.39
C LYS F 45 -10.74 -38.10 -11.63
N GLU F 46 -10.06 -38.55 -12.68
CA GLU F 46 -10.74 -38.90 -13.93
C GLU F 46 -11.69 -40.08 -13.72
N SER F 47 -11.27 -41.08 -12.95
CA SER F 47 -12.14 -42.22 -12.69
C SER F 47 -13.40 -41.79 -11.94
N VAL F 48 -13.25 -40.92 -10.94
CA VAL F 48 -14.40 -40.41 -10.20
C VAL F 48 -15.32 -39.63 -11.13
N VAL F 49 -14.76 -38.78 -11.97
CA VAL F 49 -15.58 -37.98 -12.88
C VAL F 49 -16.35 -38.89 -13.83
N GLN F 50 -15.69 -39.90 -14.38
CA GLN F 50 -16.37 -40.83 -15.29
C GLN F 50 -17.48 -41.59 -14.57
N HIS F 51 -17.22 -42.02 -13.33
CA HIS F 51 -18.24 -42.72 -12.57
C HIS F 51 -19.45 -41.84 -12.31
N LEU F 52 -19.22 -40.59 -11.93
CA LEU F 52 -20.34 -39.66 -11.72
C LEU F 52 -21.10 -39.41 -13.01
N ILE F 53 -20.40 -39.34 -14.14
CA ILE F 53 -21.09 -39.21 -15.43
C ILE F 53 -21.97 -40.42 -15.68
N HIS F 54 -21.46 -41.62 -15.39
CA HIS F 54 -22.28 -42.82 -15.55
C HIS F 54 -23.53 -42.76 -14.68
N LEU F 55 -23.38 -42.42 -13.40
CA LEU F 55 -24.55 -42.37 -12.52
C LEU F 55 -25.55 -41.31 -12.96
N CYS F 56 -25.08 -40.12 -13.35
CA CYS F 56 -26.03 -39.08 -13.73
C CYS F 56 -26.66 -39.37 -15.09
N GLU F 57 -25.99 -40.13 -15.95
CA GLU F 57 -26.61 -40.54 -17.21
C GLU F 57 -27.61 -41.66 -17.00
N GLU F 58 -27.40 -42.50 -15.98
CA GLU F 58 -28.38 -43.53 -15.67
C GLU F 58 -29.73 -42.93 -15.27
N LYS F 59 -29.71 -41.81 -14.56
CA LYS F 59 -30.92 -41.11 -14.15
C LYS F 59 -31.28 -40.04 -15.18
N ARG F 60 -32.56 -39.70 -15.23
CA ARG F 60 -33.05 -38.66 -16.13
C ARG F 60 -32.59 -37.30 -15.62
N ALA F 61 -31.61 -36.71 -16.32
CA ALA F 61 -31.05 -35.41 -15.95
C ALA F 61 -31.38 -34.41 -17.04
N SER F 62 -31.98 -33.28 -16.64
CA SER F 62 -32.32 -32.22 -17.57
C SER F 62 -31.26 -31.12 -17.51
N ILE F 63 -31.48 -30.03 -18.25
CA ILE F 63 -30.53 -28.92 -18.24
C ILE F 63 -30.70 -28.03 -17.00
N SER F 64 -31.86 -28.08 -16.35
CA SER F 64 -32.05 -27.28 -15.14
C SER F 64 -31.11 -27.71 -14.02
N ASP F 65 -30.89 -29.02 -13.86
CA ASP F 65 -29.97 -29.50 -12.84
C ASP F 65 -28.54 -29.02 -13.11
N ALA F 66 -28.11 -29.09 -14.37
CA ALA F 66 -26.79 -28.60 -14.72
C ALA F 66 -26.66 -27.11 -14.47
N ALA F 67 -27.70 -26.35 -14.81
CA ALA F 67 -27.68 -24.91 -14.56
C ALA F 67 -27.59 -24.61 -13.07
N LEU F 68 -28.35 -25.36 -12.25
CA LEU F 68 -28.28 -25.16 -10.81
C LEU F 68 -26.90 -25.50 -10.26
N LEU F 69 -26.29 -26.57 -10.76
CA LEU F 69 -24.93 -26.92 -10.35
C LEU F 69 -23.95 -25.81 -10.73
N ASP F 70 -24.08 -25.27 -11.94
CA ASP F 70 -23.22 -24.17 -12.36
C ASP F 70 -23.40 -22.96 -11.47
N ILE F 71 -24.65 -22.65 -11.11
CA ILE F 71 -24.91 -21.52 -10.22
C ILE F 71 -24.25 -21.75 -8.86
N ILE F 72 -24.37 -22.95 -8.32
CA ILE F 72 -23.77 -23.26 -7.02
C ILE F 72 -22.26 -23.09 -7.08
N TYR F 73 -21.64 -23.64 -8.13
CA TYR F 73 -20.19 -23.52 -8.27
C TYR F 73 -19.78 -22.05 -8.40
N MET F 74 -20.50 -21.28 -9.20
CA MET F 74 -20.15 -19.88 -9.40
C MET F 74 -20.28 -19.08 -8.11
N GLN F 75 -21.35 -19.30 -7.35
CA GLN F 75 -21.49 -18.57 -6.10
C GLN F 75 -20.51 -19.06 -5.04
N PHE F 76 -20.01 -20.29 -5.17
CA PHE F 76 -18.96 -20.74 -4.25
C PHE F 76 -17.61 -20.14 -4.61
N HIS F 77 -17.37 -19.84 -5.89
CA HIS F 77 -16.10 -19.23 -6.28
C HIS F 77 -16.19 -17.71 -6.34
N GLN F 78 -17.05 -17.18 -7.21
CA GLN F 78 -17.41 -15.77 -7.31
C GLN F 78 -16.20 -14.83 -7.39
N HIS F 79 -15.03 -15.34 -7.78
CA HIS F 79 -13.85 -14.51 -7.93
C HIS F 79 -13.16 -14.71 -9.27
N GLN F 80 -13.80 -15.39 -10.22
CA GLN F 80 -13.23 -15.62 -11.54
C GLN F 80 -13.74 -14.64 -12.59
N LYS F 81 -14.60 -13.70 -12.22
CA LYS F 81 -15.21 -12.78 -13.16
C LYS F 81 -15.18 -11.37 -12.60
N VAL F 82 -15.32 -10.39 -13.49
CA VAL F 82 -15.32 -8.98 -13.13
C VAL F 82 -16.78 -8.53 -12.99
N TRP F 83 -17.10 -7.88 -11.88
CA TRP F 83 -18.47 -7.50 -11.55
C TRP F 83 -18.68 -6.01 -11.74
N GLU F 84 -19.86 -5.66 -12.22
CA GLU F 84 -20.28 -4.27 -12.36
C GLU F 84 -21.57 -4.06 -11.57
N VAL F 85 -21.85 -2.80 -11.24
CA VAL F 85 -22.99 -2.45 -10.41
C VAL F 85 -23.95 -1.59 -11.22
N PHE F 86 -25.22 -1.58 -10.80
CA PHE F 86 -26.23 -0.72 -11.39
C PHE F 86 -27.02 -0.04 -10.29
N GLN F 87 -27.56 1.14 -10.60
CA GLN F 87 -28.38 1.90 -9.67
C GLN F 87 -29.74 2.13 -10.29
N MET F 88 -30.79 1.99 -9.49
CA MET F 88 -32.16 2.05 -9.97
C MET F 88 -32.93 3.13 -9.22
N SER F 89 -33.66 3.94 -9.97
CA SER F 89 -34.40 5.07 -9.43
C SER F 89 -35.89 4.96 -9.77
N LYS F 90 -36.71 5.44 -8.86
CA LYS F 90 -38.15 5.39 -8.98
C LYS F 90 -38.73 6.78 -8.78
N GLY F 91 -39.92 7.00 -9.34
CA GLY F 91 -40.59 8.27 -9.26
C GLY F 91 -41.01 8.61 -7.84
N PRO F 92 -41.09 9.91 -7.53
CA PRO F 92 -41.49 10.30 -6.16
C PRO F 92 -42.94 10.01 -5.86
N GLY F 93 -43.79 9.90 -6.87
CA GLY F 93 -45.20 9.64 -6.70
C GLY F 93 -45.59 8.19 -6.52
N GLU F 94 -44.63 7.27 -6.58
CA GLU F 94 -44.90 5.85 -6.43
C GLU F 94 -44.75 5.45 -4.96
N ASP F 95 -45.72 4.68 -4.48
CA ASP F 95 -45.68 4.18 -3.11
C ASP F 95 -44.70 3.02 -3.00
N VAL F 96 -44.46 2.59 -1.76
CA VAL F 96 -43.54 1.47 -1.53
C VAL F 96 -44.13 0.20 -2.14
N ASP F 97 -43.33 -0.49 -2.93
CA ASP F 97 -43.78 -1.66 -3.65
C ASP F 97 -43.88 -2.86 -2.72
N LEU F 98 -44.78 -3.78 -3.07
CA LEU F 98 -44.98 -5.02 -2.33
C LEU F 98 -44.29 -6.13 -3.10
N PHE F 99 -43.05 -6.43 -2.73
CA PHE F 99 -42.23 -7.38 -3.48
C PHE F 99 -42.78 -8.79 -3.34
N ASP F 100 -42.76 -9.53 -4.45
CA ASP F 100 -43.19 -10.93 -4.47
C ASP F 100 -42.25 -11.73 -5.34
N MET F 101 -41.88 -12.93 -4.89
CA MET F 101 -40.95 -13.76 -5.65
C MET F 101 -41.55 -14.23 -6.96
N LYS F 102 -42.76 -14.80 -6.91
CA LYS F 102 -43.35 -15.41 -8.10
C LYS F 102 -43.63 -14.37 -9.18
N GLN F 103 -44.17 -13.21 -8.78
CA GLN F 103 -44.46 -12.17 -9.76
C GLN F 103 -43.19 -11.66 -10.42
N PHE F 104 -42.14 -11.45 -9.63
CA PHE F 104 -40.87 -10.99 -10.19
C PHE F 104 -40.29 -12.03 -11.15
N LYS F 105 -40.32 -13.30 -10.77
CA LYS F 105 -39.80 -14.36 -11.63
C LYS F 105 -40.58 -14.42 -12.93
N ASN F 106 -41.91 -14.36 -12.85
CA ASN F 106 -42.73 -14.45 -14.06
C ASN F 106 -42.49 -13.27 -14.98
N SER F 107 -42.43 -12.06 -14.42
CA SER F 107 -42.20 -10.88 -15.25
C SER F 107 -40.84 -10.93 -15.92
N PHE F 108 -39.80 -11.31 -15.16
CA PHE F 108 -38.46 -11.37 -15.72
C PHE F 108 -38.37 -12.44 -16.80
N LYS F 109 -38.99 -13.59 -16.60
CA LYS F 109 -38.99 -14.62 -17.64
C LYS F 109 -39.75 -14.16 -18.87
N LYS F 110 -40.92 -13.54 -18.69
CA LYS F 110 -41.74 -13.17 -19.83
C LYS F 110 -41.12 -12.05 -20.65
N ILE F 111 -40.41 -11.12 -20.01
CA ILE F 111 -39.77 -10.04 -20.77
C ILE F 111 -38.76 -10.61 -21.76
N LEU F 112 -37.91 -11.53 -21.30
CA LEU F 112 -36.93 -12.14 -22.19
C LEU F 112 -37.59 -13.08 -23.19
N GLN F 113 -38.67 -13.76 -22.78
CA GLN F 113 -39.33 -14.68 -23.71
C GLN F 113 -40.02 -13.94 -24.84
N ARG F 114 -40.51 -12.73 -24.58
CA ARG F 114 -41.11 -11.93 -25.64
C ARG F 114 -40.09 -11.11 -26.41
N ALA F 115 -38.93 -10.83 -25.81
CA ALA F 115 -37.88 -10.11 -26.53
C ALA F 115 -37.14 -11.04 -27.48
N LEU F 116 -36.50 -12.09 -26.93
CA LEU F 116 -35.80 -13.08 -27.72
C LEU F 116 -36.72 -14.28 -27.94
N LYS F 117 -36.16 -15.36 -28.48
CA LYS F 117 -36.90 -16.60 -28.67
C LYS F 117 -36.30 -17.76 -27.88
N ASN F 118 -35.00 -18.01 -28.03
CA ASN F 118 -34.30 -19.08 -27.33
C ASN F 118 -33.43 -18.45 -26.26
N VAL F 119 -33.78 -18.65 -24.99
CA VAL F 119 -33.00 -18.13 -23.88
C VAL F 119 -33.28 -19.00 -22.67
N THR F 120 -32.25 -19.24 -21.87
CA THR F 120 -32.37 -20.07 -20.68
C THR F 120 -32.22 -19.19 -19.45
N VAL F 121 -33.16 -19.30 -18.51
CA VAL F 121 -33.14 -18.54 -17.27
C VAL F 121 -33.20 -19.52 -16.11
N SER F 122 -32.32 -19.32 -15.13
CA SER F 122 -32.29 -20.15 -13.93
C SER F 122 -32.23 -19.24 -12.71
N PHE F 123 -33.05 -19.54 -11.70
CA PHE F 123 -33.17 -18.72 -10.52
C PHE F 123 -32.72 -19.49 -9.28
N ARG F 124 -32.18 -18.77 -8.31
CA ARG F 124 -31.81 -19.36 -7.03
C ARG F 124 -31.96 -18.30 -5.96
N GLU F 125 -32.88 -18.52 -5.02
CA GLU F 125 -33.13 -17.59 -3.91
C GLU F 125 -32.35 -18.09 -2.70
N THR F 126 -31.46 -17.25 -2.19
CA THR F 126 -30.63 -17.61 -1.05
C THR F 126 -30.73 -16.55 0.03
N GLU F 127 -30.15 -16.88 1.19
CA GLU F 127 -30.33 -16.12 2.42
C GLU F 127 -29.77 -14.72 2.27
N GLU F 128 -29.91 -13.92 3.33
CA GLU F 128 -29.76 -12.46 3.34
C GLU F 128 -30.48 -11.80 2.18
N ASN F 129 -31.57 -12.41 1.69
CA ASN F 129 -32.44 -11.84 0.67
C ASN F 129 -31.66 -11.58 -0.64
N ALA F 130 -31.12 -12.66 -1.19
CA ALA F 130 -30.36 -12.56 -2.44
C ALA F 130 -30.99 -13.44 -3.50
N VAL F 131 -31.01 -12.95 -4.74
CA VAL F 131 -31.52 -13.70 -5.88
C VAL F 131 -30.42 -13.80 -6.91
N TRP F 132 -30.04 -15.03 -7.27
CA TRP F 132 -29.05 -15.29 -8.31
C TRP F 132 -29.76 -15.73 -9.57
N ILE F 133 -29.47 -15.05 -10.68
CA ILE F 133 -30.07 -15.34 -11.96
C ILE F 133 -28.95 -15.70 -12.94
N ARG F 134 -29.06 -16.87 -13.56
CA ARG F 134 -28.15 -17.29 -14.60
C ARG F 134 -28.88 -17.29 -15.94
N ILE F 135 -28.33 -16.58 -16.91
CA ILE F 135 -28.96 -16.41 -18.21
C ILE F 135 -28.04 -16.95 -19.28
N ALA F 136 -28.53 -17.89 -20.07
CA ALA F 136 -27.86 -18.38 -21.27
C ALA F 136 -28.53 -17.75 -22.47
N TRP F 137 -27.76 -16.96 -23.22
CA TRP F 137 -28.30 -16.15 -24.30
C TRP F 137 -28.49 -16.96 -25.57
N GLY F 138 -29.31 -16.42 -26.46
CA GLY F 138 -29.58 -17.02 -27.75
C GLY F 138 -30.51 -16.12 -28.52
N THR F 139 -30.79 -16.53 -29.76
CA THR F 139 -31.68 -15.77 -30.62
C THR F 139 -32.58 -16.75 -31.36
N GLN F 140 -33.33 -16.22 -32.34
CA GLN F 140 -34.26 -17.05 -33.10
C GLN F 140 -33.56 -18.10 -33.94
N TYR F 141 -32.39 -17.78 -34.50
CA TYR F 141 -31.71 -18.66 -35.45
C TYR F 141 -30.58 -19.46 -34.85
N THR F 142 -30.34 -19.38 -33.54
CA THR F 142 -29.36 -20.22 -32.87
C THR F 142 -29.93 -20.74 -31.57
N LYS F 143 -29.41 -21.89 -31.14
CA LYS F 143 -29.74 -22.46 -29.85
C LYS F 143 -29.03 -21.70 -28.74
N PRO F 144 -29.55 -21.76 -27.51
CA PRO F 144 -28.89 -21.08 -26.40
C PRO F 144 -27.46 -21.59 -26.19
N ASN F 145 -26.56 -20.68 -25.87
CA ASN F 145 -25.14 -21.01 -25.69
C ASN F 145 -24.88 -21.25 -24.21
N GLN F 146 -24.35 -22.41 -23.88
CA GLN F 146 -24.02 -22.75 -22.50
C GLN F 146 -22.56 -22.46 -22.15
N TYR F 147 -21.79 -21.91 -23.08
CA TYR F 147 -20.38 -21.62 -22.81
C TYR F 147 -20.15 -20.20 -22.30
N LYS F 148 -21.06 -19.27 -22.59
CA LYS F 148 -20.92 -17.88 -22.20
C LYS F 148 -22.18 -17.44 -21.47
N PRO F 149 -22.34 -17.81 -20.20
CA PRO F 149 -23.51 -17.39 -19.44
C PRO F 149 -23.31 -16.00 -18.82
N THR F 150 -24.41 -15.47 -18.30
CA THR F 150 -24.43 -14.17 -17.63
C THR F 150 -25.02 -14.33 -16.25
N TYR F 151 -24.34 -13.79 -15.24
CA TYR F 151 -24.76 -13.91 -13.85
C TYR F 151 -25.23 -12.56 -13.35
N VAL F 152 -26.38 -12.55 -12.69
CA VAL F 152 -26.94 -11.34 -12.09
C VAL F 152 -27.29 -11.63 -10.63
N VAL F 153 -26.90 -10.72 -9.75
CA VAL F 153 -27.22 -10.82 -8.33
C VAL F 153 -28.11 -9.64 -8.00
N TYR F 154 -29.29 -9.92 -7.46
CA TYR F 154 -30.25 -8.89 -7.10
C TYR F 154 -30.59 -8.98 -5.62
N TYR F 155 -30.78 -7.81 -5.01
CA TYR F 155 -31.18 -7.72 -3.62
C TYR F 155 -32.58 -7.13 -3.56
N SER F 156 -33.49 -7.83 -2.89
CA SER F 156 -34.90 -7.44 -2.90
C SER F 156 -35.10 -6.12 -2.18
N GLN F 157 -36.00 -5.29 -2.73
CA GLN F 157 -36.37 -4.00 -2.16
C GLN F 157 -35.18 -3.07 -1.99
N THR F 158 -34.20 -3.16 -2.88
CA THR F 158 -33.03 -2.28 -2.88
C THR F 158 -32.79 -1.78 -4.30
N PRO F 159 -32.21 -0.58 -4.43
CA PRO F 159 -31.98 0.00 -5.77
C PRO F 159 -30.72 -0.48 -6.45
N TYR F 160 -30.07 -1.55 -6.00
CA TYR F 160 -28.79 -1.97 -6.53
C TYR F 160 -28.86 -3.38 -7.08
N ALA F 161 -28.06 -3.65 -8.11
CA ALA F 161 -27.99 -4.97 -8.72
C ALA F 161 -26.61 -5.15 -9.34
N PHE F 162 -26.01 -6.31 -9.12
CA PHE F 162 -24.68 -6.61 -9.62
C PHE F 162 -24.78 -7.54 -10.83
N THR F 163 -23.84 -7.39 -11.76
CA THR F 163 -23.83 -8.19 -12.97
C THR F 163 -22.41 -8.64 -13.27
N SER F 164 -22.30 -9.75 -14.00
CA SER F 164 -21.01 -10.26 -14.45
C SER F 164 -20.79 -9.85 -15.90
N SER F 165 -19.66 -9.19 -16.17
CA SER F 165 -19.35 -8.67 -17.50
C SER F 165 -18.74 -9.79 -18.34
N SER F 166 -19.60 -10.61 -18.94
CA SER F 166 -19.14 -11.72 -19.77
C SER F 166 -19.53 -11.56 -21.23
N MET F 167 -20.83 -11.44 -21.53
CA MET F 167 -21.26 -11.36 -22.92
C MET F 167 -22.42 -10.37 -23.06
N LEU F 168 -22.80 -9.67 -21.99
CA LEU F 168 -23.98 -8.81 -22.04
C LEU F 168 -23.77 -7.53 -22.83
N ARG F 169 -22.56 -7.28 -23.33
CA ARG F 169 -22.27 -6.02 -24.02
C ARG F 169 -23.18 -5.80 -25.22
N ARG F 170 -23.67 -6.86 -25.85
CA ARG F 170 -24.58 -6.72 -26.96
C ARG F 170 -26.05 -6.70 -26.53
N ASN F 171 -26.34 -7.04 -25.28
CA ASN F 171 -27.70 -7.11 -24.77
C ASN F 171 -27.82 -6.42 -23.42
N THR F 172 -26.90 -5.51 -23.13
CA THR F 172 -26.97 -4.77 -21.86
C THR F 172 -28.24 -3.95 -21.75
N PRO F 173 -28.67 -3.18 -22.76
CA PRO F 173 -29.94 -2.46 -22.60
C PRO F 173 -31.13 -3.39 -22.38
N LEU F 174 -31.14 -4.56 -23.02
CA LEU F 174 -32.23 -5.51 -22.80
C LEU F 174 -32.25 -5.99 -21.36
N LEU F 175 -31.08 -6.33 -20.81
CA LEU F 175 -31.02 -6.77 -19.42
C LEU F 175 -31.45 -5.67 -18.47
N GLY F 176 -31.01 -4.43 -18.74
CA GLY F 176 -31.44 -3.32 -17.90
C GLY F 176 -32.94 -3.09 -17.94
N GLN F 177 -33.52 -3.17 -19.14
CA GLN F 177 -34.96 -3.00 -19.27
C GLN F 177 -35.71 -4.11 -18.54
N ALA F 178 -35.23 -5.35 -18.66
CA ALA F 178 -35.87 -6.45 -17.94
C ALA F 178 -35.80 -6.23 -16.43
N LEU F 179 -34.64 -5.82 -15.93
CA LEU F 179 -34.50 -5.59 -14.49
C LEU F 179 -35.41 -4.45 -14.01
N THR F 180 -35.47 -3.35 -14.77
CA THR F 180 -36.27 -2.22 -14.34
C THR F 180 -37.76 -2.44 -14.54
N ILE F 181 -38.16 -3.39 -15.37
CA ILE F 181 -39.57 -3.70 -15.54
C ILE F 181 -40.04 -4.72 -14.51
N ALA F 182 -39.24 -5.77 -14.27
CA ALA F 182 -39.66 -6.82 -13.36
C ALA F 182 -39.79 -6.32 -11.92
N SER F 183 -38.91 -5.42 -11.49
CA SER F 183 -38.91 -4.93 -10.12
C SER F 183 -39.70 -3.65 -9.95
N LYS F 184 -40.38 -3.18 -11.00
CA LYS F 184 -41.25 -2.00 -10.94
C LYS F 184 -40.45 -0.76 -10.54
N HIS F 185 -39.47 -0.42 -11.39
CA HIS F 185 -38.70 0.81 -11.25
C HIS F 185 -38.81 1.61 -12.54
N HIS F 186 -38.26 2.82 -12.54
CA HIS F 186 -38.43 3.76 -13.64
C HIS F 186 -37.15 4.04 -14.41
N GLN F 187 -36.02 4.20 -13.73
CA GLN F 187 -34.77 4.49 -14.41
C GLN F 187 -33.66 3.58 -13.91
N ILE F 188 -32.74 3.24 -14.81
CA ILE F 188 -31.58 2.43 -14.46
C ILE F 188 -30.33 3.11 -15.05
N VAL F 189 -29.28 3.20 -14.23
CA VAL F 189 -28.03 3.81 -14.64
C VAL F 189 -26.88 2.91 -14.20
N LYS F 190 -25.74 3.08 -14.84
CA LYS F 190 -24.54 2.31 -14.51
C LYS F 190 -23.59 3.19 -13.73
N MET F 191 -23.16 2.72 -12.57
CA MET F 191 -22.20 3.43 -11.74
C MET F 191 -20.78 3.10 -12.19
N ASP F 192 -19.87 4.06 -12.00
CA ASP F 192 -18.47 3.88 -12.36
C ASP F 192 -17.75 3.16 -11.21
N LEU F 193 -18.00 1.86 -11.12
CA LEU F 193 -17.42 1.04 -10.07
C LEU F 193 -17.36 -0.40 -10.57
N ARG F 194 -16.16 -0.85 -10.92
CA ARG F 194 -15.92 -2.21 -11.35
C ARG F 194 -14.79 -2.82 -10.53
N SER F 195 -14.96 -4.07 -10.12
CA SER F 195 -13.96 -4.76 -9.32
C SER F 195 -14.18 -6.26 -9.44
N ARG F 196 -13.19 -7.01 -8.95
CA ARG F 196 -13.27 -8.47 -9.00
C ARG F 196 -13.80 -9.06 -7.70
N TYR F 197 -13.70 -8.33 -6.59
CA TYR F 197 -14.15 -8.82 -5.29
C TYR F 197 -15.59 -8.37 -5.07
N LEU F 198 -16.51 -9.32 -5.02
CA LEU F 198 -17.92 -8.98 -4.82
C LEU F 198 -18.18 -8.47 -3.40
N ASP F 199 -17.49 -9.02 -2.41
CA ASP F 199 -17.70 -8.60 -1.03
C ASP F 199 -17.31 -7.14 -0.83
N SER F 200 -16.21 -6.72 -1.44
CA SER F 200 -15.80 -5.32 -1.33
C SER F 200 -16.84 -4.39 -1.94
N LEU F 201 -17.39 -4.75 -3.10
CA LEU F 201 -18.44 -3.94 -3.71
C LEU F 201 -19.66 -3.90 -2.82
N LYS F 202 -20.03 -5.04 -2.23
CA LYS F 202 -21.18 -5.08 -1.33
C LYS F 202 -20.98 -4.15 -0.14
N ALA F 203 -19.77 -4.18 0.45
CA ALA F 203 -19.49 -3.33 1.59
C ALA F 203 -19.48 -1.85 1.21
N ILE F 204 -18.92 -1.52 0.05
CA ILE F 204 -18.82 -0.11 -0.35
C ILE F 204 -20.18 0.46 -0.70
N VAL F 205 -20.98 -0.28 -1.47
CA VAL F 205 -22.26 0.24 -1.94
C VAL F 205 -23.20 0.48 -0.77
N PHE F 206 -23.25 -0.46 0.17
CA PHE F 206 -24.12 -0.34 1.33
C PHE F 206 -23.48 0.47 2.47
N LYS F 207 -22.26 0.96 2.25
CA LYS F 207 -21.48 1.75 3.23
C LYS F 207 -21.66 1.22 4.65
N GLN F 208 -21.30 -0.06 4.82
CA GLN F 208 -21.29 -0.70 6.13
C GLN F 208 -19.90 -1.22 6.47
N TYR F 209 -18.87 -0.68 5.85
CA TYR F 209 -17.50 -1.11 6.10
C TYR F 209 -16.94 -0.55 7.39
N ASN F 210 -17.52 0.51 7.93
CA ASN F 210 -17.06 1.14 9.17
C ASN F 210 -18.09 0.88 10.26
N GLN F 211 -17.72 0.07 11.25
CA GLN F 211 -18.61 -0.31 12.34
C GLN F 211 -17.96 -0.03 13.69
N THR F 212 -17.23 1.08 13.80
CA THR F 212 -16.65 1.53 15.05
C THR F 212 -17.58 2.56 15.66
N PHE F 213 -18.36 2.14 16.66
CA PHE F 213 -19.43 2.94 17.22
C PHE F 213 -19.14 3.21 18.69
N GLU F 214 -19.41 4.44 19.13
CA GLU F 214 -19.11 4.86 20.50
C GLU F 214 -20.39 4.97 21.31
N THR F 215 -20.39 4.34 22.48
CA THR F 215 -21.52 4.40 23.39
C THR F 215 -21.05 3.97 24.77
N HIS F 216 -21.85 4.33 25.78
CA HIS F 216 -21.60 3.93 27.16
C HIS F 216 -22.63 2.86 27.52
N ASN F 217 -22.28 1.60 27.24
CA ASN F 217 -23.15 0.48 27.52
C ASN F 217 -22.36 -0.81 27.71
N MET F 233 13.62 3.32 25.59
CA MET F 233 14.14 2.56 24.45
C MET F 233 15.25 3.33 23.73
N ASP F 234 16.49 3.06 24.12
CA ASP F 234 17.67 3.70 23.54
C ASP F 234 17.59 5.22 23.65
N SER F 235 17.59 5.69 24.90
CA SER F 235 17.53 7.13 25.17
C SER F 235 18.73 7.88 24.60
N ARG F 236 19.82 7.19 24.29
CA ARG F 236 20.97 7.84 23.67
C ARG F 236 20.66 8.35 22.26
N ILE F 237 19.63 7.81 21.62
CA ILE F 237 19.23 8.25 20.29
C ILE F 237 18.23 9.38 20.43
N ILE F 238 18.48 10.49 19.74
CA ILE F 238 17.62 11.66 19.76
C ILE F 238 16.97 11.78 18.38
N HIS F 239 15.65 11.69 18.35
CA HIS F 239 14.89 11.80 17.11
C HIS F 239 14.47 13.25 16.94
N GLU F 240 15.07 13.93 15.96
CA GLU F 240 14.63 15.27 15.61
C GLU F 240 13.50 15.20 14.59
N ASN F 241 12.84 16.34 14.40
CA ASN F 241 11.63 16.42 13.57
C ASN F 241 10.55 15.46 14.06
N ILE F 242 10.50 15.23 15.37
CA ILE F 242 9.50 14.33 15.95
C ILE F 242 8.10 14.94 15.83
N VAL F 243 7.99 16.26 15.92
CA VAL F 243 6.68 16.91 15.80
C VAL F 243 6.10 16.68 14.41
N GLU F 244 6.94 16.72 13.37
CA GLU F 244 6.45 16.44 12.03
C GLU F 244 5.95 15.01 11.91
N LYS F 245 6.67 14.06 12.51
CA LYS F 245 6.24 12.67 12.46
C LYS F 245 4.90 12.48 13.17
N GLU F 246 4.74 13.07 14.35
CA GLU F 246 3.46 12.92 15.03
C GLU F 246 2.34 13.63 14.29
N ARG F 247 2.62 14.77 13.65
CA ARG F 247 1.60 15.47 12.88
C ARG F 247 1.16 14.64 11.68
N VAL F 248 2.11 14.06 10.95
CA VAL F 248 1.73 13.26 9.79
C VAL F 248 1.00 12.00 10.23
N GLN F 249 1.39 11.41 11.37
CA GLN F 249 0.67 10.25 11.88
C GLN F 249 -0.77 10.62 12.22
N ARG F 250 -0.97 11.75 12.89
CA ARG F 250 -2.33 12.18 13.22
C ARG F 250 -3.15 12.45 11.98
N ILE F 251 -2.55 13.10 10.98
CA ILE F 251 -3.28 13.40 9.74
C ILE F 251 -3.67 12.12 9.03
N THR F 252 -2.75 11.16 8.94
CA THR F 252 -3.06 9.89 8.29
C THR F 252 -4.16 9.14 9.05
N GLN F 253 -4.09 9.12 10.38
CA GLN F 253 -5.12 8.45 11.16
C GLN F 253 -6.48 9.10 10.97
N GLU F 254 -6.53 10.44 10.93
CA GLU F 254 -7.80 11.12 10.74
C GLU F 254 -8.36 10.91 9.33
N THR F 255 -7.49 10.88 8.32
CA THR F 255 -7.97 10.79 6.94
C THR F 255 -8.39 9.36 6.58
N PHE F 256 -7.53 8.39 6.87
CA PHE F 256 -7.80 7.00 6.48
C PHE F 256 -8.53 6.20 7.55
N GLY F 257 -8.78 6.79 8.72
CA GLY F 257 -9.46 6.06 9.77
C GLY F 257 -8.60 4.96 10.35
N ASP F 258 -9.26 4.07 11.11
CA ASP F 258 -8.60 2.95 11.75
C ASP F 258 -9.22 1.60 11.40
N TYR F 259 -10.39 1.59 10.78
CA TYR F 259 -11.05 0.35 10.40
C TYR F 259 -10.29 -0.34 9.28
N PRO F 260 -10.40 -1.66 9.18
CA PRO F 260 -9.80 -2.37 8.04
C PRO F 260 -10.41 -1.89 6.73
N GLN F 261 -9.54 -1.61 5.76
CA GLN F 261 -10.00 -1.05 4.50
C GLN F 261 -10.56 -2.14 3.60
N PRO F 262 -11.53 -1.83 2.74
CA PRO F 262 -11.99 -2.81 1.76
C PRO F 262 -10.93 -3.08 0.72
N GLN F 263 -11.00 -4.27 0.12
CA GLN F 263 -9.99 -4.74 -0.81
C GLN F 263 -10.35 -4.33 -2.23
N LEU F 264 -9.51 -3.49 -2.84
CA LEU F 264 -9.61 -3.13 -4.24
C LEU F 264 -8.27 -3.35 -4.92
N GLU F 265 -8.28 -3.36 -6.26
CA GLU F 265 -7.08 -3.66 -7.00
C GLU F 265 -6.84 -2.80 -8.23
N PHE F 266 -7.67 -1.79 -8.48
CA PHE F 266 -7.52 -1.02 -9.71
C PHE F 266 -8.15 0.35 -9.54
N ALA F 267 -7.55 1.35 -10.18
CA ALA F 267 -8.13 2.69 -10.24
C ALA F 267 -7.64 3.38 -11.50
N GLN F 268 -8.51 4.19 -12.10
CA GLN F 268 -8.19 4.84 -13.37
C GLN F 268 -8.60 6.29 -13.33
N TYR F 269 -7.70 7.17 -13.80
CA TYR F 269 -7.95 8.59 -13.88
C TYR F 269 -7.67 9.09 -15.29
N LYS F 270 -8.53 9.96 -15.79
CA LYS F 270 -8.30 10.66 -17.05
C LYS F 270 -8.20 12.15 -16.76
N LEU F 271 -7.17 12.80 -17.30
CA LEU F 271 -6.89 14.19 -16.99
C LEU F 271 -6.84 15.01 -18.28
N GLU F 272 -7.55 16.14 -18.27
CA GLU F 272 -7.55 17.08 -19.38
C GLU F 272 -7.21 18.48 -18.89
N THR F 273 -6.25 18.59 -17.99
CA THR F 273 -5.88 19.86 -17.38
C THR F 273 -4.70 20.49 -18.09
N LYS F 274 -4.62 21.82 -18.00
CA LYS F 274 -3.54 22.57 -18.61
C LYS F 274 -2.26 22.43 -17.80
N PHE F 275 -1.13 22.59 -18.49
CA PHE F 275 0.18 22.51 -17.85
C PHE F 275 0.61 23.87 -17.37
N LYS F 276 0.84 24.01 -16.07
CA LYS F 276 1.25 25.27 -15.45
C LYS F 276 2.51 25.02 -14.64
N SER F 277 3.62 25.62 -15.07
CA SER F 277 4.88 25.47 -14.36
C SER F 277 5.83 26.62 -14.68
N SER F 282 7.57 30.00 -18.59
CA SER F 282 8.89 29.60 -19.08
C SER F 282 8.80 28.35 -19.95
N ILE F 283 8.00 27.38 -19.51
CA ILE F 283 7.81 26.13 -20.22
C ILE F 283 6.33 26.03 -20.59
N LEU F 284 6.05 25.99 -21.89
CA LEU F 284 4.69 25.89 -22.41
C LEU F 284 3.80 27.00 -21.87
N ALA F 285 4.38 28.20 -21.70
CA ALA F 285 3.61 29.33 -21.22
C ALA F 285 2.60 29.80 -22.25
N GLU F 286 2.96 29.78 -23.53
CA GLU F 286 2.07 30.23 -24.60
C GLU F 286 1.02 29.19 -24.98
N ARG F 287 1.18 27.94 -24.54
CA ARG F 287 0.24 26.90 -24.91
C ARG F 287 -1.11 27.13 -24.26
N GLU F 288 -2.17 27.03 -25.05
CA GLU F 288 -3.54 27.18 -24.56
C GLU F 288 -4.34 25.88 -24.63
N GLU F 289 -3.68 24.76 -24.96
CA GLU F 289 -4.36 23.49 -25.08
C GLU F 289 -4.10 22.61 -23.85
N PRO F 290 -5.07 21.79 -23.47
CA PRO F 290 -4.87 20.93 -22.30
C PRO F 290 -3.87 19.81 -22.59
N LEU F 291 -3.35 19.26 -21.50
CA LEU F 291 -2.38 18.16 -21.55
C LEU F 291 -3.12 16.87 -21.23
N ARG F 292 -3.45 16.10 -22.26
CA ARG F 292 -4.27 14.90 -22.11
C ARG F 292 -3.43 13.78 -21.51
N CYS F 293 -3.92 13.17 -20.43
CA CYS F 293 -3.18 12.11 -19.76
C CYS F 293 -4.14 11.05 -19.24
N LEU F 294 -3.61 9.82 -19.10
CA LEU F 294 -4.35 8.70 -18.55
C LEU F 294 -3.45 7.98 -17.55
N ILE F 295 -3.95 7.79 -16.33
CA ILE F 295 -3.15 7.24 -15.23
C ILE F 295 -3.89 6.04 -14.65
N LYS F 296 -3.14 4.98 -14.38
CA LYS F 296 -3.70 3.76 -13.81
C LYS F 296 -2.93 3.36 -12.56
N PHE F 297 -3.66 3.09 -11.48
CA PHE F 297 -3.09 2.55 -10.25
C PHE F 297 -3.49 1.08 -10.14
N SER F 298 -2.49 0.22 -9.95
CA SER F 298 -2.71 -1.22 -9.81
C SER F 298 -1.95 -1.74 -8.60
N SER F 299 -2.58 -2.64 -7.85
CA SER F 299 -1.98 -3.20 -6.66
C SER F 299 -2.77 -4.43 -6.25
N PRO F 300 -2.12 -5.43 -5.66
CA PRO F 300 -2.89 -6.58 -5.14
C PRO F 300 -3.91 -6.20 -4.09
N HIS F 301 -3.60 -5.22 -3.25
CA HIS F 301 -4.52 -4.72 -2.22
C HIS F 301 -4.39 -3.21 -2.16
N LEU F 302 -5.22 -2.52 -2.93
CA LEU F 302 -5.23 -1.06 -2.88
C LEU F 302 -5.90 -0.59 -1.59
N LEU F 303 -5.84 0.72 -1.36
CA LEU F 303 -6.36 1.42 -0.18
C LEU F 303 -5.57 1.07 1.08
N GLU F 304 -4.61 0.16 1.01
CA GLU F 304 -3.69 -0.11 2.11
C GLU F 304 -2.28 0.35 1.81
N ALA F 305 -1.81 0.18 0.57
CA ALA F 305 -0.53 0.75 0.17
C ALA F 305 -0.55 2.27 0.22
N LEU F 306 -1.66 2.89 -0.19
CA LEU F 306 -1.77 4.35 -0.12
C LEU F 306 -1.73 4.83 1.32
N LYS F 307 -2.23 4.02 2.26
CA LYS F 307 -2.21 4.41 3.66
C LYS F 307 -0.79 4.48 4.20
N SER F 308 0.13 3.68 3.64
CA SER F 308 1.50 3.63 4.11
C SER F 308 2.43 4.55 3.34
N LEU F 309 1.91 5.31 2.38
CA LEU F 309 2.77 6.20 1.60
C LEU F 309 3.27 7.39 2.44
N ALA F 310 2.38 8.04 3.19
CA ALA F 310 2.80 9.19 3.97
C ALA F 310 3.84 8.84 5.02
N PRO F 311 3.66 7.81 5.85
CA PRO F 311 4.73 7.46 6.81
C PRO F 311 6.05 7.10 6.16
N ALA F 312 6.03 6.49 4.97
CA ALA F 312 7.25 6.10 4.29
C ALA F 312 8.02 7.29 3.73
N GLY F 313 7.41 8.47 3.70
CA GLY F 313 8.07 9.66 3.19
C GLY F 313 7.99 9.85 1.69
N ILE F 314 7.17 9.06 0.99
CA ILE F 314 7.03 9.20 -0.45
C ILE F 314 6.05 10.31 -0.83
N ALA F 315 4.99 10.53 -0.04
CA ALA F 315 4.00 11.54 -0.35
C ALA F 315 3.88 12.51 0.81
N ASP F 316 3.24 13.65 0.54
CA ASP F 316 3.07 14.67 1.56
C ASP F 316 2.07 14.21 2.62
N ALA F 317 2.03 14.95 3.74
CA ALA F 317 1.17 14.54 4.85
C ALA F 317 -0.30 14.52 4.46
N PRO F 318 -0.88 15.57 3.87
CA PRO F 318 -2.26 15.43 3.37
C PRO F 318 -2.28 14.92 1.93
N LEU F 319 -2.93 13.79 1.70
CA LEU F 319 -3.00 13.25 0.36
C LEU F 319 -4.04 14.02 -0.46
N SER F 320 -3.92 13.91 -1.78
CA SER F 320 -4.85 14.57 -2.66
C SER F 320 -6.26 14.00 -2.47
N PRO F 321 -7.31 14.82 -2.58
CA PRO F 321 -8.67 14.29 -2.42
C PRO F 321 -9.03 13.24 -3.45
N LEU F 322 -8.35 13.20 -4.60
CA LEU F 322 -8.66 12.20 -5.62
C LEU F 322 -8.29 10.79 -5.16
N LEU F 323 -7.49 10.64 -4.12
CA LEU F 323 -7.07 9.34 -3.65
C LEU F 323 -7.71 8.93 -2.32
N THR F 324 -8.29 9.89 -1.58
CA THR F 324 -8.90 9.60 -0.29
C THR F 324 -10.42 9.63 -0.36
N CYS F 325 -11.00 9.58 -1.55
CA CYS F 325 -12.45 9.61 -1.71
C CYS F 325 -12.97 8.41 -2.48
N ILE F 326 -12.15 7.37 -2.65
CA ILE F 326 -12.56 6.16 -3.35
C ILE F 326 -13.76 5.51 -2.68
N PRO F 327 -13.74 5.27 -1.35
CA PRO F 327 -14.92 4.66 -0.73
C PRO F 327 -16.04 5.64 -0.41
N ASN F 328 -15.71 6.90 -0.16
CA ASN F 328 -16.76 7.87 0.19
C ASN F 328 -17.62 8.23 -1.02
N LYS F 329 -16.99 8.45 -2.17
CA LYS F 329 -17.73 8.80 -3.38
C LYS F 329 -18.18 7.59 -4.17
N ARG F 330 -17.74 6.39 -3.80
CA ARG F 330 -18.18 5.15 -4.44
C ARG F 330 -17.93 5.17 -5.94
N MET F 331 -16.71 5.54 -6.33
CA MET F 331 -16.31 5.53 -7.72
C MET F 331 -14.94 4.88 -7.86
N ASN F 332 -14.64 4.42 -9.07
CA ASN F 332 -13.37 3.76 -9.34
C ASN F 332 -12.71 4.38 -10.57
N TYR F 333 -13.52 4.96 -11.44
CA TYR F 333 -13.05 5.60 -12.67
C TYR F 333 -13.34 7.08 -12.59
N PHE F 334 -12.33 7.91 -12.85
CA PHE F 334 -12.46 9.35 -12.70
C PHE F 334 -12.12 10.07 -14.00
N LYS F 335 -12.85 11.16 -14.26
CA LYS F 335 -12.55 12.07 -15.36
C LYS F 335 -12.44 13.48 -14.80
N ILE F 336 -11.35 14.17 -15.12
CA ILE F 336 -11.09 15.50 -14.59
C ILE F 336 -10.80 16.45 -15.75
N ARG F 337 -11.50 17.58 -15.77
CA ARG F 337 -11.26 18.65 -16.72
C ARG F 337 -10.75 19.88 -15.97
N ASP F 338 -10.35 20.88 -16.74
CA ASP F 338 -9.82 22.12 -16.16
C ASP F 338 -10.91 22.88 -15.41
N GLY G 16 46.94 -22.56 8.00
CA GLY G 16 47.60 -21.36 7.51
C GLY G 16 47.61 -20.23 8.52
N VAL G 17 48.42 -19.21 8.26
CA VAL G 17 48.50 -18.05 9.14
C VAL G 17 47.17 -17.30 9.18
N LEU G 18 46.57 -17.08 8.01
CA LEU G 18 45.32 -16.32 7.95
C LEU G 18 44.17 -17.10 8.59
N ALA G 19 44.16 -18.43 8.44
CA ALA G 19 43.15 -19.24 9.11
C ALA G 19 43.26 -19.12 10.62
N HIS G 20 44.50 -19.15 11.14
CA HIS G 20 44.71 -18.95 12.56
C HIS G 20 44.26 -17.56 13.01
N LEU G 21 44.57 -16.54 12.21
CA LEU G 21 44.16 -15.18 12.57
C LEU G 21 42.64 -15.08 12.60
N GLU G 22 41.96 -15.70 11.64
CA GLU G 22 40.50 -15.66 11.61
C GLU G 22 39.91 -16.38 12.82
N ARG G 23 40.39 -17.60 13.10
CA ARG G 23 39.86 -18.35 14.23
C ARG G 23 40.17 -17.69 15.56
N LEU G 24 41.24 -16.89 15.63
CA LEU G 24 41.48 -16.07 16.82
C LEU G 24 40.55 -14.87 16.86
N GLU G 25 40.23 -14.29 15.70
CA GLU G 25 39.37 -13.12 15.67
C GLU G 25 37.94 -13.46 16.07
N THR G 26 37.46 -14.64 15.68
CA THR G 26 36.09 -15.01 16.04
C THR G 26 35.90 -15.08 17.55
N GLN G 27 36.86 -15.66 18.26
CA GLN G 27 36.77 -15.76 19.70
C GLN G 27 37.25 -14.47 20.36
N ASN G 89 -11.63 12.24 52.27
CA ASN G 89 -11.71 13.68 52.02
C ASN G 89 -12.53 13.96 50.76
N GLU G 90 -12.05 14.91 49.94
CA GLU G 90 -12.75 15.26 48.71
C GLU G 90 -12.75 14.13 47.70
N GLN G 91 -11.80 13.21 47.78
CA GLN G 91 -11.74 12.10 46.83
C GLN G 91 -12.98 11.22 46.93
N GLU G 92 -13.43 10.94 48.15
CA GLU G 92 -14.62 10.10 48.33
C GLU G 92 -15.85 10.76 47.74
N ALA G 93 -16.03 12.05 47.99
CA ALA G 93 -17.19 12.76 47.44
C ALA G 93 -17.11 12.82 45.92
N LEU G 94 -15.92 13.05 45.37
CA LEU G 94 -15.76 13.08 43.92
C LEU G 94 -16.08 11.72 43.31
N GLU G 95 -15.63 10.63 43.94
CA GLU G 95 -15.98 9.30 43.45
C GLU G 95 -17.47 9.02 43.55
N GLU G 96 -18.12 9.49 44.62
CA GLU G 96 -19.56 9.33 44.76
C GLU G 96 -20.29 10.07 43.65
N LYS G 97 -19.87 11.30 43.35
CA LYS G 97 -20.49 12.03 42.25
C LYS G 97 -20.26 11.33 40.91
N LEU G 98 -19.05 10.80 40.70
CA LEU G 98 -18.75 10.10 39.46
C LEU G 98 -19.63 8.88 39.29
N GLU G 99 -19.78 8.07 40.34
CA GLU G 99 -20.62 6.88 40.23
C GLU G 99 -22.09 7.26 40.08
N ASN G 100 -22.52 8.34 40.72
CA ASN G 100 -23.91 8.79 40.57
C ASN G 100 -24.20 9.22 39.13
N VAL G 101 -23.30 10.00 38.53
CA VAL G 101 -23.55 10.43 37.16
C VAL G 101 -23.43 9.25 36.20
N LYS G 102 -22.54 8.29 36.47
CA LYS G 102 -22.49 7.09 35.65
C LYS G 102 -23.79 6.32 35.73
N ALA G 103 -24.36 6.20 36.93
CA ALA G 103 -25.65 5.54 37.07
C ALA G 103 -26.75 6.29 36.33
N ILE G 104 -26.68 7.62 36.34
CA ILE G 104 -27.68 8.42 35.62
C ILE G 104 -27.58 8.18 34.12
N LEU G 105 -26.37 8.12 33.58
CA LEU G 105 -26.22 7.81 32.16
C LEU G 105 -26.68 6.40 31.83
N GLN G 106 -26.39 5.43 32.70
CA GLN G 106 -26.91 4.08 32.47
C GLN G 106 -28.44 4.05 32.55
N ALA G 107 -29.04 4.95 33.34
CA ALA G 107 -30.49 5.08 33.37
C ALA G 107 -31.04 5.66 32.07
N TYR G 108 -30.39 6.71 31.55
CA TYR G 108 -30.73 7.19 30.21
C TYR G 108 -30.60 6.10 29.17
N HIS G 109 -29.68 5.16 29.37
CA HIS G 109 -29.50 4.09 28.39
C HIS G 109 -30.77 3.26 28.21
N PHE G 110 -31.62 3.19 29.24
CA PHE G 110 -32.83 2.38 29.17
C PHE G 110 -34.05 3.12 28.63
N THR G 111 -33.96 4.43 28.35
CA THR G 111 -35.13 5.12 27.84
C THR G 111 -35.41 4.80 26.38
N GLY G 112 -34.50 4.12 25.70
CA GLY G 112 -34.69 3.76 24.31
C GLY G 112 -33.70 4.42 23.37
N LEU G 113 -33.40 5.69 23.62
CA LEU G 113 -32.45 6.44 22.81
C LEU G 113 -31.40 7.04 23.72
N SER G 114 -30.14 6.85 23.36
CA SER G 114 -29.02 7.38 24.14
C SER G 114 -28.07 8.14 23.22
N GLY G 115 -27.29 9.03 23.81
CA GLY G 115 -26.36 9.83 23.03
C GLY G 115 -25.01 9.92 23.72
N LYS G 116 -23.96 9.99 22.92
CA LYS G 116 -22.60 10.12 23.43
C LYS G 116 -21.85 11.17 22.61
N LEU G 117 -21.11 12.02 23.30
CA LEU G 117 -20.35 13.08 22.64
C LEU G 117 -19.01 12.54 22.15
N THR G 118 -18.71 12.75 20.88
CA THR G 118 -17.43 12.40 20.29
C THR G 118 -16.84 13.64 19.61
N SER G 119 -15.65 13.48 19.03
CA SER G 119 -14.96 14.61 18.42
C SER G 119 -15.70 15.12 17.19
N ARG G 120 -16.10 14.21 16.30
CA ARG G 120 -16.75 14.64 15.06
C ARG G 120 -18.19 15.07 15.29
N GLY G 121 -18.80 14.63 16.38
CA GLY G 121 -20.19 14.98 16.65
C GLY G 121 -20.80 14.20 17.80
N VAL G 122 -21.98 13.63 17.57
CA VAL G 122 -22.70 12.85 18.57
C VAL G 122 -23.05 11.50 17.97
N CYS G 123 -22.79 10.44 18.72
CA CYS G 123 -23.16 9.08 18.34
C CYS G 123 -24.43 8.72 19.09
N VAL G 124 -25.47 8.32 18.35
CA VAL G 124 -26.79 8.05 18.90
C VAL G 124 -27.03 6.54 18.85
N CYS G 125 -27.43 5.98 19.98
CA CYS G 125 -27.78 4.58 20.09
C CYS G 125 -29.30 4.46 20.18
N ILE G 126 -29.88 3.63 19.32
CA ILE G 126 -31.32 3.43 19.22
C ILE G 126 -31.63 1.99 19.59
N SER G 127 -32.66 1.80 20.40
CA SER G 127 -33.04 0.48 20.89
C SER G 127 -34.47 0.16 20.47
N THR G 128 -34.72 -1.13 20.26
CA THR G 128 -36.04 -1.60 19.83
C THR G 128 -36.56 -2.63 20.83
N ALA G 129 -37.86 -2.55 21.10
CA ALA G 129 -38.50 -3.48 22.02
C ALA G 129 -39.97 -3.63 21.64
N PHE G 130 -40.47 -4.86 21.72
CA PHE G 130 -41.86 -5.16 21.40
C PHE G 130 -42.47 -5.96 22.55
N GLU G 131 -43.52 -5.40 23.14
CA GLU G 131 -44.23 -6.04 24.26
C GLU G 131 -43.27 -6.37 25.40
N GLY G 132 -42.30 -5.48 25.64
CA GLY G 132 -41.34 -5.66 26.70
C GLY G 132 -40.17 -6.53 26.38
N ASN G 133 -40.14 -7.15 25.19
CA ASN G 133 -39.04 -8.03 24.80
C ASN G 133 -38.01 -7.20 24.05
N LEU G 134 -36.88 -6.94 24.71
CA LEU G 134 -35.81 -6.16 24.09
C LEU G 134 -35.22 -6.91 22.90
N LEU G 135 -34.76 -6.13 21.92
CA LEU G 135 -34.24 -6.69 20.68
C LEU G 135 -32.95 -5.97 20.34
N ASP G 136 -32.46 -6.18 19.12
CA ASP G 136 -31.19 -5.62 18.68
C ASP G 136 -31.25 -4.09 18.64
N SER G 137 -30.08 -3.48 18.81
CA SER G 137 -29.95 -2.03 18.85
C SER G 137 -28.95 -1.57 17.79
N TYR G 138 -29.13 -0.34 17.33
CA TYR G 138 -28.34 0.22 16.25
C TYR G 138 -27.75 1.56 16.66
N PHE G 139 -26.90 2.11 15.80
CA PHE G 139 -26.21 3.36 16.08
C PHE G 139 -26.14 4.21 14.82
N VAL G 140 -26.07 5.53 15.04
CA VAL G 140 -25.98 6.51 13.96
C VAL G 140 -24.95 7.57 14.37
N ASP G 141 -24.11 7.98 13.42
CA ASP G 141 -23.07 8.97 13.67
C ASP G 141 -23.45 10.28 13.00
N LEU G 142 -23.33 11.38 13.74
CA LEU G 142 -23.68 12.71 13.25
C LEU G 142 -22.48 13.65 13.37
N VAL G 143 -22.55 14.76 12.62
CA VAL G 143 -21.52 15.79 12.62
C VAL G 143 -22.17 17.13 12.95
N ILE G 144 -21.54 17.88 13.87
CA ILE G 144 -22.12 19.13 14.33
C ILE G 144 -21.91 20.28 13.35
N GLN G 145 -20.88 20.21 12.50
CA GLN G 145 -20.57 21.32 11.62
C GLN G 145 -21.70 21.55 10.62
N LYS G 146 -21.92 22.82 10.29
CA LYS G 146 -22.95 23.18 9.32
C LYS G 146 -22.41 23.05 7.90
N PRO G 147 -23.15 22.45 6.97
CA PRO G 147 -24.47 21.85 7.21
C PRO G 147 -24.37 20.45 7.83
N LEU G 148 -25.43 20.01 8.49
CA LEU G 148 -25.42 18.70 9.11
C LEU G 148 -25.29 17.60 8.06
N ARG G 149 -24.39 16.64 8.32
CA ARG G 149 -24.11 15.55 7.41
C ARG G 149 -24.23 14.23 8.16
N ILE G 150 -24.16 13.13 7.40
CA ILE G 150 -24.21 11.79 7.95
C ILE G 150 -22.87 11.12 7.67
N HIS G 151 -22.21 10.62 8.71
CA HIS G 151 -20.91 9.99 8.54
C HIS G 151 -21.06 8.53 8.12
N HIS G 152 -21.67 7.72 8.97
CA HIS G 152 -21.93 6.31 8.66
C HIS G 152 -22.92 5.77 9.68
N HIS G 153 -23.51 4.62 9.36
CA HIS G 153 -24.51 4.00 10.23
C HIS G 153 -24.59 2.52 9.90
N SER G 154 -25.43 1.81 10.65
CA SER G 154 -25.63 0.38 10.48
C SER G 154 -27.10 0.03 10.22
N VAL G 155 -27.92 1.03 9.93
CA VAL G 155 -29.34 0.78 9.63
C VAL G 155 -29.45 -0.04 8.35
N PRO G 156 -30.35 -1.02 8.28
CA PRO G 156 -30.51 -1.76 7.03
C PRO G 156 -30.89 -0.85 5.87
N VAL G 157 -30.40 -1.22 4.69
CA VAL G 157 -30.50 -0.34 3.52
C VAL G 157 -31.95 -0.15 3.09
N PHE G 158 -32.76 -1.21 3.18
CA PHE G 158 -34.14 -1.12 2.69
C PHE G 158 -35.01 -0.19 3.54
N ILE G 159 -34.54 0.23 4.70
CA ILE G 159 -35.26 1.23 5.48
C ILE G 159 -35.11 2.59 4.80
N PRO G 160 -36.20 3.27 4.45
CA PRO G 160 -36.07 4.55 3.75
C PRO G 160 -35.62 5.68 4.65
N LEU G 161 -34.32 5.73 4.96
CA LEU G 161 -33.78 6.77 5.83
C LEU G 161 -33.32 8.00 5.06
N GLU G 162 -33.04 7.85 3.76
CA GLU G 162 -32.50 8.97 3.00
C GLU G 162 -33.51 10.12 2.88
N GLU G 163 -34.76 9.79 2.55
CA GLU G 163 -35.77 10.82 2.37
C GLU G 163 -36.07 11.53 3.69
N ILE G 164 -36.24 10.76 4.77
CA ILE G 164 -36.56 11.36 6.07
C ILE G 164 -35.38 12.19 6.56
N ALA G 165 -34.16 11.75 6.27
CA ALA G 165 -32.99 12.57 6.57
C ALA G 165 -33.02 13.88 5.80
N ALA G 166 -33.29 13.80 4.49
CA ALA G 166 -33.29 15.01 3.68
C ALA G 166 -34.38 15.99 4.11
N LYS G 167 -35.47 15.49 4.67
CA LYS G 167 -36.59 16.37 5.00
C LYS G 167 -36.72 16.74 6.47
N TYR G 168 -35.98 16.10 7.39
CA TYR G 168 -35.97 16.55 8.78
C TYR G 168 -34.59 16.67 9.43
N LEU G 169 -33.49 16.54 8.68
CA LEU G 169 -32.18 16.65 9.33
C LEU G 169 -31.93 18.07 9.83
N GLN G 170 -32.24 19.07 9.01
CA GLN G 170 -31.86 20.45 9.32
C GLN G 170 -32.79 21.12 10.32
N THR G 171 -33.97 20.58 10.56
CA THR G 171 -34.93 21.19 11.49
C THR G 171 -35.53 20.12 12.37
N ASN G 172 -35.54 20.38 13.68
CA ASN G 172 -36.15 19.49 14.68
C ASN G 172 -35.55 18.08 14.59
N ILE G 173 -34.24 18.02 14.89
CA ILE G 173 -33.51 16.76 14.83
C ILE G 173 -34.10 15.75 15.80
N GLN G 174 -34.66 16.20 16.93
CA GLN G 174 -35.31 15.29 17.86
C GLN G 174 -36.53 14.63 17.22
N HIS G 175 -37.30 15.38 16.42
CA HIS G 175 -38.42 14.78 15.70
C HIS G 175 -37.92 13.73 14.71
N PHE G 176 -36.80 14.01 14.04
CA PHE G 176 -36.17 13.02 13.19
C PHE G 176 -35.84 11.75 13.97
N LEU G 177 -35.24 11.90 15.15
CA LEU G 177 -34.89 10.73 15.95
C LEU G 177 -36.12 9.96 16.36
N PHE G 178 -37.19 10.65 16.74
CA PHE G 178 -38.41 9.97 17.16
C PHE G 178 -39.07 9.23 16.00
N SER G 179 -39.07 9.83 14.81
CA SER G 179 -39.62 9.15 13.65
C SER G 179 -38.79 7.92 13.29
N LEU G 180 -37.47 8.03 13.39
CA LEU G 180 -36.62 6.88 13.15
C LEU G 180 -36.90 5.78 14.17
N CYS G 181 -37.15 6.18 15.42
CA CYS G 181 -37.53 5.22 16.44
C CYS G 181 -38.83 4.51 16.08
N GLU G 182 -39.81 5.28 15.58
CA GLU G 182 -41.06 4.68 15.13
C GLU G 182 -40.80 3.61 14.07
N TYR G 183 -40.01 3.97 13.06
CA TYR G 183 -39.76 3.04 11.96
C TYR G 183 -39.08 1.77 12.45
N LEU G 184 -38.02 1.92 13.24
CA LEU G 184 -37.29 0.76 13.72
C LEU G 184 -38.15 -0.11 14.64
N ASN G 185 -38.93 0.51 15.52
CA ASN G 185 -39.78 -0.27 16.41
C ASN G 185 -40.82 -1.07 15.63
N ALA G 186 -41.46 -0.44 14.64
CA ALA G 186 -42.44 -1.16 13.85
C ALA G 186 -41.80 -2.31 13.08
N TYR G 187 -40.63 -2.06 12.47
CA TYR G 187 -39.97 -3.09 11.68
C TYR G 187 -39.53 -4.25 12.56
N SER G 188 -38.96 -3.95 13.74
CA SER G 188 -38.55 -5.00 14.65
C SER G 188 -39.74 -5.81 15.15
N GLY G 189 -40.85 -5.15 15.45
CA GLY G 189 -42.03 -5.87 15.89
C GLY G 189 -42.57 -6.80 14.81
N ARG G 190 -42.60 -6.31 13.57
CA ARG G 190 -43.09 -7.16 12.48
C ARG G 190 -42.17 -8.36 12.27
N LYS G 191 -40.85 -8.14 12.32
CA LYS G 191 -39.92 -9.26 12.17
C LYS G 191 -40.07 -10.25 13.32
N TYR G 192 -40.26 -9.76 14.54
CA TYR G 192 -40.44 -10.65 15.69
C TYR G 192 -41.69 -11.48 15.54
N GLN G 193 -42.80 -10.88 15.09
CA GLN G 193 -44.01 -11.63 14.87
C GLN G 193 -43.81 -12.70 13.82
N ALA G 194 -43.15 -12.35 12.71
CA ALA G 194 -42.91 -13.32 11.64
C ALA G 194 -42.04 -14.47 12.12
N ASP G 195 -40.98 -14.17 12.87
CA ASP G 195 -40.08 -15.21 13.37
C ASP G 195 -40.79 -16.10 14.38
N ARG G 196 -41.60 -15.53 15.26
CA ARG G 196 -42.35 -16.34 16.22
C ARG G 196 -43.33 -17.25 15.51
N LEU G 197 -43.99 -16.75 14.46
CA LEU G 197 -44.85 -17.63 13.66
C LEU G 197 -44.07 -18.74 13.01
N GLN G 198 -42.91 -18.43 12.44
CA GLN G 198 -42.12 -19.44 11.75
C GLN G 198 -41.62 -20.51 12.71
N SER G 199 -41.17 -20.12 13.90
CA SER G 199 -40.53 -21.06 14.80
C SER G 199 -41.54 -21.85 15.63
N ASP G 200 -42.49 -21.15 16.25
CA ASP G 200 -43.34 -21.80 17.25
C ASP G 200 -44.39 -22.69 16.59
N PHE G 201 -45.26 -22.10 15.76
CA PHE G 201 -46.37 -22.83 15.18
C PHE G 201 -46.00 -23.29 13.77
N ALA G 202 -45.10 -24.26 13.72
CA ALA G 202 -44.68 -24.87 12.46
C ALA G 202 -45.52 -26.09 12.09
N ALA G 203 -46.30 -26.63 13.02
CA ALA G 203 -47.11 -27.81 12.73
C ALA G 203 -48.32 -27.46 11.87
N LEU G 204 -48.99 -26.35 12.18
CA LEU G 204 -50.17 -25.96 11.41
C LEU G 204 -49.80 -25.51 10.00
N LEU G 205 -48.68 -24.82 9.84
CA LEU G 205 -48.24 -24.36 8.53
C LEU G 205 -47.76 -25.54 7.70
N THR G 206 -48.24 -25.59 6.44
CA THR G 206 -47.85 -26.68 5.56
C THR G 206 -46.53 -26.38 4.85
N GLY G 207 -46.48 -25.28 4.10
CA GLY G 207 -45.28 -24.88 3.41
C GLY G 207 -44.73 -23.57 3.94
N PRO G 208 -43.50 -23.23 3.55
CA PRO G 208 -42.92 -21.96 4.00
C PRO G 208 -43.74 -20.77 3.52
N LEU G 209 -43.89 -19.79 4.40
CA LEU G 209 -44.64 -18.59 4.07
C LEU G 209 -43.75 -17.59 3.34
N GLN G 210 -44.30 -16.97 2.31
CA GLN G 210 -43.57 -15.99 1.53
C GLN G 210 -43.40 -14.71 2.34
N ARG G 211 -42.17 -14.21 2.40
CA ARG G 211 -41.87 -13.01 3.16
C ARG G 211 -40.91 -12.14 2.36
N ASN G 212 -41.14 -10.83 2.45
CA ASN G 212 -40.26 -9.83 1.86
C ASN G 212 -39.32 -9.28 2.92
N PRO G 213 -38.16 -8.73 2.52
CA PRO G 213 -37.20 -8.25 3.52
C PRO G 213 -37.77 -7.20 4.46
N LEU G 214 -38.63 -6.32 3.97
CA LEU G 214 -39.23 -5.30 4.81
C LEU G 214 -40.32 -5.87 5.72
N CYS G 215 -40.79 -7.10 5.45
CA CYS G 215 -41.81 -7.75 6.25
C CYS G 215 -43.10 -6.94 6.28
N ASN G 216 -43.53 -6.49 5.10
CA ASN G 216 -44.78 -5.76 4.94
C ASN G 216 -45.77 -6.52 4.06
N LEU G 217 -45.50 -7.79 3.76
CA LEU G 217 -46.41 -8.59 2.96
C LEU G 217 -46.25 -10.04 3.40
N LEU G 218 -47.35 -10.67 3.84
CA LEU G 218 -47.34 -12.06 4.22
C LEU G 218 -48.42 -12.81 3.45
N SER G 219 -48.12 -14.07 3.11
CA SER G 219 -49.07 -14.90 2.38
C SER G 219 -48.79 -16.35 2.74
N PHE G 220 -49.77 -17.03 3.32
CA PHE G 220 -49.54 -18.40 3.77
C PHE G 220 -50.86 -19.16 3.83
N THR G 221 -50.78 -20.46 3.59
CA THR G 221 -51.91 -21.36 3.73
C THR G 221 -51.71 -22.22 4.97
N TYR G 222 -52.81 -22.52 5.66
CA TYR G 222 -52.74 -23.27 6.90
C TYR G 222 -53.92 -24.22 7.01
N LYS G 223 -53.68 -25.35 7.69
CA LYS G 223 -54.70 -26.33 8.03
C LYS G 223 -54.73 -26.47 9.54
N LEU G 224 -55.90 -26.31 10.14
CA LEU G 224 -56.03 -26.47 11.58
C LEU G 224 -56.82 -27.73 11.90
N ASP G 225 -56.35 -28.46 12.90
CA ASP G 225 -56.98 -29.71 13.33
C ASP G 225 -58.12 -29.43 14.30
N GLN G 229 -61.86 -30.99 12.45
CA GLN G 229 -61.60 -31.61 11.16
C GLN G 229 -60.52 -30.85 10.40
N SER G 230 -60.54 -30.97 9.07
CA SER G 230 -59.59 -30.29 8.20
C SER G 230 -60.28 -29.09 7.57
N PHE G 231 -59.76 -27.89 7.85
CA PHE G 231 -60.31 -26.64 7.34
C PHE G 231 -59.18 -25.84 6.71
N PRO G 232 -58.88 -26.08 5.44
CA PRO G 232 -57.81 -25.33 4.76
C PRO G 232 -58.20 -23.87 4.58
N PHE G 233 -57.24 -22.97 4.82
CA PHE G 233 -57.42 -21.55 4.54
C PHE G 233 -56.14 -20.99 3.95
N CYS G 234 -56.27 -19.90 3.20
CA CYS G 234 -55.13 -19.15 2.72
C CYS G 234 -55.34 -17.68 3.07
N ALA G 235 -54.32 -17.06 3.65
CA ALA G 235 -54.40 -15.70 4.16
C ALA G 235 -53.30 -14.84 3.53
N ARG G 236 -53.67 -13.63 3.14
CA ARG G 236 -52.75 -12.64 2.61
C ARG G 236 -52.93 -11.35 3.40
N LEU G 237 -51.84 -10.87 4.00
CA LEU G 237 -51.84 -9.65 4.79
C LEU G 237 -50.90 -8.64 4.14
N LEU G 238 -51.40 -7.43 3.89
CA LEU G 238 -50.63 -6.36 3.30
C LEU G 238 -50.58 -5.19 4.28
N TYR G 239 -49.36 -4.68 4.50
CA TYR G 239 -49.09 -3.61 5.46
C TYR G 239 -48.81 -2.34 4.64
N LYS G 240 -49.87 -1.60 4.31
CA LYS G 240 -49.72 -0.38 3.52
C LYS G 240 -49.04 0.74 4.30
N ASP G 241 -48.89 0.61 5.61
CA ASP G 241 -48.20 1.60 6.43
C ASP G 241 -46.96 0.96 7.03
N LEU G 242 -45.96 1.79 7.36
CA LEU G 242 -44.71 1.28 7.91
C LEU G 242 -44.47 1.68 9.35
N THR G 243 -45.38 2.44 9.96
CA THR G 243 -45.24 2.88 11.35
C THR G 243 -46.16 2.14 12.29
N ALA G 244 -46.84 1.10 11.82
CA ALA G 244 -47.76 0.33 12.65
C ALA G 244 -47.49 -1.15 12.45
N THR G 245 -47.74 -1.92 13.51
CA THR G 245 -47.54 -3.36 13.49
C THR G 245 -48.81 -4.13 13.16
N LEU G 246 -49.93 -3.44 12.94
CA LEU G 246 -51.17 -4.09 12.57
C LEU G 246 -51.37 -4.05 11.06
N PRO G 247 -51.94 -5.11 10.48
CA PRO G 247 -52.10 -5.13 9.02
C PRO G 247 -53.04 -4.04 8.54
N THR G 248 -52.69 -3.44 7.40
CA THR G 248 -53.60 -2.48 6.78
C THR G 248 -54.76 -3.17 6.08
N ASP G 249 -54.51 -4.33 5.47
CA ASP G 249 -55.64 -5.10 4.95
C ASP G 249 -55.30 -6.58 4.89
N VAL G 250 -56.24 -7.42 5.31
CA VAL G 250 -56.07 -8.86 5.37
C VAL G 250 -57.22 -9.52 4.62
N THR G 251 -56.90 -10.54 3.82
CA THR G 251 -57.90 -11.30 3.10
C THR G 251 -57.68 -12.79 3.36
N VAL G 252 -58.77 -13.53 3.50
CA VAL G 252 -58.72 -14.96 3.75
C VAL G 252 -59.69 -15.66 2.78
N THR G 253 -59.22 -16.74 2.16
CA THR G 253 -60.01 -17.50 1.21
C THR G 253 -59.90 -18.99 1.52
N CYS G 254 -60.88 -19.74 1.02
CA CYS G 254 -60.89 -21.19 1.13
C CYS G 254 -60.45 -21.78 -0.21
N GLN G 255 -59.25 -22.34 -0.23
CA GLN G 255 -58.68 -22.90 -1.46
C GLN G 255 -58.77 -24.43 -1.43
N GLY G 256 -59.12 -25.00 -2.57
CA GLY G 256 -59.22 -26.44 -2.72
C GLY G 256 -60.50 -27.07 -2.20
N VAL G 257 -61.42 -26.27 -1.64
CA VAL G 257 -62.67 -26.79 -1.11
C VAL G 257 -63.74 -25.73 -1.31
N GLU G 258 -64.96 -26.17 -1.65
CA GLU G 258 -66.08 -25.26 -1.82
C GLU G 258 -66.78 -25.03 -0.49
N VAL G 259 -67.36 -23.84 -0.33
CA VAL G 259 -68.08 -23.50 0.90
C VAL G 259 -69.36 -24.33 0.95
N LEU G 260 -69.47 -25.18 1.97
CA LEU G 260 -70.61 -26.08 2.12
C LEU G 260 -71.41 -25.87 3.39
N SER G 261 -70.92 -25.08 4.34
CA SER G 261 -71.63 -24.85 5.59
C SER G 261 -71.26 -23.47 6.12
N THR G 262 -72.11 -22.95 7.01
CA THR G 262 -71.86 -21.67 7.62
C THR G 262 -70.69 -21.70 8.60
N SER G 263 -70.25 -22.90 9.00
CA SER G 263 -69.09 -23.00 9.90
C SER G 263 -67.84 -22.42 9.24
N TRP G 264 -67.63 -22.74 7.96
CA TRP G 264 -66.49 -22.18 7.25
C TRP G 264 -66.59 -20.67 7.15
N GLU G 265 -67.79 -20.15 6.88
CA GLU G 265 -67.98 -18.71 6.76
C GLU G 265 -67.66 -18.01 8.08
N GLU G 266 -68.19 -18.53 9.19
CA GLU G 266 -67.93 -17.89 10.48
C GLU G 266 -66.46 -18.03 10.87
N GLN G 267 -65.84 -19.16 10.54
CA GLN G 267 -64.42 -19.34 10.83
C GLN G 267 -63.57 -18.31 10.07
N ARG G 268 -63.85 -18.14 8.77
CA ARG G 268 -63.06 -17.19 7.98
C ARG G 268 -63.33 -15.75 8.42
N ALA G 269 -64.57 -15.43 8.77
CA ALA G 269 -64.86 -14.09 9.26
C ALA G 269 -64.14 -13.81 10.58
N SER G 270 -64.15 -14.79 11.49
CA SER G 270 -63.45 -14.63 12.76
C SER G 270 -61.95 -14.49 12.54
N HIS G 271 -61.40 -15.28 11.63
CA HIS G 271 -59.97 -15.18 11.34
C HIS G 271 -59.62 -13.81 10.76
N GLU G 272 -60.46 -13.30 9.85
CA GLU G 272 -60.21 -11.98 9.28
C GLU G 272 -60.27 -10.90 10.33
N THR G 273 -61.28 -10.94 11.20
CA THR G 273 -61.40 -9.93 12.25
C THR G 273 -60.22 -10.00 13.22
N LEU G 274 -59.83 -11.22 13.62
CA LEU G 274 -58.71 -11.38 14.55
C LEU G 274 -57.41 -10.88 13.94
N PHE G 275 -57.19 -11.17 12.66
CA PHE G 275 -56.01 -10.65 11.97
C PHE G 275 -56.03 -9.13 11.91
N CYS G 276 -57.19 -8.55 11.60
CA CYS G 276 -57.28 -7.10 11.46
C CYS G 276 -57.11 -6.38 12.79
N THR G 277 -57.52 -6.99 13.90
CA THR G 277 -57.47 -6.32 15.20
C THR G 277 -56.34 -6.83 16.09
N LYS G 278 -56.28 -8.12 16.36
CA LYS G 278 -55.31 -8.68 17.29
C LYS G 278 -54.01 -9.02 16.59
N PRO G 279 -52.91 -9.14 17.33
CA PRO G 279 -51.62 -9.50 16.72
C PRO G 279 -51.66 -10.89 16.08
N LEU G 280 -50.56 -11.21 15.41
CA LEU G 280 -50.50 -12.44 14.62
C LEU G 280 -50.44 -13.68 15.50
N HIS G 281 -49.39 -13.79 16.33
CA HIS G 281 -49.20 -15.01 17.10
C HIS G 281 -50.22 -15.18 18.21
N GLN G 282 -50.81 -14.09 18.71
CA GLN G 282 -51.75 -14.19 19.81
C GLN G 282 -52.98 -14.99 19.42
N VAL G 283 -53.56 -14.72 18.25
CA VAL G 283 -54.76 -15.44 17.83
C VAL G 283 -54.45 -16.91 17.55
N PHE G 284 -53.29 -17.18 16.94
CA PHE G 284 -52.90 -18.55 16.66
C PHE G 284 -52.71 -19.35 17.94
N ALA G 285 -52.10 -18.73 18.95
CA ALA G 285 -52.03 -19.37 20.26
C ALA G 285 -53.39 -19.44 20.94
N SER G 286 -54.34 -18.60 20.53
CA SER G 286 -55.66 -18.60 21.13
C SER G 286 -56.50 -19.77 20.63
N PHE G 287 -56.71 -19.89 19.32
CA PHE G 287 -57.62 -20.91 18.83
C PHE G 287 -56.94 -22.26 18.59
N THR G 288 -55.65 -22.39 18.88
CA THR G 288 -54.99 -23.68 18.74
C THR G 288 -55.44 -24.68 19.80
N ARG G 289 -56.12 -24.24 20.86
CA ARG G 289 -56.59 -25.13 21.90
C ARG G 289 -58.11 -25.24 21.89
N SER H 53 -5.90 18.00 41.90
CA SER H 53 -7.29 17.57 41.84
C SER H 53 -8.05 18.34 40.77
N LYS H 54 -7.31 19.10 39.95
CA LYS H 54 -7.94 19.88 38.90
C LYS H 54 -8.48 18.97 37.79
N ASP H 55 -7.77 17.88 37.49
CA ASP H 55 -8.23 16.97 36.45
C ASP H 55 -9.55 16.32 36.80
N LEU H 56 -9.71 15.90 38.07
CA LEU H 56 -10.97 15.32 38.49
C LEU H 56 -12.11 16.32 38.38
N LYS H 57 -11.86 17.57 38.78
CA LYS H 57 -12.88 18.61 38.63
C LYS H 57 -13.22 18.83 37.16
N ASN H 58 -12.21 18.78 36.28
CA ASN H 58 -12.47 18.94 34.86
C ASN H 58 -13.34 17.81 34.31
N GLN H 59 -13.05 16.57 34.72
CA GLN H 59 -13.88 15.45 34.28
C GLN H 59 -15.30 15.56 34.81
N LEU H 60 -15.46 15.96 36.07
CA LEU H 60 -16.80 16.16 36.61
C LEU H 60 -17.55 17.25 35.85
N GLY H 61 -16.88 18.35 35.55
CA GLY H 61 -17.52 19.42 34.78
C GLY H 61 -17.91 18.97 33.38
N HIS H 62 -17.04 18.21 32.72
CA HIS H 62 -17.35 17.71 31.39
C HIS H 62 -18.53 16.75 31.43
N LEU H 63 -18.58 15.87 32.43
CA LEU H 63 -19.72 14.97 32.55
C LEU H 63 -21.00 15.72 32.84
N GLU H 64 -20.94 16.75 33.68
CA GLU H 64 -22.12 17.56 33.96
C GLU H 64 -22.61 18.27 32.70
N SER H 65 -21.69 18.83 31.92
CA SER H 65 -22.07 19.50 30.68
C SER H 65 -22.68 18.51 29.69
N GLU H 66 -22.09 17.32 29.57
CA GLU H 66 -22.65 16.31 28.68
C GLU H 66 -24.03 15.86 29.13
N LEU H 67 -24.22 15.69 30.44
CA LEU H 67 -25.53 15.31 30.97
C LEU H 67 -26.56 16.38 30.67
N SER H 68 -26.20 17.65 30.88
CA SER H 68 -27.13 18.74 30.59
C SER H 68 -27.47 18.79 29.10
N PHE H 69 -26.46 18.59 28.25
CA PHE H 69 -26.70 18.59 26.81
C PHE H 69 -27.64 17.46 26.40
N LEU H 70 -27.41 16.27 26.94
CA LEU H 70 -28.27 15.14 26.60
C LEU H 70 -29.69 15.36 27.11
N SER H 71 -29.84 15.92 28.32
CA SER H 71 -31.16 16.18 28.86
C SER H 71 -31.91 17.21 28.03
N THR H 72 -31.22 18.29 27.62
CA THR H 72 -31.90 19.32 26.83
C THR H 72 -32.10 18.89 25.37
N LEU H 73 -31.36 17.89 24.89
CA LEU H 73 -31.60 17.38 23.55
C LEU H 73 -32.75 16.40 23.52
N THR H 74 -32.67 15.34 24.35
CA THR H 74 -33.77 14.38 24.42
C THR H 74 -35.04 15.02 24.97
N GLY H 75 -34.90 15.91 25.96
CA GLY H 75 -36.03 16.56 26.57
C GLY H 75 -36.50 15.96 27.87
N ILE H 76 -35.77 15.01 28.43
CA ILE H 76 -36.15 14.33 29.67
C ILE H 76 -35.08 14.61 30.72
N ASN H 77 -35.51 15.13 31.87
CA ASN H 77 -34.65 15.32 33.03
C ASN H 77 -35.04 14.30 34.08
N ILE H 78 -34.10 13.44 34.46
CA ILE H 78 -34.37 12.33 35.35
C ILE H 78 -33.95 12.70 36.76
N ARG H 79 -34.63 12.12 37.75
CA ARG H 79 -34.24 12.23 39.14
C ARG H 79 -33.36 11.04 39.52
N ASN H 80 -33.15 10.84 40.82
CA ASN H 80 -32.33 9.75 41.30
C ASN H 80 -32.90 8.40 40.87
N HIS H 81 -31.99 7.44 40.66
CA HIS H 81 -32.35 6.11 40.21
C HIS H 81 -31.85 5.08 41.22
N SER H 82 -32.70 4.09 41.50
CA SER H 82 -32.38 3.03 42.45
C SER H 82 -32.52 1.67 41.78
N LYS H 83 -31.59 0.78 42.08
CA LYS H 83 -31.55 -0.56 41.47
C LYS H 83 -31.40 -1.61 42.56
N GLN H 84 -32.15 -2.70 42.41
CA GLN H 84 -32.06 -3.86 43.30
C GLN H 84 -31.97 -5.11 42.45
N THR H 85 -31.18 -6.08 42.89
CA THR H 85 -30.95 -7.31 42.15
C THR H 85 -31.29 -8.52 43.00
N GLU H 86 -31.97 -9.49 42.39
CA GLU H 86 -32.30 -10.75 43.03
C GLU H 86 -31.92 -11.89 42.10
N ASP H 87 -31.27 -12.92 42.64
CA ASP H 87 -30.83 -14.07 41.87
C ASP H 87 -31.77 -15.23 42.17
N LEU H 88 -32.49 -15.70 41.15
CA LEU H 88 -33.38 -16.84 41.24
C LEU H 88 -32.94 -17.86 40.20
N THR H 89 -31.99 -18.70 40.57
CA THR H 89 -31.41 -19.68 39.66
C THR H 89 -32.02 -21.06 39.91
N SER H 90 -32.33 -21.76 38.83
CA SER H 90 -32.91 -23.10 38.92
C SER H 90 -31.86 -24.11 39.40
N ILE H 98 -28.73 -21.68 32.05
CA ILE H 98 -30.04 -21.54 32.69
C ILE H 98 -29.91 -20.66 33.92
N ARG H 99 -30.18 -19.37 33.75
CA ARG H 99 -30.08 -18.42 34.85
C ARG H 99 -31.20 -17.39 34.73
N LYS H 100 -31.82 -17.06 35.86
CA LYS H 100 -32.89 -16.06 35.91
C LYS H 100 -32.54 -15.02 36.96
N VAL H 101 -32.55 -13.75 36.56
CA VAL H 101 -32.24 -12.65 37.45
C VAL H 101 -33.38 -11.64 37.40
N LEU H 102 -33.82 -11.19 38.56
CA LEU H 102 -34.90 -10.20 38.65
C LEU H 102 -34.31 -8.89 39.11
N GLN H 103 -34.45 -7.85 38.29
CA GLN H 103 -33.88 -6.54 38.57
C GLN H 103 -35.00 -5.54 38.72
N ARG H 104 -35.05 -4.85 39.85
CA ARG H 104 -36.05 -3.83 40.13
C ARG H 104 -35.40 -2.46 40.02
N HIS H 105 -35.98 -1.60 39.18
CA HIS H 105 -35.51 -0.24 39.02
C HIS H 105 -36.61 0.74 39.43
N ARG H 106 -36.18 1.87 39.98
CA ARG H 106 -37.11 2.93 40.35
C ARG H 106 -36.48 4.26 40.01
N LEU H 107 -37.24 5.16 39.39
CA LEU H 107 -36.70 6.46 39.03
C LEU H 107 -37.83 7.47 38.88
N SER H 108 -37.55 8.70 39.27
CA SER H 108 -38.44 9.82 39.06
C SER H 108 -37.85 10.74 38.01
N GLY H 109 -38.66 11.66 37.52
CA GLY H 109 -38.17 12.60 36.52
C GLY H 109 -39.25 13.58 36.11
N ASN H 110 -38.93 14.35 35.07
CA ASN H 110 -39.90 15.30 34.54
C ASN H 110 -39.56 15.60 33.09
N CYS H 111 -40.57 16.01 32.34
CA CYS H 111 -40.46 16.53 30.98
C CYS H 111 -40.99 17.96 31.02
N HIS H 112 -40.13 18.87 31.46
CA HIS H 112 -40.13 20.30 31.13
C HIS H 112 -41.40 21.00 31.62
N MET H 113 -42.46 20.23 31.77
CA MET H 113 -43.76 20.67 32.25
C MET H 113 -44.37 19.72 33.27
N VAL H 114 -44.07 18.42 33.21
CA VAL H 114 -44.80 17.42 33.97
C VAL H 114 -43.83 16.46 34.64
N THR H 115 -44.07 16.16 35.91
CA THR H 115 -43.25 15.20 36.64
C THR H 115 -43.87 13.82 36.59
N PHE H 116 -43.07 12.82 36.96
CA PHE H 116 -43.52 11.43 36.96
C PHE H 116 -42.62 10.62 37.88
N GLN H 117 -43.15 9.51 38.38
CA GLN H 117 -42.38 8.59 39.21
C GLN H 117 -42.72 7.16 38.81
N LEU H 118 -41.74 6.40 38.36
CA LEU H 118 -41.98 5.07 37.83
C LEU H 118 -41.12 4.05 38.57
N GLU H 119 -41.63 2.82 38.63
CA GLU H 119 -40.91 1.71 39.25
C GLU H 119 -41.31 0.43 38.53
N PHE H 120 -40.33 -0.33 38.07
CA PHE H 120 -40.61 -1.54 37.31
C PHE H 120 -39.64 -2.64 37.73
N GLN H 121 -39.93 -3.86 37.28
CA GLN H 121 -39.06 -4.99 37.51
C GLN H 121 -38.99 -5.82 36.24
N ILE H 122 -37.79 -6.27 35.90
CA ILE H 122 -37.55 -7.05 34.68
C ILE H 122 -36.93 -8.39 35.07
N LEU H 123 -37.15 -9.39 34.22
CA LEU H 123 -36.64 -10.74 34.42
C LEU H 123 -35.71 -11.08 33.26
N GLU H 124 -34.41 -10.99 33.51
CA GLU H 124 -33.41 -11.37 32.52
C GLU H 124 -33.17 -12.87 32.60
N ILE H 125 -33.43 -13.57 31.51
CA ILE H 125 -33.23 -15.01 31.43
C ILE H 125 -32.02 -15.24 30.54
N GLN H 126 -30.89 -15.56 31.16
CA GLN H 126 -29.66 -15.86 30.43
C GLN H 126 -29.56 -17.35 30.22
N ASN H 127 -29.34 -17.74 28.96
CA ASN H 127 -29.22 -19.15 28.60
C ASN H 127 -27.93 -19.32 27.80
N LYS H 128 -27.76 -20.50 27.22
CA LYS H 128 -26.54 -20.77 26.46
C LYS H 128 -26.43 -19.87 25.23
N GLU H 129 -27.55 -19.64 24.54
CA GLU H 129 -27.55 -18.89 23.30
C GLU H 129 -28.50 -17.70 23.26
N ARG H 130 -29.40 -17.56 24.21
CA ARG H 130 -30.38 -16.48 24.20
C ARG H 130 -30.37 -15.74 25.52
N LEU H 131 -30.70 -14.45 25.46
CA LEU H 131 -30.80 -13.59 26.64
C LEU H 131 -32.10 -12.80 26.50
N SER H 132 -33.18 -13.36 27.03
CA SER H 132 -34.51 -12.77 26.91
C SER H 132 -34.75 -11.83 28.09
N SER H 133 -35.21 -10.62 27.79
CA SER H 133 -35.55 -9.63 28.80
C SER H 133 -37.00 -9.21 28.60
N ALA H 134 -37.81 -9.38 29.65
CA ALA H 134 -39.23 -9.04 29.59
C ALA H 134 -39.61 -8.22 30.81
N VAL H 135 -40.39 -7.17 30.57
CA VAL H 135 -40.87 -6.31 31.66
C VAL H 135 -42.02 -7.05 32.34
N THR H 136 -41.73 -7.69 33.47
CA THR H 136 -42.75 -8.46 34.18
C THR H 136 -43.80 -7.53 34.80
N ASP H 137 -43.37 -6.43 35.41
CA ASP H 137 -44.28 -5.52 36.07
C ASP H 137 -43.75 -4.10 35.95
N LEU H 138 -44.68 -3.15 35.80
CA LEU H 138 -44.36 -1.73 35.75
C LEU H 138 -45.47 -0.97 36.48
N ASN H 139 -45.09 0.13 37.12
CA ASN H 139 -46.07 0.96 37.81
C ASN H 139 -45.59 2.40 37.79
N ILE H 140 -46.37 3.29 37.19
CA ILE H 140 -46.03 4.70 37.09
C ILE H 140 -47.09 5.51 37.81
N ILE H 141 -46.68 6.67 38.33
CA ILE H 141 -47.57 7.59 39.00
C ILE H 141 -47.29 9.00 38.49
N MET H 142 -48.38 9.75 38.29
CA MET H 142 -48.34 11.11 37.78
C MET H 142 -48.59 12.07 38.96
N GLU H 143 -48.74 13.34 38.64
CA GLU H 143 -49.38 14.24 39.59
C GLU H 143 -50.85 14.41 39.22
N PRO H 144 -51.74 14.61 40.19
CA PRO H 144 -53.18 14.65 39.87
C PRO H 144 -53.62 15.90 39.12
N THR H 145 -53.42 15.86 37.80
CA THR H 145 -53.87 16.94 36.93
C THR H 145 -55.34 16.73 36.56
N GLU H 146 -55.87 17.60 35.70
CA GLU H 146 -57.25 17.51 35.25
C GLU H 146 -57.40 16.81 33.91
N CYS H 147 -56.30 16.29 33.35
CA CYS H 147 -56.35 15.60 32.06
C CYS H 147 -56.75 14.14 32.29
N SER H 148 -58.01 13.83 32.04
CA SER H 148 -58.50 12.46 32.22
C SER H 148 -57.92 11.50 31.18
N GLU H 149 -57.75 11.96 29.94
CA GLU H 149 -57.15 11.10 28.93
C GLU H 149 -55.71 10.76 29.28
N LEU H 150 -55.03 11.63 30.01
CA LEU H 150 -53.68 11.30 30.48
C LEU H 150 -53.72 10.08 31.40
N SER H 151 -54.67 10.06 32.33
CA SER H 151 -54.83 8.90 33.20
C SER H 151 -55.27 7.66 32.41
N GLU H 152 -56.13 7.84 31.41
CA GLU H 152 -56.54 6.72 30.57
C GLU H 152 -55.34 6.10 29.86
N PHE H 153 -54.48 6.95 29.30
CA PHE H 153 -53.28 6.44 28.63
C PHE H 153 -52.31 5.82 29.63
N VAL H 154 -52.23 6.37 30.84
CA VAL H 154 -51.38 5.75 31.87
C VAL H 154 -51.87 4.34 32.17
N SER H 155 -53.19 4.18 32.31
CA SER H 155 -53.76 2.85 32.54
C SER H 155 -53.48 1.93 31.37
N ARG H 156 -53.61 2.44 30.14
CA ARG H 156 -53.37 1.61 28.95
C ARG H 156 -51.92 1.14 28.91
N ALA H 157 -50.98 2.04 29.18
CA ALA H 157 -49.57 1.65 29.21
C ALA H 157 -49.28 0.68 30.34
N GLU H 158 -49.95 0.86 31.49
CA GLU H 158 -49.77 -0.06 32.60
C GLU H 158 -50.23 -1.46 32.24
N GLU H 159 -51.37 -1.56 31.56
CA GLU H 159 -51.89 -2.88 31.19
C GLU H 159 -51.21 -3.45 29.96
N ARG H 160 -50.49 -2.63 29.20
CA ARG H 160 -49.73 -3.13 28.06
C ARG H 160 -48.28 -3.45 28.38
N LYS H 161 -47.75 -2.88 29.46
CA LYS H 161 -46.38 -3.15 29.92
C LYS H 161 -45.35 -2.82 28.84
N ASP H 162 -45.30 -1.55 28.47
CA ASP H 162 -44.30 -1.03 27.54
C ASP H 162 -43.82 0.32 28.01
N LEU H 163 -42.61 0.69 27.61
CA LEU H 163 -41.94 1.89 28.13
C LEU H 163 -41.68 2.95 27.08
N PHE H 164 -41.02 2.59 25.97
CA PHE H 164 -40.56 3.60 25.02
C PHE H 164 -41.71 4.38 24.39
N MET H 165 -42.79 3.68 24.02
CA MET H 165 -43.92 4.38 23.43
C MET H 165 -44.52 5.37 24.42
N PHE H 166 -44.48 5.04 25.71
CA PHE H 166 -44.96 5.97 26.73
C PHE H 166 -44.16 7.26 26.71
N PHE H 167 -42.83 7.15 26.67
CA PHE H 167 -41.99 8.34 26.64
C PHE H 167 -42.24 9.16 25.37
N ARG H 168 -42.33 8.50 24.22
CA ARG H 168 -42.51 9.23 22.97
C ARG H 168 -43.87 9.92 22.93
N SER H 169 -44.91 9.23 23.38
CA SER H 169 -46.24 9.83 23.43
C SER H 169 -46.28 10.99 24.40
N LEU H 170 -45.61 10.87 25.54
CA LEU H 170 -45.55 11.99 26.48
C LEU H 170 -44.86 13.20 25.86
N HIS H 171 -43.76 12.95 25.14
CA HIS H 171 -43.06 14.03 24.45
C HIS H 171 -43.98 14.73 23.46
N PHE H 172 -44.66 13.95 22.62
CA PHE H 172 -45.55 14.54 21.62
C PHE H 172 -46.70 15.29 22.29
N PHE H 173 -47.23 14.75 23.38
CA PHE H 173 -48.34 15.39 24.08
C PHE H 173 -47.93 16.73 24.65
N VAL H 174 -46.77 16.78 25.32
CA VAL H 174 -46.33 18.06 25.89
C VAL H 174 -45.96 19.04 24.78
N GLU H 175 -45.47 18.54 23.64
CA GLU H 175 -45.18 19.39 22.50
C GLU H 175 -46.45 20.06 21.96
N TRP H 176 -47.50 19.27 21.73
CA TRP H 176 -48.76 19.83 21.26
C TRP H 176 -49.38 20.76 22.30
N PHE H 177 -49.26 20.41 23.58
CA PHE H 177 -49.76 21.26 24.65
C PHE H 177 -49.06 22.61 24.64
N GLU H 178 -47.74 22.61 24.46
CA GLU H 178 -47.03 23.88 24.48
C GLU H 178 -47.38 24.74 23.26
N TYR H 179 -47.55 24.13 22.08
CA TYR H 179 -48.04 24.93 20.95
C TYR H 179 -49.42 25.50 21.21
N ARG H 180 -50.32 24.69 21.79
CA ARG H 180 -51.66 25.21 22.08
C ARG H 180 -51.62 26.38 23.04
N LYS H 181 -50.85 26.26 24.12
CA LYS H 181 -50.77 27.33 25.10
C LYS H 181 -50.16 28.59 24.49
N ARG H 182 -49.08 28.43 23.73
CA ARG H 182 -48.42 29.59 23.13
C ARG H 182 -49.31 30.26 22.08
N THR H 183 -50.08 29.48 21.32
CA THR H 183 -50.99 30.07 20.35
C THR H 183 -52.12 30.84 21.05
N PHE H 184 -52.72 30.25 22.09
CA PHE H 184 -53.80 30.95 22.78
C PHE H 184 -53.31 32.22 23.46
N LYS H 185 -52.15 32.16 24.13
CA LYS H 185 -51.70 33.35 24.85
C LYS H 185 -51.30 34.48 23.92
N HIS H 186 -50.80 34.17 22.72
CA HIS H 186 -50.45 35.22 21.76
C HIS H 186 -51.70 35.96 21.29
N LEU H 187 -52.73 35.22 20.90
CA LEU H 187 -54.00 35.84 20.50
C LEU H 187 -54.70 36.52 21.67
N LYS H 188 -54.40 36.11 22.90
CA LYS H 188 -54.96 36.81 24.06
C LYS H 188 -54.49 38.26 24.10
N GLU H 189 -53.20 38.49 23.85
CA GLU H 189 -52.66 39.84 23.93
C GLU H 189 -52.77 40.60 22.61
N LYS H 190 -52.84 39.90 21.48
CA LYS H 190 -52.92 40.60 20.19
C LYS H 190 -54.21 41.41 20.09
N TYR H 191 -55.34 40.82 20.50
CA TYR H 191 -56.64 41.48 20.43
C TYR H 191 -57.33 41.34 21.78
N PRO H 192 -56.84 42.05 22.81
CA PRO H 192 -57.41 41.90 24.16
C PRO H 192 -58.83 42.41 24.29
N ASP H 193 -59.31 43.22 23.34
CA ASP H 193 -60.66 43.78 23.41
C ASP H 193 -61.71 42.88 22.78
N ALA H 194 -61.31 41.78 22.15
CA ALA H 194 -62.24 40.87 21.51
C ALA H 194 -62.06 39.42 21.94
N VAL H 195 -61.16 39.15 22.88
CA VAL H 195 -60.91 37.79 23.33
C VAL H 195 -61.21 37.71 24.82
N TYR H 196 -61.83 36.61 25.22
CA TYR H 196 -62.21 36.37 26.62
C TYR H 196 -61.83 34.94 26.97
N LEU H 197 -60.58 34.75 27.42
CA LEU H 197 -60.08 33.44 27.83
C LEU H 197 -60.64 33.13 29.20
N SER H 198 -61.80 32.46 29.22
CA SER H 198 -62.50 32.21 30.48
C SER H 198 -61.72 31.27 31.40
N GLU H 199 -61.12 30.22 30.85
CA GLU H 199 -60.48 29.19 31.66
C GLU H 199 -58.96 29.33 31.76
N GLY H 200 -58.34 30.10 30.87
CA GLY H 200 -56.91 30.32 30.94
C GLY H 200 -56.17 29.68 29.79
N PRO H 201 -54.93 30.14 29.56
CA PRO H 201 -54.14 29.58 28.45
C PRO H 201 -53.78 28.13 28.63
N SER H 202 -53.82 27.59 29.85
CA SER H 202 -53.49 26.20 30.11
C SER H 202 -54.71 25.28 30.03
N SER H 203 -55.74 25.68 29.28
CA SER H 203 -56.98 24.93 29.16
C SER H 203 -57.23 24.59 27.70
N CYS H 204 -58.39 23.99 27.43
CA CYS H 204 -58.79 23.60 26.09
C CYS H 204 -59.77 24.55 25.44
N SER H 205 -60.36 25.47 26.21
CA SER H 205 -61.40 26.35 25.69
C SER H 205 -60.82 27.69 25.28
N MET H 206 -61.45 28.30 24.28
CA MET H 206 -61.15 29.68 23.90
C MET H 206 -62.47 30.40 23.69
N GLY H 207 -62.64 31.55 24.33
CA GLY H 207 -63.90 32.26 24.23
C GLY H 207 -63.79 33.61 23.54
N ILE H 208 -64.40 33.73 22.36
CA ILE H 208 -64.39 35.00 21.63
C ILE H 208 -65.74 35.67 21.81
N ARG H 209 -65.71 36.96 22.11
CA ARG H 209 -66.90 37.73 22.45
C ARG H 209 -66.66 39.19 22.10
N SER H 210 -67.72 39.89 21.70
CA SER H 210 -67.66 41.31 21.42
C SER H 210 -68.14 42.10 22.63
N ALA H 211 -67.37 43.12 23.00
CA ALA H 211 -67.74 43.95 24.15
C ALA H 211 -68.98 44.78 23.90
N SER H 212 -69.35 45.02 22.64
CA SER H 212 -70.56 45.78 22.35
C SER H 212 -71.79 45.04 22.86
N ARG H 213 -71.84 43.73 22.66
CA ARG H 213 -72.96 42.91 23.12
C ARG H 213 -72.44 41.60 23.69
N PRO H 214 -72.66 41.35 24.99
CA PRO H 214 -72.19 40.09 25.59
C PRO H 214 -73.00 38.86 25.20
N GLY H 215 -74.18 39.05 24.61
CA GLY H 215 -75.01 37.94 24.22
C GLY H 215 -74.42 37.08 23.12
N PHE H 216 -73.77 37.73 22.15
CA PHE H 216 -73.18 37.03 21.01
C PHE H 216 -71.71 36.73 21.31
N GLU H 217 -71.40 35.44 21.43
CA GLU H 217 -70.04 34.97 21.66
C GLU H 217 -70.00 33.50 21.28
N LEU H 218 -68.81 33.03 20.91
CA LEU H 218 -68.67 31.61 20.58
C LEU H 218 -67.37 31.11 21.18
N VAL H 219 -67.19 29.78 21.10
CA VAL H 219 -66.07 29.12 21.75
C VAL H 219 -65.36 28.22 20.73
N ILE H 220 -64.04 28.18 20.82
CA ILE H 220 -63.21 27.26 20.08
C ILE H 220 -62.71 26.18 21.04
N VAL H 221 -62.93 24.93 20.67
CA VAL H 221 -62.50 23.78 21.45
C VAL H 221 -61.34 23.13 20.72
N TRP H 222 -60.18 23.10 21.39
CA TRP H 222 -58.98 22.44 20.89
C TRP H 222 -58.69 21.27 21.83
N ARG H 223 -58.77 20.06 21.32
CA ARG H 223 -58.53 18.87 22.11
C ARG H 223 -57.34 18.11 21.56
N ILE H 224 -56.66 17.38 22.44
CA ILE H 224 -55.55 16.51 22.08
C ILE H 224 -55.92 15.09 22.47
N GLN H 225 -55.92 14.18 21.51
CA GLN H 225 -56.40 12.82 21.73
C GLN H 225 -55.27 11.83 21.44
N ILE H 226 -55.30 10.72 22.19
CA ILE H 226 -54.35 9.64 22.02
C ILE H 226 -55.12 8.39 21.61
N ASP H 227 -54.76 7.81 20.46
CA ASP H 227 -55.45 6.65 19.96
C ASP H 227 -55.01 5.40 20.73
N GLU H 228 -55.60 4.26 20.37
CA GLU H 228 -55.27 3.01 21.05
C GLU H 228 -53.84 2.58 20.74
N ASP H 229 -53.36 2.82 19.52
CA ASP H 229 -52.00 2.42 19.17
C ASP H 229 -50.97 3.18 20.00
N GLY H 230 -51.17 4.48 20.18
CA GLY H 230 -50.24 5.27 20.97
C GLY H 230 -49.89 6.61 20.34
N LYS H 231 -50.42 6.87 19.16
CA LYS H 231 -50.17 8.14 18.48
C LYS H 231 -51.00 9.25 19.13
N VAL H 232 -50.59 10.48 18.85
CA VAL H 232 -51.22 11.67 19.41
C VAL H 232 -51.64 12.58 18.27
N PHE H 233 -52.91 13.01 18.27
CA PHE H 233 -53.41 13.89 17.23
C PHE H 233 -54.31 14.97 17.82
N PRO H 234 -54.28 16.17 17.27
CA PRO H 234 -55.17 17.23 17.78
C PRO H 234 -56.49 17.30 17.02
N LYS H 235 -57.43 18.10 17.53
CA LYS H 235 -58.68 18.34 16.84
C LYS H 235 -59.22 19.69 17.25
N LEU H 236 -59.85 20.39 16.29
CA LEU H 236 -60.37 21.73 16.49
C LEU H 236 -61.85 21.73 16.13
N ASP H 237 -62.66 22.47 16.88
CA ASP H 237 -64.05 22.66 16.54
C ASP H 237 -64.53 23.98 17.14
N LEU H 238 -65.69 24.44 16.69
CA LEU H 238 -66.29 25.65 17.25
C LEU H 238 -67.72 25.37 17.65
N LEU H 239 -68.15 26.03 18.72
CA LEU H 239 -69.53 26.00 19.17
C LEU H 239 -70.05 27.42 19.33
N THR H 240 -71.21 27.69 18.76
CA THR H 240 -71.78 29.03 18.68
C THR H 240 -73.00 29.12 19.59
N LYS H 241 -72.98 30.08 20.50
CA LYS H 241 -74.13 30.40 21.36
C LYS H 241 -74.83 31.60 20.72
N VAL H 242 -75.72 31.33 19.79
CA VAL H 242 -76.40 32.36 19.00
C VAL H 242 -77.88 32.33 19.35
N PRO H 243 -78.50 33.46 19.69
CA PRO H 243 -79.95 33.48 19.89
C PRO H 243 -80.70 33.29 18.59
N GLN H 244 -81.98 32.91 18.72
CA GLN H 244 -82.82 32.72 17.55
C GLN H 244 -83.19 34.02 16.86
N ARG H 245 -82.87 35.17 17.45
CA ARG H 245 -83.09 36.43 16.77
C ARG H 245 -82.30 36.50 15.46
N ALA H 246 -81.07 35.98 15.47
CA ALA H 246 -80.30 35.88 14.24
C ALA H 246 -80.94 34.92 13.25
N LEU H 247 -81.53 33.82 13.73
CA LEU H 247 -82.21 32.89 12.84
C LEU H 247 -83.41 33.54 12.17
N GLU H 248 -84.21 34.30 12.92
CA GLU H 248 -85.36 34.96 12.33
C GLU H 248 -84.98 36.18 11.50
N LEU H 249 -83.81 36.77 11.75
CA LEU H 249 -83.36 37.89 10.92
C LEU H 249 -82.88 37.41 9.56
N ASP H 250 -81.95 36.46 9.54
CA ASP H 250 -81.34 35.99 8.30
C ASP H 250 -81.99 34.69 7.87
N LYS H 251 -82.54 34.69 6.65
CA LYS H 251 -83.09 33.49 6.05
C LYS H 251 -82.08 32.74 5.20
N ASN H 252 -80.85 33.24 5.11
CA ASN H 252 -79.83 32.55 4.32
C ASN H 252 -79.36 31.27 4.99
N ARG H 253 -79.49 31.19 6.31
CA ARG H 253 -79.17 29.97 7.08
C ARG H 253 -77.71 29.56 6.87
N ALA H 254 -76.80 30.42 7.34
CA ALA H 254 -75.37 30.20 7.20
C ALA H 254 -74.71 29.82 8.52
N ILE H 255 -75.50 29.41 9.52
CA ILE H 255 -74.96 29.10 10.83
C ILE H 255 -74.88 27.58 11.09
N GLU H 256 -75.73 26.78 10.46
CA GLU H 256 -75.70 25.34 10.70
C GLU H 256 -74.48 24.69 10.07
N THR H 257 -73.96 25.27 8.98
CA THR H 257 -72.79 24.74 8.29
C THR H 257 -71.48 25.29 8.84
N ALA H 258 -71.53 25.98 9.98
CA ALA H 258 -70.31 26.57 10.54
C ALA H 258 -69.22 25.55 10.83
N PRO H 259 -69.50 24.38 11.45
CA PRO H 259 -68.40 23.47 11.79
C PRO H 259 -67.61 22.96 10.59
N LEU H 260 -68.29 22.36 9.62
CA LEU H 260 -67.61 21.77 8.47
C LEU H 260 -66.90 22.83 7.65
N SER H 261 -67.56 23.97 7.44
CA SER H 261 -66.94 25.06 6.69
C SER H 261 -65.71 25.58 7.41
N PHE H 262 -65.78 25.72 8.73
CA PHE H 262 -64.63 26.19 9.49
C PHE H 262 -63.48 25.20 9.42
N ARG H 263 -63.78 23.90 9.51
CA ARG H 263 -62.72 22.90 9.42
C ARG H 263 -62.10 22.87 8.04
N THR H 264 -62.89 23.13 7.00
CA THR H 264 -62.32 23.30 5.66
C THR H 264 -61.44 24.53 5.61
N LEU H 265 -61.86 25.62 6.26
CA LEU H 265 -61.10 26.85 6.26
C LEU H 265 -59.74 26.68 6.93
N VAL H 266 -59.73 26.01 8.09
CA VAL H 266 -58.47 25.83 8.82
C VAL H 266 -57.53 24.91 8.06
N GLY H 267 -58.06 24.03 7.21
CA GLY H 267 -57.25 23.21 6.33
C GLY H 267 -56.90 23.85 5.02
N LEU H 268 -57.24 25.14 4.84
CA LEU H 268 -56.98 25.85 3.60
C LEU H 268 -55.76 26.75 3.70
N LEU H 269 -55.67 27.56 4.76
CA LEU H 269 -54.61 28.55 4.87
C LEU H 269 -53.93 28.57 6.23
N GLY H 270 -54.24 27.62 7.11
CA GLY H 270 -53.58 27.54 8.40
C GLY H 270 -54.57 27.64 9.54
N ILE H 271 -54.02 27.67 10.75
CA ILE H 271 -54.81 27.70 11.97
C ILE H 271 -54.98 29.13 12.45
N GLU H 272 -53.87 29.80 12.73
CA GLU H 272 -53.93 31.17 13.23
C GLU H 272 -54.52 32.12 12.19
N ALA H 273 -54.32 31.82 10.90
CA ALA H 273 -54.91 32.64 9.85
C ALA H 273 -56.43 32.60 9.91
N ALA H 274 -57.00 31.40 10.07
CA ALA H 274 -58.45 31.28 10.19
C ALA H 274 -58.95 31.97 11.45
N LEU H 275 -58.22 31.83 12.55
CA LEU H 275 -58.63 32.46 13.80
C LEU H 275 -58.65 33.98 13.67
N GLU H 276 -57.60 34.56 13.10
CA GLU H 276 -57.57 36.00 12.94
C GLU H 276 -58.60 36.49 11.92
N SER H 277 -58.87 35.69 10.89
CA SER H 277 -59.94 36.04 9.95
C SER H 277 -61.29 36.07 10.67
N LEU H 278 -61.55 35.08 11.53
CA LEU H 278 -62.79 35.08 12.30
C LEU H 278 -62.86 36.29 13.23
N ILE H 279 -61.74 36.63 13.87
CA ILE H 279 -61.73 37.79 14.76
C ILE H 279 -62.03 39.06 13.98
N LYS H 280 -61.40 39.23 12.80
CA LYS H 280 -61.64 40.42 12.00
C LYS H 280 -63.08 40.49 11.50
N SER H 281 -63.64 39.35 11.07
CA SER H 281 -65.03 39.35 10.62
C SER H 281 -65.98 39.70 11.76
N LEU H 282 -65.73 39.16 12.96
CA LEU H 282 -66.56 39.47 14.10
C LEU H 282 -66.37 40.90 14.59
N CYS H 283 -65.25 41.53 14.24
CA CYS H 283 -64.98 42.90 14.66
C CYS H 283 -65.93 43.89 13.99
N GLN I 74 -14.17 -21.17 -69.20
CA GLN I 74 -13.40 -21.87 -68.19
C GLN I 74 -14.04 -23.21 -67.84
N PRO I 75 -13.28 -24.30 -67.94
CA PRO I 75 -13.80 -25.61 -67.60
C PRO I 75 -14.14 -25.71 -66.11
N LEU I 76 -15.11 -26.56 -65.81
CA LEU I 76 -15.56 -26.74 -64.43
C LEU I 76 -14.49 -27.45 -63.61
N SER I 77 -14.68 -27.41 -62.30
CA SER I 77 -13.75 -28.07 -61.38
C SER I 77 -13.90 -29.58 -61.47
N LYS I 78 -12.89 -30.28 -60.97
CA LYS I 78 -12.86 -31.74 -61.00
C LYS I 78 -13.84 -32.37 -60.01
N SER I 79 -14.28 -31.62 -58.99
CA SER I 79 -15.19 -32.17 -58.00
C SER I 79 -16.52 -32.57 -58.63
N THR I 80 -17.14 -31.65 -59.37
CA THR I 80 -18.39 -31.96 -60.04
C THR I 80 -18.20 -33.05 -61.10
N ARG I 81 -17.01 -33.11 -61.70
CA ARG I 81 -16.73 -34.15 -62.69
C ARG I 81 -16.74 -35.53 -62.05
N ASP I 82 -16.05 -35.68 -60.92
CA ASP I 82 -16.05 -36.98 -60.25
C ASP I 82 -17.42 -37.29 -59.65
N HIS I 83 -18.16 -36.26 -59.21
CA HIS I 83 -19.53 -36.48 -58.77
C HIS I 83 -20.37 -37.06 -59.90
N LEU I 84 -20.31 -36.45 -61.08
CA LEU I 84 -21.09 -36.93 -62.22
C LEU I 84 -20.65 -38.34 -62.61
N GLN I 85 -19.34 -38.61 -62.58
CA GLN I 85 -18.89 -39.94 -62.99
C GLN I 85 -19.34 -41.01 -62.00
N THR I 86 -19.36 -40.69 -60.70
CA THR I 86 -19.80 -41.71 -59.74
C THR I 86 -21.32 -41.90 -59.80
N MET I 87 -22.09 -40.85 -60.09
CA MET I 87 -23.53 -41.07 -60.32
C MET I 87 -23.75 -41.92 -61.58
N MET I 88 -22.97 -41.69 -62.63
CA MET I 88 -23.09 -42.54 -63.81
C MET I 88 -22.73 -43.98 -63.48
N GLU I 89 -21.68 -44.20 -62.70
CA GLU I 89 -21.32 -45.56 -62.30
C GLU I 89 -22.45 -46.21 -61.51
N SER I 90 -23.03 -45.47 -60.56
CA SER I 90 -24.10 -46.02 -59.74
C SER I 90 -25.33 -46.37 -60.57
N VAL I 91 -25.72 -45.48 -61.50
CA VAL I 91 -26.90 -45.77 -62.30
C VAL I 91 -26.62 -46.93 -63.27
N ILE I 92 -25.41 -47.02 -63.81
CA ILE I 92 -25.07 -48.15 -64.67
C ILE I 92 -25.15 -49.45 -63.88
N MET I 93 -24.63 -49.46 -62.66
CA MET I 93 -24.69 -50.66 -61.84
C MET I 93 -26.13 -51.04 -61.52
N THR I 94 -26.96 -50.06 -61.18
CA THR I 94 -28.33 -50.38 -60.76
C THR I 94 -29.21 -50.76 -61.94
N ILE I 95 -28.86 -50.34 -63.16
CA ILE I 95 -29.61 -50.82 -64.31
C ILE I 95 -29.06 -52.15 -64.82
N LEU I 96 -27.78 -52.44 -64.56
CA LEU I 96 -27.22 -53.75 -64.91
C LEU I 96 -27.65 -54.83 -63.94
N SER I 97 -27.99 -54.48 -62.70
CA SER I 97 -28.40 -55.48 -61.73
C SER I 97 -29.62 -56.26 -62.19
N ASN I 98 -30.51 -55.62 -62.93
CA ASN I 98 -31.71 -56.28 -63.45
C ASN I 98 -31.48 -56.97 -64.80
N SER I 99 -30.31 -56.78 -65.41
CA SER I 99 -30.02 -57.40 -66.70
C SER I 99 -29.63 -58.86 -66.52
N ILE I 100 -30.14 -59.71 -67.40
CA ILE I 100 -29.86 -61.14 -67.37
C ILE I 100 -29.14 -61.60 -68.64
N LYS I 101 -29.62 -61.18 -69.80
CA LYS I 101 -29.06 -61.56 -71.09
C LYS I 101 -28.31 -60.40 -71.70
N GLU I 102 -27.27 -60.72 -72.50
CA GLU I 102 -26.45 -59.73 -73.18
C GLU I 102 -25.77 -58.79 -72.17
N LYS I 103 -24.89 -59.40 -71.37
CA LYS I 103 -24.35 -58.73 -70.19
C LYS I 103 -23.17 -57.84 -70.53
N GLU I 104 -22.09 -58.43 -71.06
CA GLU I 104 -20.81 -57.71 -71.11
C GLU I 104 -20.78 -56.65 -72.19
N GLU I 105 -21.39 -56.89 -73.35
CA GLU I 105 -21.34 -55.91 -74.42
C GLU I 105 -22.12 -54.64 -74.09
N ILE I 106 -23.27 -54.76 -73.42
CA ILE I 106 -24.04 -53.57 -73.09
C ILE I 106 -23.30 -52.73 -72.04
N GLN I 107 -22.62 -53.37 -71.09
CA GLN I 107 -21.86 -52.60 -70.11
C GLN I 107 -20.61 -51.98 -70.73
N TYR I 108 -20.00 -52.66 -71.70
CA TYR I 108 -18.88 -52.06 -72.43
C TYR I 108 -19.34 -50.82 -73.19
N HIS I 109 -20.50 -50.91 -73.85
CA HIS I 109 -21.05 -49.76 -74.56
C HIS I 109 -21.41 -48.64 -73.60
N LEU I 110 -21.94 -48.99 -72.43
CA LEU I 110 -22.28 -47.99 -71.43
C LEU I 110 -21.03 -47.27 -70.95
N ASN I 111 -19.95 -48.00 -70.70
CA ASN I 111 -18.69 -47.38 -70.31
C ASN I 111 -18.15 -46.48 -71.42
N PHE I 112 -18.24 -46.93 -72.67
CA PHE I 112 -17.76 -46.13 -73.78
C PHE I 112 -18.54 -44.82 -73.90
N LEU I 113 -19.87 -44.88 -73.79
CA LEU I 113 -20.67 -43.67 -73.89
C LEU I 113 -20.48 -42.77 -72.67
N LYS I 114 -20.24 -43.35 -71.49
CA LYS I 114 -19.93 -42.55 -70.32
C LYS I 114 -18.62 -41.79 -70.51
N LYS I 115 -17.60 -42.47 -71.03
CA LYS I 115 -16.33 -41.78 -71.30
C LYS I 115 -16.51 -40.70 -72.35
N ARG I 116 -17.30 -40.98 -73.39
CA ARG I 116 -17.56 -39.96 -74.40
C ARG I 116 -18.28 -38.76 -73.82
N LEU I 117 -19.24 -38.98 -72.92
CA LEU I 117 -19.93 -37.87 -72.27
C LEU I 117 -18.98 -37.07 -71.39
N LEU I 118 -18.07 -37.75 -70.67
CA LEU I 118 -17.09 -37.02 -69.87
C LEU I 118 -16.19 -36.17 -70.76
N GLN I 119 -15.76 -36.71 -71.90
CA GLN I 119 -14.95 -35.92 -72.83
C GLN I 119 -15.73 -34.73 -73.35
N GLN I 120 -17.00 -34.92 -73.71
CA GLN I 120 -17.83 -33.82 -74.21
C GLN I 120 -17.99 -32.74 -73.15
N CYS I 121 -18.20 -33.13 -71.90
CA CYS I 121 -18.29 -32.16 -70.81
C CYS I 121 -16.97 -31.43 -70.61
N GLU I 122 -15.84 -32.14 -70.76
CA GLU I 122 -14.54 -31.49 -70.64
C GLU I 122 -14.32 -30.46 -71.73
N THR I 123 -14.71 -30.77 -72.97
CA THR I 123 -14.54 -29.83 -74.06
C THR I 123 -15.52 -28.67 -74.02
N LEU I 124 -16.62 -28.79 -73.28
CA LEU I 124 -17.61 -27.73 -73.24
C LEU I 124 -17.16 -26.59 -72.32
N LYS I 125 -17.81 -25.44 -72.48
CA LYS I 125 -17.49 -24.25 -71.71
C LYS I 125 -18.74 -23.71 -71.04
N VAL I 126 -18.56 -23.18 -69.83
CA VAL I 126 -19.67 -22.64 -69.04
C VAL I 126 -19.06 -21.65 -68.04
N PRO I 127 -19.74 -20.54 -67.73
CA PRO I 127 -19.21 -19.63 -66.72
C PRO I 127 -19.03 -20.34 -65.39
N PRO I 128 -17.97 -20.03 -64.67
CA PRO I 128 -17.66 -20.77 -63.44
C PRO I 128 -18.66 -20.51 -62.34
N LYS I 129 -18.79 -21.48 -61.44
CA LYS I 129 -19.63 -21.35 -60.26
C LYS I 129 -18.94 -22.10 -59.11
N LYS I 130 -19.26 -21.70 -57.88
CA LYS I 130 -18.59 -22.23 -56.71
C LYS I 130 -19.62 -22.82 -55.74
N MET I 131 -19.27 -23.96 -55.16
CA MET I 131 -20.07 -24.62 -54.13
C MET I 131 -19.22 -25.72 -53.52
N GLU I 132 -19.81 -26.51 -52.64
CA GLU I 132 -19.13 -27.60 -51.95
C GLU I 132 -19.75 -28.93 -52.37
N ASP I 133 -19.34 -29.99 -51.68
CA ASP I 133 -19.78 -31.34 -52.02
C ASP I 133 -21.29 -31.46 -51.82
N LEU I 134 -21.91 -32.31 -52.64
CA LEU I 134 -23.36 -32.44 -52.69
C LEU I 134 -23.92 -33.41 -51.66
N THR I 135 -23.08 -34.08 -50.88
CA THR I 135 -23.56 -35.06 -49.91
C THR I 135 -24.27 -34.43 -48.72
N ASN I 136 -24.14 -33.11 -48.53
CA ASN I 136 -24.76 -32.42 -47.40
C ASN I 136 -25.85 -31.45 -47.84
N VAL I 137 -26.64 -31.81 -48.86
CA VAL I 137 -27.67 -30.90 -49.34
C VAL I 137 -28.91 -30.97 -48.45
N SER I 138 -29.33 -32.19 -48.07
CA SER I 138 -30.58 -32.34 -47.33
C SER I 138 -30.50 -31.69 -45.95
N SER I 139 -29.40 -31.90 -45.23
CA SER I 139 -29.27 -31.34 -43.89
C SER I 139 -29.25 -29.81 -43.95
N LEU I 140 -28.49 -29.25 -44.90
CA LEU I 140 -28.44 -27.80 -45.04
C LEU I 140 -29.82 -27.24 -45.41
N LEU I 141 -30.54 -27.92 -46.29
CA LEU I 141 -31.87 -27.44 -46.65
C LEU I 141 -32.82 -27.48 -45.47
N ASN I 142 -32.78 -28.56 -44.68
CA ASN I 142 -33.66 -28.67 -43.52
C ASN I 142 -33.34 -27.60 -42.48
N MET I 143 -32.05 -27.36 -42.22
CA MET I 143 -31.69 -26.35 -41.23
C MET I 143 -32.03 -24.95 -41.74
N GLU I 144 -31.89 -24.73 -43.05
CA GLU I 144 -32.31 -23.44 -43.63
C GLU I 144 -33.81 -23.23 -43.49
N ARG I 145 -34.60 -24.28 -43.72
CA ARG I 145 -36.05 -24.17 -43.54
C ARG I 145 -36.39 -23.85 -42.09
N ALA I 146 -35.74 -24.55 -41.15
CA ALA I 146 -36.00 -24.28 -39.74
C ALA I 146 -35.63 -22.86 -39.37
N ARG I 147 -34.47 -22.39 -39.83
CA ARG I 147 -34.06 -21.01 -39.57
C ARG I 147 -35.04 -20.01 -40.17
N ASP I 148 -35.50 -20.28 -41.39
CA ASP I 148 -36.45 -19.39 -42.04
C ASP I 148 -37.75 -19.30 -41.24
N LYS I 149 -38.27 -20.44 -40.80
CA LYS I 149 -39.51 -20.42 -40.02
C LYS I 149 -39.31 -19.69 -38.70
N ALA I 150 -38.20 -19.95 -38.01
CA ALA I 150 -37.95 -19.28 -36.73
C ALA I 150 -37.83 -17.78 -36.92
N ASN I 151 -37.08 -17.34 -37.93
CA ASN I 151 -36.92 -15.92 -38.19
C ASN I 151 -38.25 -15.28 -38.55
N GLU I 152 -39.07 -15.96 -39.37
CA GLU I 152 -40.35 -15.41 -39.76
C GLU I 152 -41.28 -15.24 -38.57
N GLU I 153 -41.36 -16.26 -37.71
CA GLU I 153 -42.24 -16.16 -36.55
C GLU I 153 -41.74 -15.10 -35.58
N GLY I 154 -40.42 -15.01 -35.38
CA GLY I 154 -39.89 -13.96 -34.52
C GLY I 154 -40.17 -12.57 -35.06
N LEU I 155 -40.02 -12.39 -36.38
CA LEU I 155 -40.29 -11.10 -36.99
C LEU I 155 -41.77 -10.75 -36.87
N ALA I 156 -42.65 -11.73 -37.06
CA ALA I 156 -44.08 -11.48 -36.90
C ALA I 156 -44.41 -11.05 -35.48
N LEU I 157 -43.82 -11.73 -34.49
CA LEU I 157 -44.06 -11.36 -33.10
C LEU I 157 -43.56 -9.96 -32.81
N LEU I 158 -42.36 -9.63 -33.31
CA LEU I 158 -41.81 -8.30 -33.09
C LEU I 158 -42.66 -7.22 -33.76
N GLN I 159 -43.18 -7.50 -34.96
CA GLN I 159 -44.01 -6.53 -35.65
C GLN I 159 -45.34 -6.33 -34.92
N GLU I 160 -45.93 -7.40 -34.41
CA GLU I 160 -47.17 -7.27 -33.64
C GLU I 160 -46.93 -6.46 -32.36
N GLU I 161 -45.80 -6.72 -31.69
CA GLU I 161 -45.44 -5.92 -30.53
C GLU I 161 -45.26 -4.46 -30.91
N ILE I 162 -44.61 -4.20 -32.05
CA ILE I 162 -44.46 -2.83 -32.52
C ILE I 162 -45.82 -2.17 -32.68
N ASP I 163 -46.73 -2.84 -33.38
CA ASP I 163 -48.04 -2.24 -33.63
C ASP I 163 -48.75 -1.91 -32.32
N LYS I 164 -48.90 -2.91 -31.44
CA LYS I 164 -49.66 -2.68 -30.22
C LYS I 164 -49.01 -1.63 -29.33
N MET I 165 -47.68 -1.67 -29.21
CA MET I 165 -47.01 -0.86 -28.20
C MET I 165 -46.77 0.56 -28.70
N VAL I 166 -46.59 0.74 -30.01
CA VAL I 166 -46.57 2.08 -30.58
C VAL I 166 -47.96 2.70 -30.51
N GLU I 167 -49.01 1.91 -30.75
CA GLU I 167 -50.36 2.43 -30.53
C GLU I 167 -50.54 2.89 -29.10
N THR I 168 -50.09 2.07 -28.14
CA THR I 168 -50.23 2.41 -26.73
C THR I 168 -49.50 3.73 -26.42
N THR I 169 -48.25 3.86 -26.87
CA THR I 169 -47.48 5.04 -26.51
C THR I 169 -47.99 6.29 -27.23
N GLU I 170 -48.50 6.16 -28.45
CA GLU I 170 -49.03 7.34 -29.13
C GLU I 170 -50.34 7.80 -28.48
N LEU I 171 -51.21 6.85 -28.11
CA LEU I 171 -52.39 7.23 -27.35
C LEU I 171 -52.02 7.88 -26.04
N MET I 172 -50.99 7.34 -25.37
CA MET I 172 -50.56 7.89 -24.09
C MET I 172 -50.03 9.30 -24.24
N THR I 173 -49.22 9.56 -25.27
CA THR I 173 -48.68 10.91 -25.42
C THR I 173 -49.75 11.90 -25.87
N GLY I 174 -50.73 11.45 -26.65
CA GLY I 174 -51.87 12.31 -26.92
C GLY I 174 -52.62 12.68 -25.67
N ASN I 175 -52.86 11.70 -24.79
CA ASN I 175 -53.51 11.98 -23.52
C ASN I 175 -52.65 12.90 -22.67
N ILE I 176 -51.33 12.74 -22.72
CA ILE I 176 -50.43 13.60 -21.95
C ILE I 176 -50.55 15.05 -22.42
N GLN I 177 -50.56 15.25 -23.73
CA GLN I 177 -50.71 16.61 -24.27
C GLN I 177 -52.06 17.20 -23.89
N SER I 178 -53.13 16.40 -23.99
CA SER I 178 -54.45 16.90 -23.61
C SER I 178 -54.49 17.30 -22.14
N LEU I 179 -53.91 16.47 -21.27
CA LEU I 179 -53.88 16.80 -19.84
C LEU I 179 -53.03 18.02 -19.56
N LYS I 180 -51.92 18.19 -20.28
CA LYS I 180 -51.10 19.37 -20.10
C LYS I 180 -51.86 20.63 -20.48
N ASN I 181 -52.59 20.58 -21.60
CA ASN I 181 -53.41 21.73 -21.98
C ASN I 181 -54.49 22.01 -20.94
N LYS I 182 -55.12 20.94 -20.43
CA LYS I 182 -56.18 21.11 -19.43
C LYS I 182 -55.64 21.74 -18.15
N ILE I 183 -54.49 21.27 -17.66
CA ILE I 183 -53.94 21.84 -16.43
C ILE I 183 -53.48 23.27 -16.68
N GLN I 184 -52.94 23.56 -17.87
CA GLN I 184 -52.52 24.94 -18.16
C GLN I 184 -53.72 25.88 -18.15
N ILE I 185 -54.81 25.50 -18.81
CA ILE I 185 -55.97 26.38 -18.86
C ILE I 185 -56.61 26.51 -17.48
N LEU I 186 -56.63 25.43 -16.70
CA LEU I 186 -57.19 25.52 -15.36
C LEU I 186 -56.34 26.42 -14.47
N ALA I 187 -55.02 26.32 -14.57
CA ALA I 187 -54.15 27.17 -13.77
C ALA I 187 -54.27 28.63 -14.18
N SER I 188 -54.43 28.89 -15.48
CA SER I 188 -54.66 30.27 -15.91
C SER I 188 -56.00 30.79 -15.43
N GLU I 189 -57.02 29.94 -15.39
CA GLU I 189 -58.35 30.38 -14.97
C GLU I 189 -58.44 30.60 -13.47
N VAL I 190 -57.74 29.79 -12.67
CA VAL I 190 -57.87 29.87 -11.22
C VAL I 190 -57.34 31.19 -10.66
N GLU I 191 -56.49 31.88 -11.42
CA GLU I 191 -55.84 33.09 -10.92
C GLU I 191 -56.85 34.17 -10.57
N GLU I 192 -57.84 34.39 -11.45
CA GLU I 192 -58.78 35.49 -11.23
C GLU I 192 -59.51 35.32 -9.91
N GLU I 193 -59.98 34.10 -9.62
CA GLU I 193 -60.68 33.90 -8.36
C GLU I 193 -59.73 33.84 -7.17
N GLU I 194 -58.47 33.41 -7.36
CA GLU I 194 -57.60 33.34 -6.19
C GLU I 194 -57.03 34.70 -5.81
N GLU I 195 -57.11 35.70 -6.69
CA GLU I 195 -56.99 37.06 -6.17
C GLU I 195 -58.33 37.70 -5.80
N ARG I 196 -59.44 37.28 -6.42
CA ARG I 196 -60.72 37.87 -6.06
C ARG I 196 -61.16 37.46 -4.66
N VAL I 197 -60.71 36.31 -4.17
CA VAL I 197 -61.09 35.83 -2.85
C VAL I 197 -60.63 36.80 -1.76
N LYS I 198 -59.46 37.40 -1.93
CA LYS I 198 -58.83 38.22 -0.89
C LYS I 198 -59.00 39.70 -1.18
N GLN I 199 -60.14 40.08 -1.74
CA GLN I 199 -60.39 41.48 -2.04
C GLN I 199 -60.68 42.28 -0.78
N MET I 200 -61.73 41.91 -0.06
CA MET I 200 -62.09 42.57 1.19
C MET I 200 -61.47 41.91 2.41
N HIS I 201 -60.69 40.86 2.22
CA HIS I 201 -60.07 40.11 3.31
C HIS I 201 -58.56 40.14 3.16
N GLN I 202 -57.86 40.14 4.28
CA GLN I 202 -56.40 40.17 4.27
C GLN I 202 -55.87 38.90 3.61
N ILE I 203 -54.68 39.03 3.00
CA ILE I 203 -54.08 37.91 2.28
C ILE I 203 -53.83 36.75 3.23
N ASN I 204 -53.25 37.04 4.39
CA ASN I 204 -52.98 36.01 5.39
C ASN I 204 -53.22 36.54 6.79
N LEU I 209 -45.17 33.50 13.77
CA LEU I 209 -46.22 32.54 14.09
C LEU I 209 -46.23 31.40 13.07
N SER I 210 -45.28 30.48 13.19
CA SER I 210 -45.14 29.36 12.26
C SER I 210 -45.70 28.09 12.91
N LEU I 211 -47.01 27.93 12.77
CA LEU I 211 -47.67 26.72 13.25
C LEU I 211 -47.76 25.71 12.11
N PRO I 212 -47.27 24.48 12.29
CA PRO I 212 -47.34 23.49 11.21
C PRO I 212 -48.78 23.20 10.81
N GLU I 213 -48.97 22.97 9.51
CA GLU I 213 -50.31 22.68 9.00
C GLU I 213 -50.79 21.31 9.50
N LEU I 214 -52.06 21.26 9.86
CA LEU I 214 -52.63 20.01 10.37
C LEU I 214 -52.80 18.99 9.24
N SER I 215 -52.81 17.72 9.62
CA SER I 215 -53.00 16.65 8.66
C SER I 215 -54.46 16.60 8.20
N GLN I 216 -54.68 15.92 7.07
CA GLN I 216 -56.02 15.79 6.53
C GLN I 216 -56.92 14.90 7.38
N LYS I 217 -56.33 14.05 8.22
CA LYS I 217 -57.14 13.19 9.09
C LYS I 217 -58.00 14.01 10.04
N THR I 218 -57.42 15.07 10.62
CA THR I 218 -58.20 15.97 11.46
C THR I 218 -59.31 16.64 10.68
N LEU I 219 -59.04 17.01 9.43
CA LEU I 219 -60.07 17.62 8.59
C LEU I 219 -61.21 16.65 8.32
N LYS I 220 -60.91 15.38 8.08
CA LYS I 220 -61.92 14.38 7.78
C LYS I 220 -62.44 13.66 9.02
N ALA I 221 -61.95 14.03 10.20
CA ALA I 221 -62.45 13.43 11.43
C ALA I 221 -63.89 13.90 11.69
N PRO I 222 -64.70 13.08 12.35
CA PRO I 222 -66.06 13.50 12.69
C PRO I 222 -66.05 14.70 13.62
N THR I 223 -66.99 15.62 13.39
CA THR I 223 -67.07 16.83 14.21
C THR I 223 -67.77 16.54 15.54
N LEU I 224 -67.70 17.52 16.43
CA LEU I 224 -68.17 17.34 17.80
C LEU I 224 -69.64 17.69 17.97
N GLN I 225 -70.13 18.69 17.21
CA GLN I 225 -71.48 19.17 17.43
C GLN I 225 -72.52 18.10 17.15
N LYS I 226 -72.39 17.39 16.02
CA LYS I 226 -73.37 16.35 15.70
C LYS I 226 -73.27 15.18 16.67
N GLU I 227 -72.06 14.85 17.11
CA GLU I 227 -71.90 13.77 18.09
C GLU I 227 -72.57 14.13 19.41
N ILE I 228 -72.42 15.37 19.86
CA ILE I 228 -73.08 15.81 21.08
C ILE I 228 -74.59 15.81 20.91
N LEU I 229 -75.06 16.30 19.76
CA LEU I 229 -76.50 16.37 19.51
C LEU I 229 -77.13 14.98 19.49
N ALA I 230 -76.48 14.02 18.86
CA ALA I 230 -76.99 12.66 18.76
C ALA I 230 -76.62 11.80 19.95
N LEU I 231 -75.84 12.33 20.90
CA LEU I 231 -75.42 11.56 22.07
C LEU I 231 -76.30 11.81 23.29
N ILE I 232 -76.85 13.00 23.44
CA ILE I 232 -77.66 13.33 24.61
C ILE I 232 -79.13 13.43 24.20
N PRO I 233 -80.03 12.76 24.91
CA PRO I 233 -81.47 12.89 24.60
C PRO I 233 -82.10 14.10 25.25
N ASN I 234 -83.43 14.19 25.15
CA ASN I 234 -84.28 15.18 25.84
C ASN I 234 -83.64 16.56 25.87
N GLN I 235 -83.41 17.10 24.67
CA GLN I 235 -82.75 18.40 24.54
C GLN I 235 -83.56 19.49 25.23
N ASN I 236 -84.86 19.57 24.95
CA ASN I 236 -85.69 20.61 25.54
C ASN I 236 -85.91 20.40 27.03
N ALA I 237 -86.03 19.14 27.46
CA ALA I 237 -86.24 18.85 28.87
C ALA I 237 -85.08 19.32 29.74
N LEU I 238 -83.87 19.36 29.19
CA LEU I 238 -82.73 19.94 29.89
C LEU I 238 -82.56 21.42 29.64
N LEU I 239 -82.89 21.88 28.43
CA LEU I 239 -82.77 23.31 28.11
C LEU I 239 -83.72 24.15 28.95
N LYS I 240 -84.90 23.61 29.30
CA LYS I 240 -85.88 24.39 30.06
C LYS I 240 -85.33 24.85 31.40
N ASP I 241 -84.31 24.18 31.92
CA ASP I 241 -83.61 24.64 33.11
C ASP I 241 -82.20 25.16 32.81
N LEU I 242 -81.60 24.75 31.70
CA LEU I 242 -80.30 25.28 31.32
C LEU I 242 -80.38 26.78 31.05
N ASP I 243 -81.44 27.21 30.36
CA ASP I 243 -81.63 28.64 30.13
C ASP I 243 -81.85 29.37 31.45
N ILE I 244 -82.63 28.78 32.36
CA ILE I 244 -82.91 29.41 33.64
C ILE I 244 -81.63 29.60 34.44
N LEU I 245 -80.79 28.56 34.49
CA LEU I 245 -79.54 28.69 35.22
C LEU I 245 -78.57 29.64 34.53
N HIS I 246 -78.55 29.69 33.20
CA HIS I 246 -77.74 30.69 32.52
C HIS I 246 -78.24 32.11 32.76
N ASN I 247 -79.52 32.27 33.06
CA ASN I 247 -80.04 33.57 33.44
C ASN I 247 -79.89 33.87 34.92
N SER I 248 -79.47 32.89 35.72
CA SER I 248 -79.24 33.11 37.14
C SER I 248 -77.88 33.78 37.34
N SER I 249 -77.78 34.63 38.36
CA SER I 249 -76.58 35.43 38.56
C SER I 249 -75.59 34.83 39.56
N GLN I 250 -75.99 33.80 40.31
CA GLN I 250 -75.11 33.24 41.33
C GLN I 250 -73.88 32.59 40.71
N MET I 251 -74.11 31.68 39.75
CA MET I 251 -72.98 31.06 39.08
C MET I 251 -72.28 32.03 38.14
N LYS I 252 -72.96 33.09 37.70
CA LYS I 252 -72.28 34.14 36.97
C LYS I 252 -71.26 34.85 37.85
N SER I 253 -71.63 35.18 39.09
CA SER I 253 -70.68 35.77 40.02
C SER I 253 -69.57 34.78 40.35
N MET I 254 -69.91 33.50 40.48
CA MET I 254 -68.89 32.48 40.71
C MET I 254 -67.89 32.43 39.55
N SER I 255 -68.40 32.49 38.31
CA SER I 255 -67.51 32.49 37.14
C SER I 255 -66.64 33.74 37.10
N THR I 256 -67.22 34.90 37.46
CA THR I 256 -66.41 36.12 37.52
C THR I 256 -65.31 35.99 38.56
N PHE I 257 -65.61 35.40 39.71
CA PHE I 257 -64.59 35.17 40.72
C PHE I 257 -63.49 34.24 40.21
N ILE I 258 -63.88 33.16 39.51
CA ILE I 258 -62.88 32.24 38.97
C ILE I 258 -62.01 32.94 37.93
N GLU I 259 -62.63 33.73 37.06
CA GLU I 259 -61.86 34.48 36.06
C GLU I 259 -60.92 35.47 36.70
N GLU I 260 -61.36 36.16 37.75
CA GLU I 260 -60.49 37.10 38.45
C GLU I 260 -59.30 36.37 39.07
N ALA I 261 -59.56 35.21 39.69
CA ALA I 261 -58.46 34.43 40.25
C ALA I 261 -57.49 33.98 39.18
N TYR I 262 -58.01 33.53 38.04
CA TYR I 262 -57.14 33.06 36.96
C TYR I 262 -56.28 34.20 36.40
N LYS I 263 -56.89 35.37 36.21
CA LYS I 263 -56.09 36.49 35.69
C LYS I 263 -55.12 37.01 36.74
N LYS I 264 -55.44 36.86 38.03
CA LYS I 264 -54.48 37.16 39.08
C LYS I 264 -53.27 36.23 38.99
N LEU I 265 -53.52 34.94 38.79
CA LEU I 265 -52.41 33.99 38.63
C LEU I 265 -51.60 34.29 37.38
N ASP I 266 -52.26 34.62 36.26
CA ASP I 266 -51.55 34.96 35.04
C ASP I 266 -50.78 36.28 35.15
N ALA I 267 -51.21 37.18 36.05
CA ALA I 267 -50.48 38.43 36.23
C ALA I 267 -49.11 38.20 36.83
N SER I 268 -48.96 37.20 37.69
CA SER I 268 -47.68 36.89 38.31
C SER I 268 -46.73 36.24 37.32
N ASN J 252 -27.05 -24.31 -67.12
CA ASN J 252 -28.21 -23.84 -67.87
C ASN J 252 -27.93 -23.85 -69.37
N ILE J 253 -26.64 -23.84 -69.72
CA ILE J 253 -26.25 -23.86 -71.13
C ILE J 253 -25.87 -25.26 -71.59
N VAL J 254 -25.37 -26.11 -70.67
CA VAL J 254 -25.04 -27.48 -71.04
C VAL J 254 -26.31 -28.32 -71.16
N LEU J 255 -27.43 -27.83 -70.61
CA LEU J 255 -28.68 -28.58 -70.66
C LEU J 255 -29.20 -28.79 -72.07
N PRO J 256 -29.27 -27.77 -72.95
CA PRO J 256 -29.69 -28.07 -74.34
C PRO J 256 -28.76 -29.03 -75.05
N GLU J 257 -27.46 -28.94 -74.79
CA GLU J 257 -26.49 -29.86 -75.39
C GLU J 257 -26.79 -31.29 -74.96
N PHE J 258 -26.96 -31.51 -73.66
CA PHE J 258 -27.25 -32.85 -73.16
C PHE J 258 -28.64 -33.31 -73.61
N GLU J 259 -29.52 -32.37 -73.92
CA GLU J 259 -30.84 -32.72 -74.43
C GLU J 259 -30.74 -33.24 -75.86
N LYS J 260 -29.94 -32.57 -76.70
CA LYS J 260 -29.82 -33.04 -78.08
C LYS J 260 -28.86 -34.23 -78.20
N THR J 261 -28.09 -34.52 -77.15
CA THR J 261 -27.34 -35.78 -77.14
C THR J 261 -28.28 -36.97 -77.30
N HIS J 262 -29.51 -36.86 -76.78
CA HIS J 262 -30.47 -37.94 -76.91
C HIS J 262 -30.69 -38.32 -78.38
N LEU J 263 -31.19 -37.38 -79.17
CA LEU J 263 -31.48 -37.72 -80.56
C LEU J 263 -30.23 -37.77 -81.44
N GLU J 264 -29.07 -37.31 -80.98
CA GLU J 264 -27.88 -37.65 -81.76
C GLU J 264 -27.35 -39.03 -81.43
N HIS J 265 -27.78 -39.63 -80.32
CA HIS J 265 -27.51 -41.04 -80.03
C HIS J 265 -28.56 -41.97 -80.61
N GLN J 266 -29.79 -41.50 -80.78
CA GLN J 266 -30.86 -42.36 -81.29
C GLN J 266 -30.59 -42.83 -82.72
N GLN J 267 -29.82 -42.05 -83.49
CA GLN J 267 -29.62 -42.37 -84.90
C GLN J 267 -28.71 -43.57 -85.13
N ARG J 268 -28.05 -44.08 -84.10
CA ARG J 268 -27.12 -45.20 -84.25
C ARG J 268 -27.69 -46.51 -83.74
N ILE J 269 -28.15 -46.56 -82.50
CA ILE J 269 -28.66 -47.79 -81.91
C ILE J 269 -30.04 -48.09 -82.50
N GLU J 270 -30.34 -49.39 -82.66
CA GLU J 270 -31.61 -49.81 -83.22
C GLU J 270 -32.30 -50.93 -82.45
N SER J 271 -31.61 -51.59 -81.51
CA SER J 271 -32.22 -52.66 -80.75
C SER J 271 -33.27 -52.12 -79.80
N LYS J 272 -34.35 -52.89 -79.61
CA LYS J 272 -35.47 -52.43 -78.79
C LYS J 272 -35.09 -52.32 -77.32
N VAL J 273 -34.42 -53.35 -76.80
CA VAL J 273 -34.05 -53.34 -75.38
C VAL J 273 -32.99 -52.28 -75.11
N CYS J 274 -32.03 -52.12 -76.02
CA CYS J 274 -31.03 -51.07 -75.87
C CYS J 274 -31.68 -49.69 -75.94
N LYS J 275 -32.64 -49.50 -76.84
CA LYS J 275 -33.35 -48.23 -76.92
C LYS J 275 -34.10 -47.94 -75.62
N ALA J 276 -34.77 -48.96 -75.07
CA ALA J 276 -35.51 -48.77 -73.82
C ALA J 276 -34.56 -48.42 -72.68
N ALA J 277 -33.42 -49.11 -72.59
CA ALA J 277 -32.45 -48.79 -71.55
C ALA J 277 -31.90 -47.38 -71.73
N ILE J 278 -31.60 -46.99 -72.96
CA ILE J 278 -31.10 -45.64 -73.25
C ILE J 278 -32.10 -44.61 -72.76
N ALA J 279 -33.37 -44.78 -73.12
CA ALA J 279 -34.41 -43.83 -72.72
C ALA J 279 -34.53 -43.77 -71.21
N THR J 280 -34.49 -44.94 -70.56
CA THR J 280 -34.67 -44.98 -69.10
C THR J 280 -33.57 -44.22 -68.38
N PHE J 281 -32.30 -44.52 -68.67
CA PHE J 281 -31.29 -43.82 -67.88
C PHE J 281 -31.12 -42.39 -68.36
N TYR J 282 -31.51 -42.08 -69.60
CA TYR J 282 -31.51 -40.70 -70.05
C TYR J 282 -32.50 -39.86 -69.25
N VAL J 283 -33.74 -40.34 -69.12
CA VAL J 283 -34.71 -39.57 -68.34
C VAL J 283 -34.30 -39.55 -66.86
N ASN J 284 -33.68 -40.63 -66.37
CA ASN J 284 -33.21 -40.63 -64.98
C ASN J 284 -32.17 -39.55 -64.74
N VAL J 285 -31.14 -39.48 -65.60
CA VAL J 285 -30.09 -38.48 -65.41
C VAL J 285 -30.63 -37.08 -65.67
N LYS J 286 -31.59 -36.93 -66.59
CA LYS J 286 -32.20 -35.62 -66.79
C LYS J 286 -32.94 -35.15 -65.55
N GLU J 287 -33.71 -36.04 -64.91
CA GLU J 287 -34.39 -35.70 -63.68
C GLU J 287 -33.39 -35.36 -62.58
N GLN J 288 -32.30 -36.13 -62.49
CA GLN J 288 -31.27 -35.84 -61.50
C GLN J 288 -30.66 -34.46 -61.71
N PHE J 289 -30.35 -34.12 -62.97
CA PHE J 289 -29.78 -32.81 -63.26
C PHE J 289 -30.74 -31.69 -62.90
N ILE J 290 -32.01 -31.85 -63.27
CA ILE J 290 -33.01 -30.81 -62.99
C ILE J 290 -33.16 -30.62 -61.49
N LYS J 291 -33.30 -31.72 -60.75
CA LYS J 291 -33.48 -31.60 -59.31
C LYS J 291 -32.24 -31.02 -58.64
N MET J 292 -31.04 -31.38 -59.10
CA MET J 292 -29.82 -30.81 -58.53
C MET J 292 -29.76 -29.31 -58.77
N LEU J 293 -30.06 -28.86 -59.98
CA LEU J 293 -30.01 -27.43 -60.27
C LEU J 293 -31.05 -26.67 -59.46
N LYS J 294 -32.27 -27.21 -59.37
CA LYS J 294 -33.32 -26.54 -58.60
C LYS J 294 -32.93 -26.47 -57.12
N GLU J 295 -32.38 -27.57 -56.58
CA GLU J 295 -31.95 -27.57 -55.18
C GLU J 295 -30.84 -26.55 -54.95
N SER J 296 -29.90 -26.46 -55.88
CA SER J 296 -28.82 -25.48 -55.75
C SER J 296 -29.37 -24.05 -55.71
N GLN J 297 -30.25 -23.73 -56.66
CA GLN J 297 -30.80 -22.39 -56.73
C GLN J 297 -31.60 -22.05 -55.47
N MET J 298 -32.44 -22.96 -55.02
CA MET J 298 -33.26 -22.68 -53.84
C MET J 298 -32.41 -22.66 -52.58
N LEU J 299 -31.31 -23.41 -52.55
CA LEU J 299 -30.39 -23.33 -51.43
C LEU J 299 -29.74 -21.96 -51.34
N THR J 300 -29.28 -21.43 -52.48
CA THR J 300 -28.70 -20.08 -52.48
C THR J 300 -29.75 -19.04 -52.06
N ASN J 301 -30.97 -19.18 -52.58
CA ASN J 301 -32.03 -18.23 -52.23
C ASN J 301 -32.35 -18.30 -50.75
N LEU J 302 -32.43 -19.50 -50.18
CA LEU J 302 -32.71 -19.65 -48.76
C LEU J 302 -31.57 -19.06 -47.92
N LYS J 303 -30.33 -19.25 -48.34
CA LYS J 303 -29.20 -18.69 -47.60
C LYS J 303 -29.28 -17.17 -47.56
N ARG J 304 -29.48 -16.54 -48.73
CA ARG J 304 -29.54 -15.08 -48.76
C ARG J 304 -30.76 -14.56 -48.01
N LYS J 305 -31.89 -15.26 -48.10
CA LYS J 305 -33.08 -14.86 -47.36
C LYS J 305 -32.86 -14.96 -45.86
N ASN J 306 -32.19 -16.03 -45.41
CA ASN J 306 -31.87 -16.16 -43.98
C ASN J 306 -30.97 -15.03 -43.52
N ALA J 307 -29.96 -14.68 -44.32
CA ALA J 307 -29.10 -13.56 -43.95
C ALA J 307 -29.90 -12.26 -43.84
N LYS J 308 -30.79 -12.02 -44.81
CA LYS J 308 -31.60 -10.81 -44.77
C LYS J 308 -32.50 -10.78 -43.54
N MET J 309 -33.13 -11.90 -43.20
CA MET J 309 -34.03 -11.93 -42.06
C MET J 309 -33.27 -11.76 -40.74
N ILE J 310 -32.10 -12.38 -40.60
CA ILE J 310 -31.35 -12.22 -39.36
C ILE J 310 -30.87 -10.78 -39.21
N SER J 311 -30.46 -10.15 -40.32
CA SER J 311 -30.11 -8.73 -40.25
C SER J 311 -31.32 -7.89 -39.83
N ASP J 312 -32.49 -8.19 -40.41
CA ASP J 312 -33.69 -7.42 -40.09
C ASP J 312 -34.07 -7.56 -38.62
N ILE J 313 -34.00 -8.77 -38.08
CA ILE J 313 -34.41 -8.96 -36.68
C ILE J 313 -33.38 -8.33 -35.73
N GLU J 314 -32.09 -8.45 -36.04
CA GLU J 314 -31.10 -7.81 -35.19
C GLU J 314 -31.19 -6.29 -35.28
N LYS J 315 -31.76 -5.76 -36.37
CA LYS J 315 -32.09 -4.35 -36.42
C LYS J 315 -33.31 -4.03 -35.56
N LYS J 316 -34.33 -4.89 -35.61
CA LYS J 316 -35.59 -4.61 -34.92
C LYS J 316 -35.44 -4.72 -33.40
N ARG J 317 -34.43 -5.43 -32.93
CA ARG J 317 -34.20 -5.52 -31.49
C ARG J 317 -33.93 -4.14 -30.89
N GLN J 318 -33.14 -3.32 -31.58
CA GLN J 318 -32.88 -1.96 -31.09
C GLN J 318 -34.16 -1.14 -31.05
N ARG J 319 -35.05 -1.34 -32.03
CA ARG J 319 -36.34 -0.66 -32.00
C ARG J 319 -37.15 -1.07 -30.78
N MET J 320 -37.21 -2.38 -30.50
CA MET J 320 -37.79 -2.87 -29.25
C MET J 320 -37.28 -2.07 -28.07
N ILE J 321 -35.96 -2.05 -27.89
CA ILE J 321 -35.35 -1.47 -26.70
C ILE J 321 -35.69 0.01 -26.60
N GLU J 322 -35.53 0.74 -27.70
CA GLU J 322 -35.73 2.17 -27.64
C GLU J 322 -37.19 2.55 -27.38
N VAL J 323 -38.14 1.83 -28.01
CA VAL J 323 -39.55 2.13 -27.77
C VAL J 323 -39.89 1.89 -26.31
N GLN J 324 -39.42 0.78 -25.75
CA GLN J 324 -39.64 0.55 -24.32
C GLN J 324 -39.05 1.68 -23.51
N ASP J 325 -37.90 2.22 -23.96
CA ASP J 325 -37.27 3.33 -23.26
C ASP J 325 -38.19 4.54 -23.17
N GLU J 326 -38.73 5.01 -24.32
CA GLU J 326 -39.52 6.24 -24.20
C GLU J 326 -40.83 5.97 -23.46
N LEU J 327 -41.42 4.79 -23.63
CA LEU J 327 -42.63 4.49 -22.87
C LEU J 327 -42.36 4.59 -21.37
N LEU J 328 -41.26 3.98 -20.92
CA LEU J 328 -40.92 3.98 -19.51
C LEU J 328 -40.64 5.39 -19.00
N ARG J 329 -39.92 6.20 -19.78
CA ARG J 329 -39.58 7.52 -19.24
C ARG J 329 -40.72 8.52 -19.35
N LEU J 330 -41.75 8.23 -20.15
CA LEU J 330 -42.93 9.07 -20.17
C LEU J 330 -43.97 8.70 -19.11
N GLU J 331 -44.01 7.45 -18.64
CA GLU J 331 -45.01 7.09 -17.63
C GLU J 331 -45.01 8.00 -16.40
N PRO J 332 -43.87 8.25 -15.73
CA PRO J 332 -43.93 9.06 -14.50
C PRO J 332 -44.42 10.48 -14.73
N GLN J 333 -44.14 11.07 -15.89
CA GLN J 333 -44.64 12.41 -16.18
C GLN J 333 -46.15 12.44 -16.20
N LEU J 334 -46.76 11.43 -16.83
CA LEU J 334 -48.22 11.32 -16.82
C LEU J 334 -48.74 11.19 -15.40
N LYS J 335 -48.09 10.35 -14.58
CA LYS J 335 -48.55 10.18 -13.20
C LYS J 335 -48.50 11.51 -12.44
N GLN J 336 -47.39 12.24 -12.56
CA GLN J 336 -47.23 13.50 -11.86
C GLN J 336 -48.25 14.53 -12.32
N LEU J 337 -48.50 14.60 -13.63
CA LEU J 337 -49.49 15.55 -14.13
C LEU J 337 -50.88 15.23 -13.59
N GLN J 338 -51.23 13.93 -13.55
CA GLN J 338 -52.53 13.55 -13.00
C GLN J 338 -52.66 13.97 -11.54
N THR J 339 -51.61 13.72 -10.75
CA THR J 339 -51.65 14.11 -9.34
C THR J 339 -51.81 15.62 -9.18
N LYS J 340 -51.06 16.40 -9.96
CA LYS J 340 -51.15 17.85 -9.86
C LYS J 340 -52.55 18.33 -10.22
N TYR J 341 -53.13 17.78 -11.30
CA TYR J 341 -54.46 18.22 -11.72
C TYR J 341 -55.52 17.90 -10.66
N ASP J 342 -55.52 16.67 -10.16
CA ASP J 342 -56.59 16.29 -9.25
C ASP J 342 -56.36 16.78 -7.82
N GLU J 343 -55.19 17.36 -7.53
CA GLU J 343 -55.10 18.11 -6.28
C GLU J 343 -55.50 19.58 -6.49
N LEU J 344 -55.16 20.17 -7.64
CA LEU J 344 -55.49 21.56 -7.88
C LEU J 344 -57.00 21.77 -7.97
N LYS J 345 -57.72 20.82 -8.56
CA LYS J 345 -59.17 20.97 -8.66
C LYS J 345 -59.81 21.10 -7.28
N GLU J 346 -59.48 20.17 -6.38
CA GLU J 346 -60.06 20.22 -5.04
C GLU J 346 -59.57 21.42 -4.26
N ARG J 347 -58.33 21.85 -4.48
CA ARG J 347 -57.85 23.07 -3.83
C ARG J 347 -58.72 24.27 -4.22
N LYS J 348 -58.98 24.42 -5.52
CA LYS J 348 -59.80 25.54 -5.98
C LYS J 348 -61.21 25.46 -5.43
N SER J 349 -61.80 24.26 -5.43
CA SER J 349 -63.17 24.11 -4.94
C SER J 349 -63.26 24.47 -3.46
N SER J 350 -62.31 23.97 -2.66
CA SER J 350 -62.31 24.28 -1.23
C SER J 350 -62.11 25.77 -0.99
N LEU J 351 -61.21 26.40 -1.76
CA LEU J 351 -60.98 27.83 -1.59
C LEU J 351 -62.25 28.63 -1.87
N ARG J 352 -62.94 28.29 -2.95
CA ARG J 352 -64.19 28.99 -3.28
C ARG J 352 -65.24 28.80 -2.20
N ASN J 353 -65.39 27.57 -1.70
CA ASN J 353 -66.39 27.31 -0.67
C ASN J 353 -66.08 28.07 0.60
N ALA J 354 -64.81 28.10 1.01
CA ALA J 354 -64.43 28.83 2.21
C ALA J 354 -64.68 30.33 2.04
N ALA J 355 -64.37 30.87 0.86
CA ALA J 355 -64.64 32.29 0.62
C ALA J 355 -66.12 32.59 0.73
N TYR J 356 -66.97 31.73 0.14
CA TYR J 356 -68.41 31.94 0.22
C TYR J 356 -68.89 31.92 1.67
N PHE J 357 -68.44 30.93 2.44
CA PHE J 357 -68.87 30.85 3.83
C PHE J 357 -68.44 32.07 4.63
N LEU J 358 -67.19 32.51 4.45
CA LEU J 358 -66.69 33.66 5.19
C LEU J 358 -67.49 34.92 4.84
N SER J 359 -67.74 35.13 3.55
CA SER J 359 -68.51 36.30 3.15
C SER J 359 -69.92 36.26 3.72
N ASN J 360 -70.56 35.09 3.67
CA ASN J 360 -71.93 34.98 4.17
C ASN J 360 -72.00 35.24 5.67
N LEU J 361 -71.05 34.68 6.42
CA LEU J 361 -71.03 34.92 7.87
C LEU J 361 -70.76 36.40 8.18
N LYS J 362 -69.84 37.02 7.46
CA LYS J 362 -69.57 38.44 7.67
C LYS J 362 -70.81 39.28 7.41
N GLN J 363 -71.52 39.00 6.33
CA GLN J 363 -72.74 39.74 6.02
C GLN J 363 -73.81 39.51 7.07
N LEU J 364 -73.96 38.27 7.55
CA LEU J 364 -74.95 37.99 8.59
C LEU J 364 -74.65 38.79 9.86
N TYR J 365 -73.39 38.78 10.30
CA TYR J 365 -73.06 39.56 11.48
C TYR J 365 -73.27 41.05 11.25
N GLN J 366 -72.89 41.55 10.07
CA GLN J 366 -73.00 42.99 9.81
C GLN J 366 -74.47 43.44 9.79
N ASP J 367 -75.34 42.68 9.14
CA ASP J 367 -76.73 43.10 9.08
C ASP J 367 -77.52 42.68 10.32
N TYR J 368 -76.93 41.90 11.22
CA TYR J 368 -77.55 41.74 12.53
C TYR J 368 -77.14 42.83 13.52
N SER J 369 -75.91 43.34 13.42
CA SER J 369 -75.31 44.13 14.51
C SER J 369 -76.20 45.26 15.02
N ASP J 370 -77.25 45.65 14.29
CA ASP J 370 -78.10 46.74 14.71
C ASP J 370 -79.35 46.30 15.48
N VAL J 371 -79.92 45.15 15.14
CA VAL J 371 -81.16 44.72 15.81
C VAL J 371 -80.89 44.43 17.29
N GLN J 372 -79.69 43.96 17.62
CA GLN J 372 -79.34 43.80 19.03
C GLN J 372 -79.24 45.14 19.74
N ALA J 373 -78.75 46.16 19.04
CA ALA J 373 -78.73 47.50 19.61
C ALA J 373 -80.13 48.08 19.79
N GLN J 374 -81.08 47.69 18.94
CA GLN J 374 -82.45 48.16 19.12
C GLN J 374 -83.05 47.68 20.44
N GLU J 375 -82.87 46.41 20.76
CA GLU J 375 -83.33 45.86 22.05
C GLU J 375 -82.15 45.27 22.79
N PRO J 376 -81.60 45.95 23.80
CA PRO J 376 -80.38 45.45 24.43
C PRO J 376 -80.60 44.24 25.33
N ASN J 377 -81.73 44.18 26.04
CA ASN J 377 -81.95 43.16 27.05
C ASN J 377 -83.24 42.39 26.77
N VAL J 378 -83.43 41.99 25.52
CA VAL J 378 -84.57 41.15 25.17
C VAL J 378 -84.38 39.76 25.75
N LYS J 379 -85.47 39.16 26.22
CA LYS J 379 -85.44 37.81 26.78
C LYS J 379 -85.32 36.81 25.63
N GLU J 380 -84.06 36.57 25.24
CA GLU J 380 -83.78 35.73 24.09
C GLU J 380 -83.38 34.33 24.56
N THR J 381 -84.10 33.32 24.07
CA THR J 381 -83.73 31.94 24.34
C THR J 381 -82.86 31.40 23.20
N TYR J 382 -82.52 30.12 23.29
CA TYR J 382 -81.62 29.49 22.35
C TYR J 382 -82.19 28.16 21.87
N ASP J 383 -81.81 27.78 20.65
CA ASP J 383 -82.31 26.58 20.02
C ASP J 383 -81.50 25.36 20.47
N SER J 384 -81.79 24.20 19.88
CA SER J 384 -81.08 22.98 20.22
C SER J 384 -79.63 23.00 19.77
N SER J 385 -79.29 23.80 18.77
CA SER J 385 -77.93 23.87 18.29
C SER J 385 -76.99 24.58 19.25
N SER J 386 -77.52 25.42 20.15
CA SER J 386 -76.69 26.13 21.11
C SER J 386 -76.47 25.35 22.40
N LEU J 387 -77.13 24.21 22.57
CA LEU J 387 -76.98 23.39 23.76
C LEU J 387 -75.54 22.91 23.97
N PRO J 388 -74.84 22.42 22.93
CA PRO J 388 -73.44 22.01 23.15
C PRO J 388 -72.58 23.09 23.78
N ALA J 389 -72.52 24.28 23.16
CA ALA J 389 -71.74 25.37 23.72
C ALA J 389 -72.13 25.67 25.15
N LEU J 390 -73.44 25.81 25.42
CA LEU J 390 -73.89 26.02 26.78
C LEU J 390 -73.43 24.89 27.70
N LEU J 391 -73.55 23.64 27.22
CA LEU J 391 -73.02 22.53 28.00
C LEU J 391 -71.52 22.67 28.19
N PHE J 392 -70.80 23.09 27.14
CA PHE J 392 -69.38 23.34 27.28
C PHE J 392 -69.09 24.51 28.21
N LYS J 393 -70.06 25.42 28.38
CA LYS J 393 -69.92 26.46 29.39
C LYS J 393 -70.11 25.89 30.79
N ALA J 394 -70.91 24.84 30.91
CA ALA J 394 -71.17 24.21 32.20
C ALA J 394 -70.06 23.29 32.65
N ARG J 395 -69.10 22.97 31.77
CA ARG J 395 -68.00 22.08 32.11
C ARG J 395 -67.30 22.53 33.39
N THR J 396 -66.73 23.74 33.35
CA THR J 396 -66.10 24.28 34.54
C THR J 396 -67.08 24.40 35.70
N LEU J 397 -68.36 24.64 35.39
CA LEU J 397 -69.38 24.70 36.43
C LEU J 397 -69.42 23.41 37.23
N LEU J 398 -69.27 22.27 36.54
CA LEU J 398 -69.20 20.99 37.22
C LEU J 398 -67.76 20.56 37.51
N GLY J 399 -66.78 21.34 37.08
CA GLY J 399 -65.39 21.04 37.32
C GLY J 399 -64.65 22.03 38.19
N ALA J 400 -65.29 23.14 38.59
CA ALA J 400 -64.59 24.18 39.34
C ALA J 400 -63.97 23.64 40.61
N GLU J 401 -64.71 22.83 41.37
CA GLU J 401 -64.13 22.21 42.55
C GLU J 401 -62.88 21.43 42.20
N SER J 402 -62.94 20.61 41.15
CA SER J 402 -61.74 19.92 40.68
C SER J 402 -60.67 20.93 40.29
N HIS J 403 -61.06 22.01 39.59
CA HIS J 403 -60.11 23.08 39.30
C HIS J 403 -59.49 23.61 40.59
N LEU J 404 -60.30 23.78 41.63
CA LEU J 404 -59.74 24.18 42.92
C LEU J 404 -58.65 23.23 43.35
N ARG J 405 -58.88 21.92 43.26
CA ARG J 405 -57.83 20.95 43.59
C ARG J 405 -56.55 21.31 42.87
N ASN J 406 -56.64 21.54 41.55
CA ASN J 406 -55.46 21.92 40.79
C ASN J 406 -54.78 23.14 41.39
N ILE J 407 -55.54 24.22 41.59
CA ILE J 407 -54.90 25.40 42.16
C ILE J 407 -54.47 25.11 43.59
N ASN J 408 -55.23 24.28 44.30
CA ASN J 408 -54.79 23.85 45.63
C ASN J 408 -53.44 23.17 45.53
N HIS J 409 -53.26 22.28 44.55
CA HIS J 409 -51.95 21.71 44.30
C HIS J 409 -50.94 22.82 44.01
N GLN J 410 -51.31 23.75 43.13
CA GLN J 410 -50.44 24.89 42.86
C GLN J 410 -50.17 25.68 44.14
N LEU J 411 -51.15 25.71 45.06
CA LEU J 411 -50.93 26.34 46.34
C LEU J 411 -49.72 25.75 47.04
N GLU J 412 -49.64 24.42 47.11
CA GLU J 412 -48.43 23.80 47.65
C GLU J 412 -47.22 24.14 46.80
N LYS J 413 -47.39 24.12 45.47
CA LYS J 413 -46.30 24.53 44.58
C LYS J 413 -45.90 25.98 44.85
N LEU J 414 -46.83 26.78 45.37
CA LEU J 414 -46.50 28.16 45.70
C LEU J 414 -45.81 28.26 47.05
N LEU J 415 -46.07 27.32 47.96
CA LEU J 415 -45.54 27.39 49.31
C LEU J 415 -44.41 26.40 49.57
N ASP J 416 -43.74 25.90 48.52
CA ASP J 416 -42.67 24.93 48.70
C ASP J 416 -41.42 25.57 49.30
N GLN J 417 -41.43 26.90 49.43
CA GLN J 417 -40.29 27.63 49.98
C GLN J 417 -39.94 27.15 51.38
N ASP K 84 -59.73 44.91 52.25
CA ASP K 84 -59.54 43.52 51.87
C ASP K 84 -60.86 42.88 51.45
N GLU K 85 -61.19 43.00 50.17
CA GLU K 85 -62.43 42.45 49.63
C GLU K 85 -62.40 40.93 49.52
N PHE K 86 -61.24 40.31 49.72
CA PHE K 86 -61.16 38.85 49.65
C PHE K 86 -62.00 38.20 50.75
N MET K 87 -61.99 38.78 51.94
CA MET K 87 -62.85 38.28 53.02
C MET K 87 -64.31 38.35 52.61
N MET K 88 -64.73 39.46 52.02
CA MET K 88 -66.11 39.62 51.60
C MET K 88 -66.48 38.62 50.51
N LEU K 89 -65.62 38.41 49.52
CA LEU K 89 -65.93 37.45 48.46
C LEU K 89 -65.99 36.03 49.01
N LEU K 90 -65.08 35.69 49.93
CA LEU K 90 -65.13 34.37 50.54
C LEU K 90 -66.41 34.18 51.33
N SER K 91 -66.82 35.19 52.10
CA SER K 91 -68.04 35.08 52.88
C SER K 91 -69.26 34.92 51.96
N LYS K 92 -69.30 35.70 50.88
CA LYS K 92 -70.47 35.64 50.01
C LYS K 92 -70.52 34.32 49.23
N VAL K 93 -69.37 33.78 48.81
CA VAL K 93 -69.42 32.47 48.14
C VAL K 93 -69.78 31.38 49.14
N GLU K 94 -69.33 31.52 50.41
CA GLU K 94 -69.72 30.53 51.41
C GLU K 94 -71.23 30.56 51.65
N LYS K 95 -71.82 31.75 51.73
CA LYS K 95 -73.28 31.84 51.87
C LYS K 95 -73.98 31.37 50.61
N LEU K 96 -73.35 31.55 49.45
CA LEU K 96 -73.92 31.12 48.19
C LEU K 96 -73.92 29.61 48.03
N SER K 97 -72.97 28.93 48.68
CA SER K 97 -72.78 27.50 48.50
C SER K 97 -74.06 26.72 48.79
N GLU K 98 -74.72 27.03 49.91
CA GLU K 98 -75.90 26.27 50.29
C GLU K 98 -76.92 26.21 49.16
N GLU K 99 -77.29 27.38 48.63
CA GLU K 99 -78.32 27.37 47.58
C GLU K 99 -77.76 26.95 46.23
N ILE K 100 -76.45 27.05 45.98
CA ILE K 100 -75.97 26.52 44.71
C ILE K 100 -76.04 25.00 44.71
N MET K 101 -75.75 24.35 45.84
CA MET K 101 -76.00 22.91 45.90
C MET K 101 -77.49 22.59 45.93
N GLU K 102 -78.31 23.47 46.52
CA GLU K 102 -79.75 23.24 46.48
C GLU K 102 -80.26 23.20 45.05
N ILE K 103 -79.84 24.17 44.22
CA ILE K 103 -80.26 24.16 42.82
C ILE K 103 -79.53 23.07 42.03
N MET K 104 -78.37 22.63 42.52
CA MET K 104 -77.68 21.48 41.93
C MET K 104 -78.49 20.22 42.08
N GLN K 105 -79.12 20.02 43.24
CA GLN K 105 -79.94 18.85 43.49
C GLN K 105 -81.40 19.05 43.12
N ASN K 106 -81.76 20.21 42.57
CA ASN K 106 -83.16 20.46 42.20
C ASN K 106 -83.64 19.48 41.13
N LEU K 107 -82.80 19.19 40.14
CA LEU K 107 -83.17 18.32 39.04
C LEU K 107 -82.35 17.04 39.07
N SER K 108 -83.04 15.93 38.76
CA SER K 108 -82.41 14.62 38.72
C SER K 108 -81.83 14.29 37.35
N SER K 109 -82.14 15.07 36.32
CA SER K 109 -81.59 14.80 34.99
C SER K 109 -80.07 14.98 34.99
N ILE K 110 -79.58 16.01 35.68
CA ILE K 110 -78.14 16.17 35.83
C ILE K 110 -77.55 15.00 36.60
N GLN K 111 -78.23 14.57 37.66
CA GLN K 111 -77.80 13.37 38.38
C GLN K 111 -77.97 12.11 37.54
N ALA K 112 -78.99 12.08 36.68
CA ALA K 112 -79.21 10.93 35.81
C ALA K 112 -78.08 10.77 34.80
N LEU K 113 -77.59 11.87 34.21
CA LEU K 113 -76.51 11.76 33.24
C LEU K 113 -75.16 11.46 33.92
N GLU K 114 -75.09 11.58 35.24
CA GLU K 114 -73.87 11.22 35.95
C GLU K 114 -73.64 9.72 35.88
N GLY K 115 -72.35 9.34 35.87
CA GLY K 115 -71.96 7.96 35.76
C GLY K 115 -71.78 7.43 34.35
N SER K 116 -72.14 8.22 33.34
CA SER K 116 -71.96 7.84 31.94
C SER K 116 -70.70 8.54 31.43
N ARG K 117 -69.68 7.75 31.11
CA ARG K 117 -68.42 8.31 30.65
C ARG K 117 -68.55 8.98 29.29
N GLU K 118 -69.60 8.65 28.52
CA GLU K 118 -69.76 9.19 27.17
C GLU K 118 -69.85 10.71 27.16
N LEU K 119 -70.29 11.33 28.25
CA LEU K 119 -70.28 12.78 28.36
C LEU K 119 -69.11 13.30 29.19
N GLU K 120 -68.67 12.52 30.18
CA GLU K 120 -67.56 12.95 31.02
C GLU K 120 -66.27 13.07 30.23
N ASN K 121 -66.00 12.13 29.31
CA ASN K 121 -64.83 12.23 28.47
C ASN K 121 -64.93 13.36 27.45
N LEU K 122 -66.14 13.64 26.96
CA LEU K 122 -66.32 14.74 26.01
C LEU K 122 -66.10 16.10 26.69
N ILE K 123 -66.68 16.30 27.87
CA ILE K 123 -66.46 17.56 28.58
C ILE K 123 -65.04 17.65 29.14
N GLY K 124 -64.39 16.51 29.35
CA GLY K 124 -62.97 16.52 29.69
C GLY K 124 -62.58 15.80 30.97
N ILE K 125 -63.37 15.94 32.05
CA ILE K 125 -62.97 15.30 33.30
C ILE K 125 -64.06 14.37 33.83
N SER K 126 -65.21 14.91 34.23
CA SER K 126 -66.28 14.14 34.85
C SER K 126 -67.42 15.07 35.20
N CYS K 127 -68.56 14.49 35.58
CA CYS K 127 -69.72 15.20 36.10
C CYS K 127 -70.00 14.63 37.50
N ALA K 128 -69.36 15.20 38.50
CA ALA K 128 -69.51 14.71 39.87
C ALA K 128 -69.17 15.83 40.84
N SER K 129 -70.17 16.30 41.59
CA SER K 129 -69.99 17.34 42.61
C SER K 129 -70.76 16.90 43.86
N HIS K 130 -70.08 16.16 44.73
CA HIS K 130 -70.67 15.71 45.99
C HIS K 130 -69.79 15.95 47.20
N PHE K 131 -68.47 16.04 47.02
CA PHE K 131 -67.55 16.37 48.09
C PHE K 131 -67.16 17.85 48.08
N LEU K 132 -67.98 18.69 47.43
CA LEU K 132 -67.63 20.10 47.27
C LEU K 132 -67.65 20.84 48.61
N LYS K 133 -68.43 20.34 49.57
CA LYS K 133 -68.43 20.93 50.91
C LYS K 133 -67.03 20.89 51.51
N ARG K 134 -66.39 19.73 51.45
CA ARG K 134 -65.04 19.60 51.96
C ARG K 134 -64.07 20.49 51.19
N GLU K 135 -64.26 20.59 49.88
CA GLU K 135 -63.40 21.46 49.08
C GLU K 135 -63.47 22.91 49.55
N MET K 136 -64.69 23.45 49.70
CA MET K 136 -64.81 24.83 50.17
C MET K 136 -64.32 25.00 51.59
N GLN K 137 -64.66 24.10 52.50
CA GLN K 137 -64.17 24.20 53.88
C GLN K 137 -62.68 23.99 54.00
N LYS K 138 -62.03 23.43 52.98
CA LYS K 138 -60.58 23.27 52.99
C LYS K 138 -59.87 24.47 52.37
N THR K 139 -60.46 25.08 51.34
CA THR K 139 -59.84 26.24 50.73
C THR K 139 -59.81 27.45 51.65
N LYS K 140 -60.66 27.47 52.69
CA LYS K 140 -60.72 28.63 53.58
C LYS K 140 -59.38 28.83 54.29
N GLU K 141 -58.88 27.79 54.94
CA GLU K 141 -57.63 27.91 55.69
C GLU K 141 -56.46 28.17 54.74
N LEU K 142 -56.48 27.54 53.57
CA LEU K 142 -55.41 27.77 52.59
C LEU K 142 -55.37 29.23 52.15
N MET K 143 -56.52 29.81 51.83
CA MET K 143 -56.53 31.20 51.38
C MET K 143 -56.19 32.15 52.52
N THR K 144 -56.65 31.86 53.74
CA THR K 144 -56.28 32.70 54.87
C THR K 144 -54.77 32.66 55.13
N LYS K 145 -54.16 31.47 55.03
CA LYS K 145 -52.72 31.36 55.19
C LYS K 145 -51.99 32.10 54.09
N VAL K 146 -52.50 32.03 52.86
CA VAL K 146 -51.89 32.77 51.75
C VAL K 146 -51.93 34.27 52.04
N ASN K 147 -53.07 34.76 52.53
CA ASN K 147 -53.18 36.16 52.89
C ASN K 147 -52.24 36.54 54.03
N LYS K 148 -52.11 35.68 55.04
CA LYS K 148 -51.19 35.98 56.15
C LYS K 148 -49.75 36.04 55.67
N GLN K 149 -49.36 35.13 54.78
CA GLN K 149 -47.99 35.10 54.26
C GLN K 149 -47.77 36.07 53.11
N LYS K 150 -48.83 36.46 52.40
CA LYS K 150 -48.74 37.34 51.24
C LYS K 150 -47.84 36.72 50.16
N LEU K 151 -48.28 35.58 49.66
CA LEU K 151 -47.56 34.88 48.59
C LEU K 151 -47.49 35.70 47.31
N PHE K 152 -48.44 36.60 47.08
CA PHE K 152 -48.43 37.42 45.87
C PHE K 152 -47.74 38.76 46.14
N ASP K 167 -32.80 28.47 13.82
CA ASP K 167 -32.83 27.07 13.42
C ASP K 167 -32.22 26.18 14.50
N SER K 168 -31.75 25.00 14.09
CA SER K 168 -31.10 24.08 15.00
C SER K 168 -29.69 24.52 15.39
N TYR K 169 -29.00 25.24 14.49
CA TYR K 169 -27.63 25.66 14.76
C TYR K 169 -27.57 26.60 15.97
N GLU K 170 -28.37 27.66 15.93
CA GLU K 170 -28.36 28.62 17.03
C GLU K 170 -28.84 28.00 18.34
N PHE K 171 -29.87 27.16 18.26
CA PHE K 171 -30.39 26.51 19.46
C PHE K 171 -29.36 25.58 20.08
N LEU K 172 -28.62 24.84 19.26
CA LEU K 172 -27.59 23.94 19.77
C LEU K 172 -26.40 24.73 20.31
N LYS K 173 -26.04 25.84 19.66
CA LYS K 173 -24.87 26.61 20.10
C LYS K 173 -25.16 27.40 21.36
N ALA K 174 -26.41 27.80 21.58
CA ALA K 174 -26.76 28.55 22.78
C ALA K 174 -26.70 27.70 24.05
N ILE K 175 -26.59 26.39 23.92
CA ILE K 175 -26.53 25.48 25.05
C ILE K 175 -25.09 25.14 25.43
N LEU K 176 -24.23 24.95 24.43
CA LEU K 176 -22.84 24.58 24.68
C LEU K 176 -22.06 25.68 25.37
N ASN K 177 -22.52 26.93 25.29
CA ASN K 177 -21.85 28.04 25.94
C ASN K 177 -22.05 27.99 27.45
#